data_7SN0
#
_entry.id   7SN0
#
_cell.length_a   85.709
_cell.length_b   104.015
_cell.length_c   223.911
_cell.angle_alpha   90
_cell.angle_beta   90
_cell.angle_gamma   90
#
_symmetry.space_group_name_H-M   'P 21 21 21'
#
loop_
_entity.id
_entity.type
_entity.pdbx_description
1 polymer 'Angiotensin-converting enzyme 2'
2 polymer 'Surface glycoprotein'
3 branched alpha-D-mannopyranose-(1-3)-[alpha-D-mannopyranose-(1-6)]beta-D-mannopyranose-(1-4)-2-acetamido-2-deoxy-beta-D-glucopyranose-(1-4)-2-acetamido-2-deoxy-beta-D-glucopyranose
4 branched beta-D-mannopyranose-(1-4)-2-acetamido-2-deoxy-beta-D-glucopyranose-(1-4)-2-acetamido-2-deoxy-beta-D-glucopyranose
5 branched beta-D-galactopyranose-(1-4)-2-acetamido-2-deoxy-beta-D-glucopyranose-(1-4)-[2-acetamido-2-deoxy-beta-D-glucopyranose-(1-2)]alpha-D-mannopyranose-(1-3)-[beta-D-galactopyranose-(1-4)-2-acetamido-2-deoxy-beta-D-glucopyranose-(1-4)-alpha-D-mannopyranose-(1-6)]beta-D-mannopyranose-(1-4)-2-acetamido-2-deoxy-beta-D-glucopyranose-(1-4)-2-acetamido-2-deoxy-beta-D-glucopyranose
6 branched beta-D-galactopyranose-(1-4)-2-acetamido-2-deoxy-beta-D-glucopyranose-(1-2)-[beta-D-galactopyranose-(1-4)-2-acetamido-2-deoxy-beta-D-glucopyranose-(1-4)]alpha-D-mannopyranose-(1-3)-[2-acetamido-2-deoxy-beta-D-glucopyranose-(1-2)-alpha-D-mannopyranose-(1-6)]beta-D-mannopyranose-(1-4)-2-acetamido-2-deoxy-beta-D-glucopyranose-(1-4)-2-acetamido-2-deoxy-beta-D-glucopyranose
7 branched 2-acetamido-2-deoxy-beta-D-glucopyranose-(1-2)-alpha-D-mannopyranose-(1-3)-[alpha-D-mannopyranose-(1-6)]beta-D-mannopyranose-(1-4)-2-acetamido-2-deoxy-beta-D-glucopyranose-(1-4)-2-acetamido-2-deoxy-beta-D-glucopyranose
8 branched 2-acetamido-2-deoxy-beta-D-glucopyranose-(1-4)-2-acetamido-2-deoxy-beta-D-glucopyranose
9 branched 2-acetamido-2-deoxy-beta-D-glucopyranose-(1-4)-alpha-D-mannopyranose-(1-3)-[alpha-D-mannopyranose-(1-6)]beta-D-mannopyranose-(1-4)-2-acetamido-2-deoxy-beta-D-glucopyranose-(1-4)-2-acetamido-2-deoxy-beta-D-glucopyranose
10 branched beta-D-galactopyranose-(1-4)-2-acetamido-2-deoxy-beta-D-glucopyranose-(1-4)-[2-acetamido-2-deoxy-beta-D-glucopyranose-(1-2)]alpha-D-mannopyranose-(1-3)-[2-acetamido-2-deoxy-beta-D-glucopyranose-(1-2)-alpha-D-mannopyranose-(1-6)]beta-D-mannopyranose-(1-4)-2-acetamido-2-deoxy-beta-D-glucopyranose-(1-4)-2-acetamido-2-deoxy-beta-D-glucopyranose
11 non-polymer 'ZINC ION'
12 non-polymer 'CHLORIDE ION'
13 non-polymer 2-acetamido-2-deoxy-beta-D-glucopyranose
#
loop_
_entity_poly.entity_id
_entity_poly.type
_entity_poly.pdbx_seq_one_letter_code
_entity_poly.pdbx_strand_id
1 'polypeptide(L)'
;MSSSSWLLLSLVAVTAAQSTIEEQAKTFLDKFNHEAEDLFYQSSLASWNYNTNITEENVQNMNNAGDKWSAFLKEQSTLA
QMYPLQEIQNLTVKLQLQALQQNGSSVLSEDKSKRLNTILNTMSTIYSTGKVCNPDNPQECLLLEPGLNEIMANSLDYNE
RLWAWESWRSEVGKQLRPLYEEYVVLKNEMARANHYEDYGDYWRGDYEVNGVDGYDYSRGQLIEDVEHTFEEIKPLYEHL
HAYVRAKLMNAYPSYISPIGCLPAHLLGDMWGRFWTNLYSLTVPFGQKPNIDVTDAMVDQAWDAQRIFKEAEKFFVSVGL
PNMTQGFWENSMLTDPGNVQKAVCHPTAWDLGKGDFRILMCTKVTMDDFLTAHHEMGHIQYDMAYAAQPFLLRNGANEGF
HEAVGEIMSLSAATPKHLKSIGLLSPDFQEDNETEINFLLKQALTIVGTLPFTYMLEKWRWMVFKGEIPKDQWMKKWWEM
KREIVGVVEPVPHDETYCDPASLFHVSNDYSFIRYYTRTLYQFQFQEALCQAAKHEGPLHKCDISNSTEAGQKLFNMLRL
GKSEPWTLALENVVGAKNMNVRPLLNYFEPLFTWLKDQNKNSFVGWSTDWSPYADHHHHHH
;
A,B
2 'polypeptide(L)'
;MGILPSPGMPALLSLVSLLSVLLMGCVAETGHHHHHHENLYFQGSGSGRVQPTESIVRFPNITNLCPFGEVFNATRFASV
YAWNRKRISNCVADYSVLYNSASFSTFKCYGVSPTKLNDLCFTNVYADSFVIRGDEVRQIAPGQTGKIADYNYKLPDDFT
GCVIAWNSNDLDSKVGGNYNYLYRLFRKSNLKPFERDISTEIYQAGSKPCNGVEGFNCHFPLKPYGFQPTYGVGYQPYRV
VVLSFELLHAPATVCGPKKSTNLVKNKCVNF
;
C,D
#
# COMPACT_ATOMS: atom_id res chain seq x y z
N SER A 19 -20.11 -7.20 0.19
CA SER A 19 -19.84 -7.74 1.52
C SER A 19 -18.38 -8.22 1.61
N THR A 20 -17.95 -9.07 0.68
CA THR A 20 -16.55 -9.53 0.67
C THR A 20 -15.73 -8.59 -0.19
N ILE A 21 -14.41 -8.58 -0.01
CA ILE A 21 -13.52 -7.75 -0.83
C ILE A 21 -13.65 -8.10 -2.32
N GLU A 22 -13.77 -9.41 -2.63
CA GLU A 22 -13.96 -9.97 -3.99
C GLU A 22 -15.22 -9.46 -4.64
N GLU A 23 -16.28 -9.37 -3.87
CA GLU A 23 -17.54 -8.88 -4.38
C GLU A 23 -17.46 -7.38 -4.62
N GLN A 24 -16.79 -6.63 -3.74
CA GLN A 24 -16.65 -5.19 -3.89
C GLN A 24 -15.76 -4.83 -5.06
N ALA A 25 -14.72 -5.62 -5.32
CA ALA A 25 -13.83 -5.40 -6.44
C ALA A 25 -14.54 -5.74 -7.77
N LYS A 26 -15.49 -6.70 -7.75
CA LYS A 26 -16.27 -7.05 -8.93
C LYS A 26 -17.13 -5.86 -9.32
N THR A 27 -17.73 -5.17 -8.33
CA THR A 27 -18.59 -4.03 -8.64
C THR A 27 -17.74 -2.81 -8.99
N PHE A 28 -16.52 -2.70 -8.45
CA PHE A 28 -15.64 -1.60 -8.81
C PHE A 28 -15.25 -1.77 -10.28
N LEU A 29 -14.89 -3.00 -10.69
CA LEU A 29 -14.54 -3.28 -12.07
C LEU A 29 -15.68 -2.99 -13.04
N ASP A 30 -16.93 -3.10 -12.61
CA ASP A 30 -18.09 -2.82 -13.44
C ASP A 30 -18.08 -1.34 -13.81
N LYS A 31 -17.99 -0.47 -12.79
CA LYS A 31 -17.94 0.97 -12.92
C LYS A 31 -16.70 1.37 -13.73
N PHE A 32 -15.59 0.68 -13.51
CA PHE A 32 -14.36 0.94 -14.23
C PHE A 32 -14.51 0.60 -15.70
N ASN A 33 -15.05 -0.57 -16.03
CA ASN A 33 -15.24 -0.97 -17.42
C ASN A 33 -16.15 -0.03 -18.18
N HIS A 34 -17.09 0.64 -17.49
N HIS A 34 -17.12 0.62 -17.49
CA HIS A 34 -18.02 1.53 -18.17
CA HIS A 34 -17.97 1.58 -18.16
C HIS A 34 -17.46 2.98 -18.36
C HIS A 34 -17.18 2.85 -18.48
N GLU A 35 -16.60 3.48 -17.47
CA GLU A 35 -15.92 4.77 -17.64
C GLU A 35 -14.73 4.64 -18.57
N ALA A 36 -13.92 3.56 -18.42
CA ALA A 36 -12.76 3.34 -19.27
C ALA A 36 -13.18 3.19 -20.72
N GLU A 37 -14.26 2.37 -21.00
CA GLU A 37 -14.75 2.16 -22.36
C GLU A 37 -15.13 3.50 -23.00
N ASP A 38 -15.77 4.39 -22.22
CA ASP A 38 -16.20 5.72 -22.65
C ASP A 38 -15.01 6.64 -22.97
N LEU A 39 -14.17 6.95 -21.96
CA LEU A 39 -13.00 7.81 -22.11
C LEU A 39 -12.09 7.32 -23.20
N PHE A 40 -11.70 6.01 -23.17
CA PHE A 40 -10.85 5.41 -24.18
C PHE A 40 -11.41 5.63 -25.57
N TYR A 41 -12.75 5.59 -25.72
CA TYR A 41 -13.38 5.85 -27.01
C TYR A 41 -13.17 7.28 -27.47
N GLN A 42 -13.53 8.28 -26.62
CA GLN A 42 -13.39 9.72 -26.91
C GLN A 42 -11.95 10.10 -27.22
N SER A 43 -11.02 9.50 -26.48
CA SER A 43 -9.61 9.74 -26.64
C SER A 43 -9.17 9.14 -27.95
N SER A 44 -9.57 7.92 -28.26
CA SER A 44 -9.23 7.25 -29.51
C SER A 44 -9.78 8.02 -30.71
N LEU A 45 -10.97 8.59 -30.56
CA LEU A 45 -11.58 9.38 -31.61
C LEU A 45 -10.76 10.65 -31.86
N ALA A 46 -10.27 11.29 -30.78
CA ALA A 46 -9.38 12.46 -30.92
C ALA A 46 -8.10 12.10 -31.66
N SER A 47 -7.52 10.90 -31.35
CA SER A 47 -6.33 10.37 -32.02
C SER A 47 -6.60 10.05 -33.47
N TRP A 48 -7.80 9.57 -33.78
CA TRP A 48 -8.17 9.26 -35.15
C TRP A 48 -8.27 10.55 -35.93
N ASN A 49 -8.94 11.55 -35.36
CA ASN A 49 -9.11 12.81 -36.04
C ASN A 49 -7.79 13.50 -36.35
N TYR A 50 -6.79 13.38 -35.46
CA TYR A 50 -5.50 14.02 -35.71
C TYR A 50 -4.70 13.23 -36.75
N ASN A 51 -4.70 11.90 -36.61
CA ASN A 51 -3.95 11.05 -37.52
C ASN A 51 -4.50 11.03 -38.95
N THR A 52 -5.76 11.37 -39.12
CA THR A 52 -6.38 11.42 -40.44
C THR A 52 -6.45 12.85 -40.98
N ASN A 53 -6.36 13.86 -40.13
CA ASN A 53 -6.51 15.25 -40.54
C ASN A 53 -5.59 16.09 -39.65
N ILE A 54 -4.31 16.15 -40.02
CA ILE A 54 -3.30 16.83 -39.23
C ILE A 54 -3.46 18.32 -39.24
N THR A 55 -4.21 18.85 -38.28
CA THR A 55 -4.40 20.30 -38.12
C THR A 55 -4.11 20.69 -36.68
N GLU A 56 -3.69 21.95 -36.47
CA GLU A 56 -3.36 22.49 -35.15
C GLU A 56 -4.49 22.33 -34.11
N GLU A 57 -5.75 22.46 -34.56
CA GLU A 57 -6.91 22.29 -33.71
C GLU A 57 -6.99 20.84 -33.24
N ASN A 58 -6.79 19.88 -34.16
CA ASN A 58 -6.82 18.44 -33.89
C ASN A 58 -5.68 17.99 -32.98
N VAL A 59 -4.52 18.67 -33.05
CA VAL A 59 -3.41 18.34 -32.15
C VAL A 59 -3.82 18.72 -30.74
N GLN A 60 -4.38 19.93 -30.58
CA GLN A 60 -4.84 20.43 -29.29
C GLN A 60 -5.86 19.49 -28.66
N ASN A 61 -6.86 19.05 -29.42
CA ASN A 61 -7.88 18.15 -28.91
C ASN A 61 -7.37 16.74 -28.62
N MET A 62 -6.34 16.30 -29.34
CA MET A 62 -5.75 14.98 -29.10
C MET A 62 -5.05 14.94 -27.74
N ASN A 63 -4.32 16.00 -27.42
CA ASN A 63 -3.59 16.12 -26.19
C ASN A 63 -4.47 16.25 -24.97
N ASN A 64 -5.54 17.06 -25.05
CA ASN A 64 -6.44 17.21 -23.92
C ASN A 64 -7.09 15.89 -23.52
N ALA A 65 -7.35 15.02 -24.51
CA ALA A 65 -7.91 13.69 -24.33
C ALA A 65 -6.88 12.77 -23.66
N GLY A 66 -5.64 12.88 -24.08
CA GLY A 66 -4.54 12.12 -23.49
C GLY A 66 -4.33 12.48 -22.04
N ASP A 67 -4.49 13.76 -21.72
CA ASP A 67 -4.36 14.26 -20.35
C ASP A 67 -5.49 13.74 -19.50
N LYS A 68 -6.73 13.78 -20.03
CA LYS A 68 -7.89 13.28 -19.30
C LYS A 68 -7.73 11.79 -19.04
N TRP A 69 -7.36 11.00 -20.06
CA TRP A 69 -7.20 9.57 -19.91
C TRP A 69 -6.14 9.23 -18.85
N SER A 70 -5.03 9.98 -18.84
CA SER A 70 -3.96 9.73 -17.87
C SER A 70 -4.46 10.04 -16.48
N ALA A 71 -5.12 11.20 -16.32
CA ALA A 71 -5.69 11.65 -15.06
C ALA A 71 -6.72 10.64 -14.54
N PHE A 72 -7.53 10.07 -15.44
CA PHE A 72 -8.53 9.07 -15.12
C PHE A 72 -7.85 7.83 -14.56
N LEU A 73 -6.87 7.29 -15.29
CA LEU A 73 -6.18 6.09 -14.84
C LEU A 73 -5.41 6.29 -13.56
N LYS A 74 -4.93 7.54 -13.30
CA LYS A 74 -4.23 7.88 -12.05
C LYS A 74 -5.22 7.65 -10.87
N GLU A 75 -6.42 8.26 -10.97
CA GLU A 75 -7.48 8.17 -9.98
C GLU A 75 -7.90 6.73 -9.79
N GLN A 76 -8.09 6.00 -10.89
CA GLN A 76 -8.52 4.62 -10.85
C GLN A 76 -7.50 3.68 -10.25
N SER A 77 -6.21 3.98 -10.42
CA SER A 77 -5.12 3.20 -9.88
C SER A 77 -5.13 3.34 -8.32
N THR A 78 -5.30 4.57 -7.82
CA THR A 78 -5.39 4.88 -6.37
C THR A 78 -6.57 4.16 -5.72
N LEU A 79 -7.68 4.02 -6.45
CA LEU A 79 -8.88 3.34 -5.97
C LEU A 79 -8.71 1.83 -6.03
N ALA A 80 -8.10 1.31 -7.09
CA ALA A 80 -7.84 -0.12 -7.24
C ALA A 80 -6.94 -0.60 -6.10
N GLN A 81 -5.91 0.21 -5.75
CA GLN A 81 -4.96 -0.01 -4.66
C GLN A 81 -5.67 -0.42 -3.36
N MET A 82 -6.84 0.19 -3.13
CA MET A 82 -7.68 0.00 -1.96
C MET A 82 -8.39 -1.36 -1.88
N TYR A 83 -8.08 -2.28 -2.80
CA TYR A 83 -8.67 -3.61 -2.76
C TYR A 83 -7.51 -4.57 -2.60
N PRO A 84 -7.32 -5.11 -1.36
CA PRO A 84 -6.21 -6.06 -1.13
C PRO A 84 -6.27 -7.33 -2.00
N LEU A 85 -5.33 -7.46 -2.97
CA LEU A 85 -5.28 -8.60 -3.90
C LEU A 85 -5.35 -9.95 -3.19
N GLN A 86 -4.69 -10.05 -2.04
CA GLN A 86 -4.64 -11.25 -1.21
C GLN A 86 -6.04 -11.77 -0.88
N GLU A 87 -7.02 -10.86 -0.70
CA GLU A 87 -8.40 -11.22 -0.37
C GLU A 87 -9.21 -11.78 -1.55
N ILE A 88 -8.70 -11.69 -2.78
CA ILE A 88 -9.44 -12.23 -3.92
C ILE A 88 -8.96 -13.61 -4.31
N GLN A 89 -9.92 -14.51 -4.52
CA GLN A 89 -9.69 -15.86 -4.97
C GLN A 89 -9.87 -15.93 -6.48
N ASN A 90 -10.88 -15.21 -7.03
CA ASN A 90 -11.16 -15.15 -8.47
C ASN A 90 -9.97 -14.59 -9.25
N LEU A 91 -9.40 -15.43 -10.13
CA LEU A 91 -8.22 -15.11 -10.92
C LEU A 91 -8.41 -14.01 -11.96
N THR A 92 -9.48 -14.07 -12.79
CA THR A 92 -9.76 -13.06 -13.83
C THR A 92 -10.08 -11.66 -13.26
N VAL A 93 -10.53 -11.62 -12.00
CA VAL A 93 -10.80 -10.39 -11.26
C VAL A 93 -9.49 -9.91 -10.63
N LYS A 94 -8.74 -10.83 -10.01
CA LYS A 94 -7.47 -10.55 -9.36
C LYS A 94 -6.45 -10.01 -10.37
N LEU A 95 -6.43 -10.57 -11.56
CA LEU A 95 -5.51 -10.15 -12.61
C LEU A 95 -5.92 -8.79 -13.20
N GLN A 96 -7.21 -8.57 -13.33
CA GLN A 96 -7.75 -7.30 -13.80
C GLN A 96 -7.43 -6.20 -12.80
N LEU A 97 -7.56 -6.50 -11.50
CA LEU A 97 -7.25 -5.53 -10.46
C LEU A 97 -5.75 -5.21 -10.45
N GLN A 98 -4.92 -6.25 -10.60
CA GLN A 98 -3.47 -6.13 -10.63
C GLN A 98 -3.05 -5.19 -11.76
N ALA A 99 -3.63 -5.38 -12.95
CA ALA A 99 -3.35 -4.55 -14.12
C ALA A 99 -3.51 -3.06 -13.83
N LEU A 100 -4.51 -2.71 -13.06
CA LEU A 100 -4.80 -1.34 -12.69
C LEU A 100 -3.83 -0.80 -11.60
N GLN A 101 -3.60 -1.59 -10.55
CA GLN A 101 -2.78 -1.24 -9.39
C GLN A 101 -1.35 -0.73 -9.63
N GLN A 102 -0.73 -1.05 -10.78
CA GLN A 102 0.64 -0.61 -11.04
C GLN A 102 0.70 0.92 -11.24
N ASN A 103 1.30 1.59 -10.25
CA ASN A 103 1.55 3.03 -10.18
C ASN A 103 2.67 3.47 -11.15
N GLY A 104 3.58 2.54 -11.41
CA GLY A 104 4.73 2.73 -12.27
C GLY A 104 5.67 3.74 -11.68
N SER A 105 5.66 4.92 -12.26
CA SER A 105 6.51 6.06 -11.94
C SER A 105 6.31 6.66 -10.54
N SER A 106 5.07 6.68 -10.03
CA SER A 106 4.82 7.32 -8.75
C SER A 106 5.40 6.55 -7.53
N VAL A 107 5.98 5.35 -7.74
CA VAL A 107 6.69 4.65 -6.66
C VAL A 107 7.95 5.46 -6.16
N LEU A 108 8.43 6.40 -6.99
CA LEU A 108 9.55 7.29 -6.71
C LEU A 108 9.02 8.62 -6.15
N SER A 109 9.95 9.45 -5.63
CA SER A 109 9.70 10.79 -5.11
C SER A 109 9.16 11.70 -6.24
N GLU A 110 8.53 12.83 -5.89
CA GLU A 110 8.02 13.78 -6.87
C GLU A 110 9.15 14.24 -7.85
N ASP A 111 10.28 14.71 -7.27
CA ASP A 111 11.44 15.22 -8.00
C ASP A 111 12.17 14.10 -8.73
N LYS A 112 12.15 12.87 -8.18
CA LYS A 112 12.81 11.74 -8.80
C LYS A 112 12.01 11.27 -10.01
N SER A 113 10.68 11.30 -9.92
CA SER A 113 9.78 10.97 -11.01
C SER A 113 9.82 12.05 -12.10
N LYS A 114 9.98 13.32 -11.68
CA LYS A 114 10.10 14.45 -12.58
C LYS A 114 11.39 14.33 -13.39
N ARG A 115 12.49 13.91 -12.72
CA ARG A 115 13.76 13.72 -13.39
C ARG A 115 13.67 12.57 -14.35
N LEU A 116 13.02 11.46 -13.96
CA LEU A 116 12.88 10.32 -14.85
C LEU A 116 12.16 10.69 -16.12
N ASN A 117 11.01 11.36 -15.98
CA ASN A 117 10.22 11.81 -17.12
C ASN A 117 11.03 12.76 -18.01
N THR A 118 11.90 13.60 -17.39
CA THR A 118 12.79 14.54 -18.07
C THR A 118 13.81 13.80 -18.95
N ILE A 119 14.54 12.81 -18.36
CA ILE A 119 15.54 12.03 -19.08
C ILE A 119 14.88 11.27 -20.19
N LEU A 120 13.76 10.60 -19.89
CA LEU A 120 12.99 9.85 -20.89
C LEU A 120 12.60 10.74 -22.07
N ASN A 121 12.18 11.97 -21.77
CA ASN A 121 11.78 12.91 -22.81
C ASN A 121 12.96 13.32 -23.66
N THR A 122 14.04 13.66 -23.00
CA THR A 122 15.24 14.12 -23.63
C THR A 122 15.83 13.10 -24.58
N MET A 123 16.13 11.85 -24.14
CA MET A 123 16.74 10.88 -25.08
C MET A 123 15.83 10.56 -26.26
N SER A 124 14.50 10.67 -26.08
CA SER A 124 13.53 10.49 -27.15
C SER A 124 13.77 11.61 -28.17
N THR A 125 13.76 12.87 -27.72
CA THR A 125 14.03 14.09 -28.50
C THR A 125 15.37 14.05 -29.22
N ILE A 126 16.44 13.63 -28.54
CA ILE A 126 17.76 13.54 -29.16
C ILE A 126 17.74 12.51 -30.29
N TYR A 127 16.98 11.42 -30.13
CA TYR A 127 16.93 10.41 -31.17
C TYR A 127 16.19 10.96 -32.38
N SER A 128 14.99 11.49 -32.17
CA SER A 128 14.15 12.00 -33.26
C SER A 128 14.61 13.31 -33.88
N THR A 129 15.49 14.08 -33.22
CA THR A 129 15.90 15.38 -33.73
C THR A 129 17.41 15.59 -33.90
N GLY A 130 18.20 14.59 -33.53
CA GLY A 130 19.65 14.66 -33.63
C GLY A 130 20.11 14.44 -35.06
N LYS A 131 20.76 15.47 -35.64
CA LYS A 131 21.27 15.44 -37.00
C LYS A 131 22.79 15.44 -37.00
N VAL A 132 23.41 14.94 -38.07
CA VAL A 132 24.87 14.92 -38.18
C VAL A 132 25.31 15.76 -39.37
N CYS A 133 26.02 16.86 -39.10
CA CYS A 133 26.48 17.76 -40.16
C CYS A 133 27.80 17.33 -40.70
N ASN A 134 27.99 17.60 -41.99
CA ASN A 134 29.29 17.45 -42.62
C ASN A 134 29.93 18.83 -42.33
N PRO A 135 31.02 18.90 -41.54
CA PRO A 135 31.59 20.21 -41.20
C PRO A 135 31.91 21.08 -42.41
N ASP A 136 32.17 20.44 -43.58
CA ASP A 136 32.45 21.11 -44.86
C ASP A 136 31.29 22.07 -45.19
N ASN A 137 30.04 21.57 -44.99
CA ASN A 137 28.88 22.43 -45.12
C ASN A 137 28.14 22.42 -43.78
N PRO A 138 28.33 23.49 -42.97
CA PRO A 138 27.68 23.55 -41.66
C PRO A 138 26.15 23.68 -41.73
N GLN A 139 25.64 24.29 -42.81
CA GLN A 139 24.21 24.44 -43.02
C GLN A 139 23.53 23.08 -43.31
N GLU A 140 24.22 22.20 -44.06
CA GLU A 140 23.66 20.89 -44.37
C GLU A 140 24.14 19.84 -43.39
N CYS A 141 23.16 19.11 -42.82
CA CYS A 141 23.19 18.02 -41.83
C CYS A 141 22.20 16.95 -42.23
N LEU A 142 22.45 15.71 -41.86
CA LEU A 142 21.54 14.60 -42.15
C LEU A 142 20.85 14.07 -40.90
N LEU A 143 19.53 13.96 -40.95
CA LEU A 143 18.79 13.40 -39.84
C LEU A 143 18.67 11.88 -40.08
N LEU A 144 18.51 11.06 -39.01
CA LEU A 144 18.41 9.60 -39.18
C LEU A 144 17.32 9.20 -40.16
N GLU A 145 16.17 9.83 -40.07
CA GLU A 145 15.09 9.60 -41.00
C GLU A 145 14.78 10.91 -41.74
N PRO A 146 14.94 10.93 -43.08
CA PRO A 146 15.29 9.80 -43.95
C PRO A 146 16.79 9.67 -44.28
N GLY A 147 17.51 10.80 -44.20
CA GLY A 147 18.91 10.97 -44.54
C GLY A 147 19.84 9.81 -44.30
N LEU A 148 20.10 9.52 -43.04
CA LEU A 148 21.04 8.47 -42.67
C LEU A 148 20.54 7.07 -43.00
N ASN A 149 19.26 6.81 -42.74
CA ASN A 149 18.63 5.54 -43.00
C ASN A 149 18.69 5.13 -44.46
N GLU A 150 18.63 6.12 -45.35
CA GLU A 150 18.69 5.90 -46.78
C GLU A 150 20.07 5.39 -47.14
N ILE A 151 21.14 6.04 -46.62
CA ILE A 151 22.50 5.64 -46.87
C ILE A 151 22.73 4.20 -46.45
N MET A 152 22.30 3.86 -45.22
CA MET A 152 22.50 2.53 -44.68
C MET A 152 21.72 1.44 -45.39
N ALA A 153 20.67 1.79 -46.13
CA ALA A 153 19.90 0.80 -46.85
C ALA A 153 20.17 0.78 -48.34
N ASN A 154 20.82 1.81 -48.90
CA ASN A 154 21.00 1.91 -50.36
C ASN A 154 22.44 2.08 -50.82
N SER A 155 23.26 2.68 -49.97
CA SER A 155 24.64 2.88 -50.31
C SER A 155 25.44 1.59 -50.42
N LEU A 156 26.17 1.49 -51.51
CA LEU A 156 27.10 0.40 -51.72
C LEU A 156 28.54 0.86 -51.41
N ASP A 157 28.80 2.20 -51.29
CA ASP A 157 30.12 2.75 -50.98
C ASP A 157 30.49 2.49 -49.51
N TYR A 158 31.51 1.63 -49.32
CA TYR A 158 32.06 1.20 -48.04
C TYR A 158 32.33 2.38 -47.11
N ASN A 159 32.97 3.44 -47.65
CA ASN A 159 33.31 4.61 -46.88
C ASN A 159 32.09 5.44 -46.48
N GLU A 160 31.11 5.57 -47.39
CA GLU A 160 29.89 6.33 -47.10
C GLU A 160 29.13 5.71 -45.95
N ARG A 161 28.99 4.36 -46.00
CA ARG A 161 28.30 3.59 -44.98
C ARG A 161 29.02 3.68 -43.65
N LEU A 162 30.36 3.67 -43.68
CA LEU A 162 31.14 3.75 -42.45
C LEU A 162 30.97 5.13 -41.84
N TRP A 163 31.00 6.20 -42.69
CA TRP A 163 30.79 7.58 -42.22
C TRP A 163 29.44 7.72 -41.54
N ALA A 164 28.39 7.15 -42.15
CA ALA A 164 27.06 7.27 -41.59
C ALA A 164 26.87 6.43 -40.34
N TRP A 165 27.51 5.27 -40.27
CA TRP A 165 27.42 4.40 -39.10
C TRP A 165 28.14 5.05 -37.91
N GLU A 166 29.36 5.52 -38.14
CA GLU A 166 30.23 6.07 -37.12
C GLU A 166 29.80 7.45 -36.69
N SER A 167 29.49 8.35 -37.62
CA SER A 167 29.08 9.70 -37.24
C SER A 167 27.71 9.76 -36.54
N TRP A 168 26.86 8.73 -36.73
CA TRP A 168 25.58 8.68 -36.00
C TRP A 168 25.87 8.33 -34.52
N ARG A 169 26.71 7.33 -34.30
CA ARG A 169 27.10 6.91 -32.98
C ARG A 169 27.96 7.92 -32.27
N SER A 170 28.81 8.63 -33.00
CA SER A 170 29.76 9.57 -32.39
C SER A 170 29.10 10.87 -31.98
N GLU A 171 28.18 11.35 -32.81
CA GLU A 171 27.52 12.62 -32.53
C GLU A 171 26.31 12.44 -31.68
N VAL A 172 25.39 11.55 -32.08
CA VAL A 172 24.18 11.32 -31.32
C VAL A 172 24.37 10.26 -30.20
N GLY A 173 24.91 9.09 -30.55
CA GLY A 173 25.18 7.98 -29.63
C GLY A 173 26.10 8.30 -28.46
N LYS A 174 26.70 9.47 -28.45
CA LYS A 174 27.53 9.94 -27.36
C LYS A 174 26.78 10.89 -26.43
N GLN A 175 25.74 11.60 -26.93
CA GLN A 175 24.92 12.50 -26.12
C GLN A 175 23.94 11.73 -25.22
N LEU A 176 23.53 10.53 -25.68
CA LEU A 176 22.61 9.61 -25.02
C LEU A 176 23.28 8.87 -23.86
N ARG A 177 24.61 8.64 -23.94
CA ARG A 177 25.37 7.90 -22.92
C ARG A 177 25.14 8.35 -21.45
N PRO A 178 25.25 9.65 -21.06
CA PRO A 178 25.01 10.01 -19.66
C PRO A 178 23.54 9.97 -19.28
N LEU A 179 22.64 10.18 -20.25
CA LEU A 179 21.22 10.06 -19.99
C LEU A 179 20.86 8.60 -19.69
N TYR A 180 21.43 7.66 -20.45
CA TYR A 180 21.15 6.26 -20.26
C TYR A 180 21.57 5.78 -18.90
N GLU A 181 22.73 6.23 -18.41
CA GLU A 181 23.21 5.84 -17.10
C GLU A 181 22.23 6.19 -15.99
N GLU A 182 21.67 7.41 -16.05
CA GLU A 182 20.69 7.88 -15.09
C GLU A 182 19.38 7.13 -15.26
N TYR A 183 18.98 6.84 -16.52
CA TYR A 183 17.76 6.11 -16.85
C TYR A 183 17.84 4.70 -16.23
N VAL A 184 19.01 4.04 -16.31
CA VAL A 184 19.16 2.68 -15.80
C VAL A 184 19.01 2.66 -14.30
N VAL A 185 19.68 3.58 -13.63
CA VAL A 185 19.61 3.65 -12.17
C VAL A 185 18.21 4.02 -11.64
N LEU A 186 17.45 4.86 -12.37
CA LEU A 186 16.10 5.25 -11.97
C LEU A 186 15.08 4.19 -12.26
N LYS A 187 15.21 3.50 -13.39
CA LYS A 187 14.30 2.42 -13.73
C LYS A 187 14.46 1.28 -12.74
N ASN A 188 15.72 0.95 -12.40
CA ASN A 188 16.00 -0.09 -11.41
C ASN A 188 15.38 0.21 -10.04
N GLU A 189 15.48 1.47 -9.57
CA GLU A 189 14.90 1.90 -8.28
C GLU A 189 13.38 1.82 -8.30
N MET A 190 12.77 2.08 -9.45
CA MET A 190 11.35 1.99 -9.60
C MET A 190 10.95 0.51 -9.56
N ALA A 191 11.67 -0.35 -10.31
CA ALA A 191 11.38 -1.77 -10.35
C ALA A 191 11.54 -2.44 -8.99
N ARG A 192 12.54 -2.00 -8.20
CA ARG A 192 12.80 -2.53 -6.86
C ARG A 192 11.60 -2.27 -5.96
N ALA A 193 11.01 -1.07 -6.09
CA ALA A 193 9.84 -0.74 -5.30
C ALA A 193 8.64 -1.56 -5.72
N ASN A 194 8.52 -1.92 -7.01
CA ASN A 194 7.42 -2.81 -7.46
C ASN A 194 7.65 -4.31 -7.13
N HIS A 195 8.75 -4.60 -6.38
CA HIS A 195 9.20 -5.88 -5.85
C HIS A 195 9.77 -6.83 -6.90
N TYR A 196 10.30 -6.25 -7.99
CA TYR A 196 11.07 -6.91 -9.05
C TYR A 196 12.56 -6.68 -8.69
N GLU A 197 13.47 -7.53 -9.17
CA GLU A 197 14.88 -7.37 -8.83
C GLU A 197 15.50 -6.21 -9.61
N ASP A 198 15.19 -6.16 -10.89
CA ASP A 198 15.72 -5.14 -11.79
C ASP A 198 14.64 -4.76 -12.82
N TYR A 199 14.86 -3.68 -13.58
CA TYR A 199 13.93 -3.24 -14.61
C TYR A 199 13.73 -4.27 -15.77
N GLY A 200 14.70 -5.17 -15.94
CA GLY A 200 14.63 -6.24 -16.92
C GLY A 200 13.67 -7.30 -16.43
N ASP A 201 13.74 -7.63 -15.12
CA ASP A 201 12.82 -8.56 -14.47
C ASP A 201 11.38 -8.05 -14.60
N TYR A 202 11.21 -6.73 -14.51
CA TYR A 202 9.95 -6.03 -14.67
C TYR A 202 9.41 -6.27 -16.09
N TRP A 203 10.28 -6.09 -17.10
CA TRP A 203 9.91 -6.31 -18.49
C TRP A 203 9.51 -7.75 -18.73
N ARG A 204 10.25 -8.69 -18.13
CA ARG A 204 9.92 -10.12 -18.23
C ARG A 204 8.59 -10.50 -17.56
N GLY A 205 8.10 -9.64 -16.67
CA GLY A 205 6.83 -9.80 -15.96
C GLY A 205 5.64 -9.97 -16.87
N ASP A 206 5.77 -9.49 -18.14
CA ASP A 206 4.71 -9.63 -19.13
C ASP A 206 4.38 -11.11 -19.38
N TYR A 207 5.41 -11.95 -19.50
CA TYR A 207 5.28 -13.39 -19.76
C TYR A 207 4.90 -14.23 -18.52
N GLU A 208 5.11 -13.67 -17.34
CA GLU A 208 4.81 -14.32 -16.08
C GLU A 208 3.33 -14.70 -15.94
N VAL A 209 3.08 -15.95 -15.49
CA VAL A 209 1.75 -16.52 -15.24
C VAL A 209 1.77 -17.23 -13.88
N ASN A 210 0.85 -16.88 -12.98
CA ASN A 210 0.81 -17.50 -11.65
C ASN A 210 -0.61 -17.83 -11.29
N GLY A 211 -0.78 -18.86 -10.47
CA GLY A 211 -2.10 -19.29 -10.03
C GLY A 211 -2.59 -20.51 -10.76
N VAL A 212 -2.57 -20.47 -12.09
CA VAL A 212 -3.04 -21.59 -12.89
C VAL A 212 -2.04 -22.73 -12.91
N ASP A 213 -2.29 -23.79 -12.14
CA ASP A 213 -1.39 -24.94 -12.10
C ASP A 213 -1.32 -25.62 -13.47
N GLY A 214 -0.09 -25.92 -13.89
CA GLY A 214 0.15 -26.53 -15.18
C GLY A 214 0.47 -25.50 -16.26
N TYR A 215 -0.06 -24.29 -16.11
CA TYR A 215 0.17 -23.21 -17.06
C TYR A 215 1.00 -22.06 -16.50
N ASP A 216 1.52 -22.20 -15.27
CA ASP A 216 2.37 -21.21 -14.62
C ASP A 216 3.61 -20.93 -15.46
N TYR A 217 4.10 -19.71 -15.41
CA TYR A 217 5.31 -19.31 -16.11
C TYR A 217 6.05 -18.26 -15.27
N SER A 218 7.35 -18.48 -15.00
CA SER A 218 8.11 -17.53 -14.20
C SER A 218 8.94 -16.56 -15.05
N ARG A 219 9.23 -15.38 -14.51
CA ARG A 219 10.04 -14.40 -15.22
C ARG A 219 11.47 -14.91 -15.54
N GLY A 220 11.95 -15.86 -14.73
CA GLY A 220 13.25 -16.48 -14.90
C GLY A 220 13.22 -17.51 -16.01
N GLN A 221 12.11 -18.26 -16.13
CA GLN A 221 11.93 -19.29 -17.15
C GLN A 221 12.12 -18.75 -18.52
N LEU A 222 11.61 -17.53 -18.77
CA LEU A 222 11.77 -16.86 -20.07
C LEU A 222 13.21 -16.82 -20.58
N ILE A 223 14.17 -16.46 -19.73
CA ILE A 223 15.57 -16.42 -20.11
C ILE A 223 16.08 -17.81 -20.49
N GLU A 224 15.70 -18.85 -19.70
CA GLU A 224 16.11 -20.22 -19.98
C GLU A 224 15.55 -20.65 -21.34
N ASP A 225 14.26 -20.35 -21.58
CA ASP A 225 13.59 -20.72 -22.82
C ASP A 225 14.09 -19.99 -24.05
N VAL A 226 14.49 -18.73 -23.92
CA VAL A 226 15.03 -17.98 -25.05
C VAL A 226 16.43 -18.52 -25.39
N GLU A 227 17.23 -18.85 -24.35
CA GLU A 227 18.57 -19.38 -24.51
C GLU A 227 18.61 -20.80 -25.09
N HIS A 228 17.66 -21.64 -24.69
CA HIS A 228 17.61 -23.01 -25.20
CA HIS A 228 17.60 -23.01 -25.20
C HIS A 228 17.18 -22.99 -26.67
N THR A 229 16.12 -22.25 -27.00
CA THR A 229 15.65 -22.14 -28.38
C THR A 229 16.74 -21.52 -29.26
N PHE A 230 17.46 -20.51 -28.74
CA PHE A 230 18.54 -19.86 -29.46
C PHE A 230 19.65 -20.80 -29.88
N GLU A 231 20.08 -21.71 -28.99
CA GLU A 231 21.12 -22.70 -29.34
C GLU A 231 20.71 -23.60 -30.53
N GLU A 232 19.40 -23.79 -30.73
CA GLU A 232 18.87 -24.58 -31.84
C GLU A 232 18.89 -23.77 -33.17
N ILE A 233 18.84 -22.44 -33.06
CA ILE A 233 18.93 -21.52 -34.20
C ILE A 233 20.41 -21.41 -34.64
N LYS A 234 21.36 -21.52 -33.70
CA LYS A 234 22.77 -21.38 -33.97
C LYS A 234 23.26 -22.14 -35.23
N PRO A 235 22.87 -23.42 -35.51
CA PRO A 235 23.37 -24.07 -36.75
C PRO A 235 22.88 -23.39 -38.04
N LEU A 236 21.60 -23.07 -38.13
CA LEU A 236 21.06 -22.41 -39.33
C LEU A 236 21.65 -21.03 -39.46
N TYR A 237 21.72 -20.28 -38.36
CA TYR A 237 22.24 -18.93 -38.40
C TYR A 237 23.71 -18.92 -38.79
N GLU A 238 24.50 -19.86 -38.26
CA GLU A 238 25.92 -19.93 -38.60
C GLU A 238 26.11 -20.14 -40.09
N HIS A 239 25.27 -21.02 -40.69
CA HIS A 239 25.28 -21.29 -42.12
C HIS A 239 24.79 -20.09 -42.94
N LEU A 240 23.85 -19.34 -42.41
CA LEU A 240 23.36 -18.16 -43.05
C LEU A 240 24.45 -17.07 -43.08
N HIS A 241 25.03 -16.72 -41.90
CA HIS A 241 26.10 -15.75 -41.67
C HIS A 241 27.30 -16.05 -42.60
N ALA A 242 27.73 -17.33 -42.65
CA ALA A 242 28.84 -17.76 -43.49
C ALA A 242 28.58 -17.58 -44.96
N TYR A 243 27.32 -17.77 -45.36
CA TYR A 243 26.92 -17.62 -46.75
C TYR A 243 27.03 -16.13 -47.12
N VAL A 244 26.46 -15.27 -46.27
CA VAL A 244 26.43 -13.84 -46.45
C VAL A 244 27.83 -13.26 -46.47
N ARG A 245 28.69 -13.72 -45.56
CA ARG A 245 30.09 -13.32 -45.47
C ARG A 245 30.85 -13.68 -46.76
N ALA A 246 30.50 -14.79 -47.39
CA ALA A 246 31.09 -15.19 -48.65
C ALA A 246 30.65 -14.21 -49.75
N LYS A 247 29.33 -13.90 -49.87
CA LYS A 247 28.86 -12.95 -50.87
C LYS A 247 29.44 -11.55 -50.71
N LEU A 248 29.44 -11.04 -49.47
CA LEU A 248 30.00 -9.73 -49.11
C LEU A 248 31.52 -9.67 -49.39
N MET A 249 32.22 -10.76 -49.10
CA MET A 249 33.66 -10.87 -49.33
C MET A 249 34.02 -10.73 -50.80
N ASN A 250 33.12 -11.14 -51.70
CA ASN A 250 33.37 -11.05 -53.11
C ASN A 250 33.25 -9.58 -53.51
N ALA A 251 32.16 -8.92 -53.06
CA ALA A 251 31.89 -7.50 -53.32
C ALA A 251 32.96 -6.54 -52.77
N TYR A 252 33.32 -6.65 -51.49
CA TYR A 252 34.35 -5.81 -50.88
C TYR A 252 35.41 -6.81 -50.51
N PRO A 253 36.38 -7.05 -51.39
CA PRO A 253 37.35 -8.13 -51.13
C PRO A 253 38.40 -7.81 -50.08
N SER A 254 38.88 -6.60 -50.13
CA SER A 254 39.93 -6.14 -49.26
C SER A 254 39.40 -5.50 -47.98
N TYR A 255 38.24 -5.93 -47.50
CA TYR A 255 37.65 -5.38 -46.29
C TYR A 255 37.07 -6.45 -45.35
N ILE A 256 36.79 -7.66 -45.87
CA ILE A 256 36.19 -8.73 -45.10
C ILE A 256 37.11 -9.95 -45.00
N SER A 257 37.21 -10.55 -43.80
CA SER A 257 38.00 -11.75 -43.59
C SER A 257 37.17 -13.00 -43.74
N PRO A 258 37.69 -14.00 -44.45
CA PRO A 258 36.93 -15.25 -44.63
C PRO A 258 36.63 -16.06 -43.38
N ILE A 259 37.32 -15.76 -42.27
CA ILE A 259 37.10 -16.45 -41.01
C ILE A 259 36.65 -15.52 -39.88
N GLY A 260 36.55 -14.21 -40.11
CA GLY A 260 36.15 -13.26 -39.10
C GLY A 260 34.68 -12.88 -39.06
N CYS A 261 34.36 -11.83 -38.28
CA CYS A 261 33.00 -11.28 -38.14
C CYS A 261 32.64 -10.40 -39.35
N LEU A 262 31.35 -10.01 -39.45
CA LEU A 262 30.89 -9.12 -40.51
C LEU A 262 30.89 -7.68 -40.00
N PRO A 263 31.55 -6.73 -40.68
CA PRO A 263 31.56 -5.35 -40.19
C PRO A 263 30.16 -4.77 -40.06
N ALA A 264 29.88 -4.22 -38.89
CA ALA A 264 28.60 -3.63 -38.54
C ALA A 264 28.02 -2.64 -39.58
N HIS A 265 28.87 -1.85 -40.22
CA HIS A 265 28.41 -0.86 -41.21
C HIS A 265 28.04 -1.46 -42.58
N LEU A 266 28.24 -2.77 -42.77
CA LEU A 266 27.96 -3.42 -44.04
C LEU A 266 26.81 -4.43 -43.93
N LEU A 267 25.76 -4.09 -43.13
CA LEU A 267 24.69 -5.06 -42.91
C LEU A 267 23.26 -4.67 -43.39
N GLY A 268 23.16 -3.68 -44.26
CA GLY A 268 21.87 -3.31 -44.82
C GLY A 268 21.05 -2.27 -44.10
N ASP A 269 21.31 -2.06 -42.81
CA ASP A 269 20.60 -1.01 -42.07
C ASP A 269 21.51 -0.41 -41.00
N MET A 270 21.14 0.76 -40.45
CA MET A 270 21.93 1.51 -39.45
C MET A 270 22.54 0.65 -38.32
N TRP A 271 21.83 -0.41 -37.88
CA TRP A 271 22.35 -1.26 -36.79
C TRP A 271 22.50 -2.70 -37.15
N GLY A 272 22.13 -3.10 -38.36
CA GLY A 272 22.13 -4.48 -38.79
C GLY A 272 21.05 -5.32 -38.10
N ARG A 273 19.95 -4.66 -37.60
CA ARG A 273 18.77 -5.24 -36.97
C ARG A 273 18.25 -6.37 -37.87
N PHE A 274 18.09 -6.07 -39.20
CA PHE A 274 17.77 -7.07 -40.22
C PHE A 274 18.52 -6.85 -41.56
N TRP A 275 19.01 -7.97 -42.06
CA TRP A 275 19.83 -8.14 -43.25
C TRP A 275 19.06 -8.21 -44.55
N THR A 276 17.82 -7.74 -44.55
CA THR A 276 16.98 -7.76 -45.75
C THR A 276 17.58 -6.96 -46.92
N ASN A 277 18.18 -5.80 -46.64
CA ASN A 277 18.78 -4.99 -47.71
C ASN A 277 20.03 -5.61 -48.34
N LEU A 278 20.64 -6.62 -47.68
CA LEU A 278 21.79 -7.33 -48.25
C LEU A 278 21.41 -8.23 -49.42
N TYR A 279 20.11 -8.50 -49.64
CA TYR A 279 19.59 -9.34 -50.73
C TYR A 279 20.17 -9.02 -52.07
N SER A 280 20.28 -7.71 -52.38
CA SER A 280 20.90 -7.19 -53.61
C SER A 280 22.27 -7.84 -53.88
N LEU A 281 23.07 -8.02 -52.83
CA LEU A 281 24.40 -8.59 -52.93
C LEU A 281 24.50 -10.05 -52.56
N THR A 282 23.42 -10.71 -52.15
CA THR A 282 23.49 -12.11 -51.72
C THR A 282 22.54 -13.06 -52.46
N VAL A 283 21.69 -12.53 -53.35
CA VAL A 283 20.70 -13.32 -54.11
C VAL A 283 21.34 -14.54 -54.78
N PRO A 284 20.81 -15.75 -54.50
CA PRO A 284 21.36 -16.94 -55.14
C PRO A 284 21.14 -16.93 -56.65
N PHE A 285 19.89 -16.73 -57.12
CA PHE A 285 19.59 -16.77 -58.55
C PHE A 285 19.17 -15.41 -59.11
N GLY A 286 20.17 -14.67 -59.57
CA GLY A 286 19.99 -13.33 -60.11
C GLY A 286 19.31 -13.20 -61.46
N GLN A 287 19.35 -14.26 -62.28
CA GLN A 287 18.65 -14.21 -63.58
C GLN A 287 17.14 -14.48 -63.43
N LYS A 288 16.76 -15.27 -62.41
CA LYS A 288 15.35 -15.59 -62.20
C LYS A 288 14.60 -14.38 -61.65
N PRO A 289 13.46 -14.04 -62.28
CA PRO A 289 12.67 -12.88 -61.81
C PRO A 289 11.96 -13.07 -60.45
N ASN A 290 11.22 -12.05 -59.98
CA ASN A 290 10.44 -12.17 -58.74
C ASN A 290 8.90 -12.20 -58.99
N ILE A 291 8.13 -12.68 -58.00
CA ILE A 291 6.67 -12.70 -58.11
C ILE A 291 6.16 -11.40 -57.53
N ASP A 292 5.75 -10.50 -58.42
CA ASP A 292 5.23 -9.21 -57.98
C ASP A 292 3.98 -8.94 -58.76
N VAL A 293 2.85 -9.29 -58.16
CA VAL A 293 1.56 -9.12 -58.80
C VAL A 293 1.11 -7.67 -58.93
N THR A 294 1.99 -6.69 -58.63
CA THR A 294 1.65 -5.28 -58.74
C THR A 294 1.04 -4.92 -60.10
N ASP A 295 1.72 -5.34 -61.18
CA ASP A 295 1.31 -5.08 -62.56
C ASP A 295 -0.02 -5.74 -62.87
N ALA A 296 -0.24 -6.96 -62.38
CA ALA A 296 -1.47 -7.69 -62.61
C ALA A 296 -2.67 -6.97 -61.99
N MET A 297 -2.47 -6.35 -60.82
CA MET A 297 -3.52 -5.59 -60.16
C MET A 297 -3.84 -4.34 -61.00
N VAL A 298 -2.81 -3.67 -61.51
CA VAL A 298 -2.99 -2.48 -62.32
C VAL A 298 -3.65 -2.82 -63.68
N ASP A 299 -3.32 -3.98 -64.25
CA ASP A 299 -3.93 -4.47 -65.49
C ASP A 299 -5.38 -4.92 -65.28
N GLN A 300 -5.71 -5.44 -64.09
CA GLN A 300 -7.07 -5.84 -63.79
C GLN A 300 -7.92 -4.70 -63.17
N ALA A 301 -7.40 -3.45 -63.16
CA ALA A 301 -8.03 -2.26 -62.63
C ALA A 301 -8.43 -2.38 -61.17
N TRP A 302 -7.49 -2.81 -60.35
CA TRP A 302 -7.72 -2.95 -58.91
C TRP A 302 -7.48 -1.63 -58.25
N ASP A 303 -8.21 -1.38 -57.17
CA ASP A 303 -8.09 -0.17 -56.38
C ASP A 303 -7.95 -0.52 -54.89
N ALA A 304 -7.80 0.49 -54.02
CA ALA A 304 -7.69 0.27 -52.58
C ALA A 304 -8.88 -0.49 -52.01
N GLN A 305 -10.08 -0.29 -52.58
CA GLN A 305 -11.28 -0.95 -52.15
C GLN A 305 -11.26 -2.45 -52.46
N ARG A 306 -10.82 -2.83 -53.69
CA ARG A 306 -10.75 -4.23 -54.12
C ARG A 306 -9.73 -5.02 -53.28
N ILE A 307 -8.67 -4.35 -52.85
CA ILE A 307 -7.65 -4.94 -51.99
C ILE A 307 -8.28 -5.32 -50.65
N PHE A 308 -8.99 -4.37 -50.00
CA PHE A 308 -9.63 -4.65 -48.71
C PHE A 308 -10.79 -5.62 -48.82
N LYS A 309 -11.47 -5.63 -49.98
CA LYS A 309 -12.55 -6.60 -50.20
C LYS A 309 -11.98 -8.01 -50.44
N GLU A 310 -10.75 -8.12 -50.97
CA GLU A 310 -10.08 -9.40 -51.18
C GLU A 310 -9.54 -9.98 -49.91
N ALA A 311 -9.08 -9.11 -49.00
CA ALA A 311 -8.60 -9.50 -47.68
C ALA A 311 -9.80 -10.03 -46.87
N GLU A 312 -10.95 -9.35 -46.96
CA GLU A 312 -12.17 -9.73 -46.26
C GLU A 312 -12.60 -11.13 -46.68
N LYS A 313 -12.51 -11.43 -47.99
CA LYS A 313 -12.85 -12.72 -48.58
C LYS A 313 -11.99 -13.81 -47.94
N PHE A 314 -10.69 -13.50 -47.73
CA PHE A 314 -9.74 -14.41 -47.10
C PHE A 314 -10.23 -14.77 -45.69
N PHE A 315 -10.47 -13.79 -44.83
CA PHE A 315 -10.95 -14.07 -43.47
C PHE A 315 -12.36 -14.73 -43.43
N VAL A 316 -13.24 -14.42 -44.39
CA VAL A 316 -14.56 -15.04 -44.42
C VAL A 316 -14.43 -16.54 -44.84
N SER A 317 -13.48 -16.87 -45.76
CA SER A 317 -13.21 -18.23 -46.22
C SER A 317 -12.71 -19.14 -45.14
N VAL A 318 -12.10 -18.59 -44.10
CA VAL A 318 -11.60 -19.35 -42.99
C VAL A 318 -12.67 -19.50 -41.85
N GLY A 319 -13.91 -19.07 -42.11
CA GLY A 319 -15.02 -19.13 -41.18
C GLY A 319 -14.99 -18.02 -40.16
N LEU A 320 -14.51 -16.84 -40.60
CA LEU A 320 -14.40 -15.67 -39.74
C LEU A 320 -15.38 -14.59 -40.18
N PRO A 321 -15.72 -13.66 -39.27
CA PRO A 321 -16.71 -12.64 -39.63
C PRO A 321 -16.28 -11.65 -40.71
N ASN A 322 -17.27 -11.20 -41.45
CA ASN A 322 -17.10 -10.19 -42.47
C ASN A 322 -16.80 -8.86 -41.75
N MET A 323 -16.06 -7.95 -42.41
CA MET A 323 -15.77 -6.63 -41.85
C MET A 323 -17.08 -5.89 -41.56
N THR A 324 -17.15 -5.20 -40.41
CA THR A 324 -18.38 -4.52 -40.02
C THR A 324 -18.71 -3.37 -40.98
N GLN A 325 -20.01 -3.03 -41.08
CA GLN A 325 -20.45 -1.94 -41.95
C GLN A 325 -19.79 -0.61 -41.57
N GLY A 326 -19.52 -0.42 -40.29
CA GLY A 326 -18.81 0.76 -39.79
C GLY A 326 -17.35 0.83 -40.22
N PHE A 327 -16.71 -0.33 -40.39
CA PHE A 327 -15.34 -0.39 -40.88
C PHE A 327 -15.28 0.23 -42.29
N TRP A 328 -16.28 -0.05 -43.12
CA TRP A 328 -16.31 0.45 -44.48
C TRP A 328 -16.52 1.93 -44.57
N GLU A 329 -17.39 2.48 -43.71
CA GLU A 329 -17.67 3.91 -43.75
C GLU A 329 -16.68 4.77 -42.98
N ASN A 330 -16.15 4.24 -41.86
CA ASN A 330 -15.31 5.03 -40.96
C ASN A 330 -13.79 4.91 -41.20
N SER A 331 -13.34 3.83 -41.84
CA SER A 331 -11.92 3.67 -42.11
C SER A 331 -11.46 4.63 -43.18
N MET A 332 -10.17 4.97 -43.14
CA MET A 332 -9.56 5.75 -44.20
C MET A 332 -8.56 4.79 -44.84
N LEU A 333 -8.95 4.19 -45.96
CA LEU A 333 -8.13 3.21 -46.65
C LEU A 333 -7.41 3.77 -47.88
N THR A 334 -7.23 5.10 -47.94
CA THR A 334 -6.59 5.78 -49.06
C THR A 334 -6.10 7.11 -48.56
N ASP A 335 -4.97 7.61 -49.10
CA ASP A 335 -4.41 8.93 -48.82
C ASP A 335 -5.48 9.98 -49.19
N PRO A 336 -5.79 10.92 -48.29
CA PRO A 336 -6.89 11.86 -48.58
C PRO A 336 -6.56 13.01 -49.53
N GLY A 337 -6.36 12.68 -50.79
CA GLY A 337 -6.13 13.63 -51.87
C GLY A 337 -4.94 14.56 -51.82
N ASN A 338 -5.16 15.83 -51.44
CA ASN A 338 -4.10 16.81 -51.48
C ASN A 338 -4.30 17.97 -50.50
N VAL A 339 -5.52 18.19 -49.96
CA VAL A 339 -5.70 19.36 -49.09
C VAL A 339 -5.53 19.04 -47.59
N GLN A 340 -5.91 17.83 -47.11
CA GLN A 340 -5.72 17.52 -45.69
C GLN A 340 -4.63 16.48 -45.47
N LYS A 341 -3.64 16.77 -44.62
CA LYS A 341 -2.52 15.85 -44.39
C LYS A 341 -2.88 14.71 -43.43
N ALA A 342 -2.23 13.55 -43.59
CA ALA A 342 -2.51 12.39 -42.75
C ALA A 342 -1.28 11.54 -42.52
N VAL A 343 -1.14 10.98 -41.29
CA VAL A 343 -0.07 10.04 -40.93
C VAL A 343 -0.29 8.77 -41.76
N CYS A 344 0.66 8.42 -42.65
CA CYS A 344 0.43 7.27 -43.52
C CYS A 344 1.01 5.93 -43.05
N HIS A 345 1.17 5.77 -41.73
CA HIS A 345 1.60 4.50 -41.17
C HIS A 345 0.41 3.56 -41.12
N PRO A 346 0.51 2.37 -41.73
CA PRO A 346 -0.63 1.43 -41.71
C PRO A 346 -1.00 0.97 -40.31
N THR A 347 -2.19 1.33 -39.82
CA THR A 347 -2.61 0.93 -38.49
C THR A 347 -4.02 0.29 -38.47
N ALA A 348 -4.28 -0.51 -37.44
CA ALA A 348 -5.56 -1.16 -37.18
C ALA A 348 -6.10 -0.61 -35.85
N TRP A 349 -7.16 0.19 -35.93
CA TRP A 349 -7.77 0.84 -34.79
C TRP A 349 -8.94 0.08 -34.22
N ASP A 350 -9.04 0.08 -32.91
CA ASP A 350 -10.09 -0.60 -32.17
C ASP A 350 -10.45 0.40 -31.08
N LEU A 351 -11.35 1.32 -31.40
CA LEU A 351 -11.74 2.38 -30.48
C LEU A 351 -12.65 1.91 -29.33
N GLY A 352 -13.17 0.69 -29.42
CA GLY A 352 -14.14 0.19 -28.46
C GLY A 352 -15.54 0.50 -28.97
N LYS A 353 -16.57 0.06 -28.24
CA LYS A 353 -17.99 0.25 -28.60
C LYS A 353 -18.30 -0.25 -30.05
N GLY A 354 -17.64 -1.33 -30.46
CA GLY A 354 -17.82 -1.87 -31.80
C GLY A 354 -17.15 -1.09 -32.91
N ASP A 355 -16.34 -0.05 -32.59
CA ASP A 355 -15.68 0.74 -33.61
C ASP A 355 -14.34 0.19 -34.02
N PHE A 356 -14.26 -0.30 -35.29
CA PHE A 356 -13.02 -0.84 -35.86
C PHE A 356 -12.70 -0.12 -37.16
N ARG A 357 -11.51 0.45 -37.26
CA ARG A 357 -11.09 1.15 -38.47
C ARG A 357 -9.67 0.74 -38.87
N ILE A 358 -9.29 1.00 -40.12
CA ILE A 358 -7.92 0.80 -40.58
C ILE A 358 -7.48 2.14 -41.20
N LEU A 359 -6.28 2.62 -40.84
CA LEU A 359 -5.74 3.82 -41.45
C LEU A 359 -4.56 3.35 -42.32
N MET A 360 -4.71 3.42 -43.63
CA MET A 360 -3.66 3.00 -44.53
C MET A 360 -3.75 3.78 -45.82
N CYS A 361 -2.69 4.56 -46.21
CA CYS A 361 -2.71 5.38 -47.45
C CYS A 361 -2.38 4.52 -48.68
N THR A 362 -3.17 3.47 -48.87
CA THR A 362 -3.06 2.41 -49.85
C THR A 362 -2.82 2.82 -51.31
N LYS A 363 -1.85 2.12 -51.92
CA LYS A 363 -1.45 2.18 -53.34
C LYS A 363 -1.69 0.77 -53.94
N VAL A 364 -1.81 0.70 -55.26
CA VAL A 364 -2.06 -0.57 -55.93
C VAL A 364 -0.76 -1.32 -56.16
N THR A 365 -0.23 -1.87 -55.06
CA THR A 365 1.01 -2.65 -55.04
C THR A 365 0.77 -3.98 -54.30
N MET A 366 1.66 -4.95 -54.52
CA MET A 366 1.56 -6.24 -53.84
C MET A 366 1.91 -6.12 -52.36
N ASP A 367 2.83 -5.20 -52.03
CA ASP A 367 3.30 -4.91 -50.67
C ASP A 367 2.16 -4.31 -49.83
N ASP A 368 1.36 -3.43 -50.43
CA ASP A 368 0.21 -2.84 -49.77
C ASP A 368 -0.91 -3.88 -49.61
N PHE A 369 -1.07 -4.76 -50.63
CA PHE A 369 -2.05 -5.84 -50.65
C PHE A 369 -1.78 -6.79 -49.48
N LEU A 370 -0.49 -7.11 -49.24
CA LEU A 370 -0.08 -7.99 -48.15
C LEU A 370 -0.24 -7.30 -46.81
N THR A 371 -0.02 -5.97 -46.77
CA THR A 371 -0.21 -5.17 -45.55
C THR A 371 -1.69 -5.09 -45.19
N ALA A 372 -2.60 -5.15 -46.18
CA ALA A 372 -4.03 -5.16 -45.92
C ALA A 372 -4.37 -6.40 -45.10
N HIS A 373 -3.76 -7.56 -45.42
CA HIS A 373 -4.00 -8.80 -44.69
C HIS A 373 -3.49 -8.71 -43.25
N HIS A 374 -2.27 -8.20 -43.06
CA HIS A 374 -1.70 -8.04 -41.72
C HIS A 374 -2.60 -7.19 -40.82
N GLU A 375 -2.88 -5.94 -41.24
CA GLU A 375 -3.70 -5.03 -40.44
C GLU A 375 -5.13 -5.54 -40.27
N MET A 376 -5.70 -6.16 -41.31
CA MET A 376 -7.04 -6.73 -41.18
C MET A 376 -7.06 -7.94 -40.20
N GLY A 377 -5.92 -8.62 -40.07
CA GLY A 377 -5.76 -9.71 -39.11
C GLY A 377 -5.81 -9.16 -37.71
N HIS A 378 -5.24 -7.97 -37.51
CA HIS A 378 -5.27 -7.30 -36.22
C HIS A 378 -6.71 -6.97 -35.87
N ILE A 379 -7.50 -6.42 -36.83
CA ILE A 379 -8.93 -6.11 -36.64
C ILE A 379 -9.75 -7.37 -36.35
N GLN A 380 -9.37 -8.51 -36.94
CA GLN A 380 -9.98 -9.79 -36.68
C GLN A 380 -9.70 -10.25 -35.27
N TYR A 381 -8.47 -10.03 -34.78
CA TYR A 381 -8.11 -10.37 -33.41
C TYR A 381 -8.90 -9.44 -32.47
N ASP A 382 -8.93 -8.13 -32.79
CA ASP A 382 -9.67 -7.11 -32.03
C ASP A 382 -11.16 -7.48 -31.85
N MET A 383 -11.83 -7.89 -32.95
CA MET A 383 -13.22 -8.27 -32.96
C MET A 383 -13.47 -9.51 -32.10
N ALA A 384 -12.55 -10.48 -32.16
CA ALA A 384 -12.66 -11.75 -31.42
C ALA A 384 -12.62 -11.55 -29.92
N TYR A 385 -11.65 -10.76 -29.41
CA TYR A 385 -11.57 -10.51 -27.96
C TYR A 385 -12.43 -9.32 -27.51
N ALA A 386 -13.10 -8.61 -28.44
CA ALA A 386 -13.98 -7.48 -28.09
C ALA A 386 -15.12 -7.85 -27.14
N ALA A 387 -15.43 -9.15 -27.07
CA ALA A 387 -16.43 -9.74 -26.18
C ALA A 387 -15.98 -9.73 -24.71
N GLN A 388 -14.65 -9.66 -24.45
CA GLN A 388 -14.04 -9.69 -23.11
C GLN A 388 -14.25 -8.40 -22.31
N PRO A 389 -14.02 -8.38 -20.96
CA PRO A 389 -14.08 -7.10 -20.24
C PRO A 389 -12.90 -6.20 -20.68
N PHE A 390 -13.16 -4.88 -20.71
CA PHE A 390 -12.25 -3.83 -21.20
C PHE A 390 -10.78 -4.11 -21.04
N LEU A 391 -10.32 -4.39 -19.80
CA LEU A 391 -8.90 -4.61 -19.58
C LEU A 391 -8.37 -5.81 -20.34
N LEU A 392 -9.07 -6.91 -20.27
CA LEU A 392 -8.64 -8.13 -20.93
C LEU A 392 -8.84 -8.14 -22.45
N ARG A 393 -8.91 -6.97 -23.09
CA ARG A 393 -9.02 -6.90 -24.54
C ARG A 393 -7.69 -6.60 -25.18
N ASN A 394 -6.79 -7.55 -25.07
CA ASN A 394 -5.45 -7.43 -25.65
C ASN A 394 -4.91 -8.81 -26.00
N GLY A 395 -3.89 -8.90 -26.83
CA GLY A 395 -3.28 -10.19 -27.16
C GLY A 395 -2.74 -10.92 -25.93
N ALA A 396 -2.69 -12.25 -25.93
CA ALA A 396 -2.27 -13.04 -24.75
C ALA A 396 -0.96 -12.54 -24.04
N ASN A 397 0.09 -12.20 -24.79
CA ASN A 397 1.33 -11.58 -24.28
C ASN A 397 1.84 -10.55 -25.32
N GLU A 398 2.94 -9.81 -25.02
CA GLU A 398 3.43 -8.79 -25.97
C GLU A 398 3.82 -9.38 -27.34
N GLY A 399 4.16 -10.65 -27.40
CA GLY A 399 4.46 -11.29 -28.66
C GLY A 399 3.25 -11.66 -29.52
N PHE A 400 2.08 -11.95 -28.92
CA PHE A 400 0.89 -12.50 -29.59
C PHE A 400 0.23 -11.78 -30.82
N HIS A 401 -0.26 -10.53 -30.69
CA HIS A 401 -0.97 -9.75 -31.72
C HIS A 401 -0.17 -9.58 -33.03
N GLU A 402 1.15 -9.33 -32.93
CA GLU A 402 1.94 -9.16 -34.15
C GLU A 402 2.15 -10.42 -34.93
N ALA A 403 2.19 -11.58 -34.25
CA ALA A 403 2.33 -12.91 -34.86
C ALA A 403 1.05 -13.24 -35.68
N VAL A 404 -0.11 -12.86 -35.16
CA VAL A 404 -1.41 -13.11 -35.79
C VAL A 404 -1.52 -12.41 -37.14
N GLY A 405 -1.24 -11.10 -37.18
CA GLY A 405 -1.29 -10.33 -38.42
C GLY A 405 -0.30 -10.85 -39.46
N GLU A 406 0.87 -11.27 -38.99
CA GLU A 406 1.92 -11.77 -39.86
C GLU A 406 1.59 -13.08 -40.54
N ILE A 407 0.98 -14.06 -39.84
CA ILE A 407 0.65 -15.34 -40.48
C ILE A 407 -0.36 -15.18 -41.64
N MET A 408 -1.08 -14.05 -41.68
CA MET A 408 -2.03 -13.79 -42.75
C MET A 408 -1.27 -13.38 -43.97
N SER A 409 -0.33 -12.42 -43.82
CA SER A 409 0.48 -12.00 -44.96
C SER A 409 1.34 -13.14 -45.48
N LEU A 410 1.65 -14.16 -44.64
CA LEU A 410 2.38 -15.35 -45.06
C LEU A 410 1.53 -16.09 -46.09
N SER A 411 0.32 -16.47 -45.69
CA SER A 411 -0.59 -17.19 -46.56
C SER A 411 -0.97 -16.41 -47.85
N ALA A 412 -1.14 -15.09 -47.73
CA ALA A 412 -1.52 -14.26 -48.87
C ALA A 412 -0.41 -14.14 -49.91
N ALA A 413 0.86 -14.21 -49.48
CA ALA A 413 1.99 -14.09 -50.40
C ALA A 413 2.31 -15.34 -51.18
N THR A 414 1.73 -16.49 -50.81
CA THR A 414 2.03 -17.74 -51.50
C THR A 414 1.53 -17.68 -52.94
N PRO A 415 2.34 -18.18 -53.89
CA PRO A 415 1.91 -18.14 -55.30
C PRO A 415 0.64 -18.95 -55.54
N LYS A 416 0.42 -20.00 -54.73
CA LYS A 416 -0.76 -20.84 -54.74
C LYS A 416 -2.00 -19.96 -54.52
N HIS A 417 -1.95 -19.12 -53.47
CA HIS A 417 -3.01 -18.17 -53.12
C HIS A 417 -3.24 -17.18 -54.26
N LEU A 418 -2.15 -16.54 -54.72
CA LEU A 418 -2.20 -15.55 -55.79
C LEU A 418 -2.86 -16.09 -57.04
N LYS A 419 -2.55 -17.35 -57.40
CA LYS A 419 -3.14 -17.97 -58.58
C LYS A 419 -4.65 -18.09 -58.40
N SER A 420 -5.11 -18.55 -57.23
CA SER A 420 -6.55 -18.72 -56.96
C SER A 420 -7.31 -17.41 -56.96
N ILE A 421 -6.68 -16.32 -56.49
CA ILE A 421 -7.33 -15.02 -56.49
C ILE A 421 -7.24 -14.30 -57.85
N GLY A 422 -6.64 -14.94 -58.84
CA GLY A 422 -6.52 -14.43 -60.20
C GLY A 422 -5.40 -13.44 -60.44
N LEU A 423 -4.66 -13.05 -59.39
CA LEU A 423 -3.57 -12.10 -59.55
C LEU A 423 -2.34 -12.72 -60.13
N LEU A 424 -2.11 -14.00 -59.85
CA LEU A 424 -0.96 -14.69 -60.40
C LEU A 424 -1.44 -15.53 -61.52
N SER A 425 -0.81 -15.32 -62.68
CA SER A 425 -1.14 -16.07 -63.88
C SER A 425 -0.86 -17.55 -63.66
N PRO A 426 -1.75 -18.43 -64.14
CA PRO A 426 -1.48 -19.88 -64.03
C PRO A 426 -0.22 -20.31 -64.81
N ASP A 427 0.26 -19.44 -65.72
CA ASP A 427 1.52 -19.58 -66.48
C ASP A 427 2.77 -19.57 -65.53
N PHE A 428 2.59 -19.15 -64.24
CA PHE A 428 3.68 -19.18 -63.30
C PHE A 428 3.94 -20.63 -62.89
N GLN A 429 5.15 -21.12 -63.25
CA GLN A 429 5.66 -22.44 -62.89
C GLN A 429 6.62 -22.22 -61.68
N GLU A 430 6.41 -23.02 -60.62
CA GLU A 430 7.21 -22.96 -59.40
C GLU A 430 8.66 -23.39 -59.59
N ASP A 431 9.54 -22.45 -59.95
CA ASP A 431 10.94 -22.76 -60.10
C ASP A 431 11.52 -22.84 -58.69
N ASN A 432 12.16 -23.96 -58.33
CA ASN A 432 12.75 -24.07 -56.99
C ASN A 432 13.92 -23.09 -56.76
N GLU A 433 14.35 -22.39 -57.81
CA GLU A 433 15.31 -21.31 -57.72
C GLU A 433 14.59 -20.07 -57.18
N THR A 434 13.33 -19.81 -57.59
CA THR A 434 12.58 -18.68 -57.04
C THR A 434 12.24 -18.92 -55.56
N GLU A 435 12.05 -20.20 -55.16
CA GLU A 435 11.78 -20.58 -53.77
C GLU A 435 13.02 -20.37 -52.90
N ILE A 436 14.22 -20.51 -53.47
CA ILE A 436 15.45 -20.24 -52.74
C ILE A 436 15.69 -18.74 -52.67
N ASN A 437 15.35 -17.99 -53.74
CA ASN A 437 15.46 -16.53 -53.73
C ASN A 437 14.48 -15.98 -52.66
N PHE A 438 13.26 -16.51 -52.62
CA PHE A 438 12.26 -16.11 -51.66
C PHE A 438 12.72 -16.41 -50.23
N LEU A 439 13.13 -17.66 -49.96
CA LEU A 439 13.52 -18.12 -48.63
C LEU A 439 14.75 -17.44 -48.09
N LEU A 440 15.65 -17.02 -48.99
CA LEU A 440 16.85 -16.32 -48.53
C LEU A 440 16.44 -14.90 -48.13
N LYS A 441 15.60 -14.22 -48.94
CA LYS A 441 15.12 -12.90 -48.59
C LYS A 441 14.35 -12.94 -47.25
N GLN A 442 13.64 -14.04 -46.98
CA GLN A 442 12.93 -14.25 -45.75
C GLN A 442 13.93 -14.44 -44.64
N ALA A 443 14.92 -15.32 -44.83
CA ALA A 443 15.96 -15.61 -43.84
C ALA A 443 16.70 -14.37 -43.42
N LEU A 444 16.97 -13.48 -44.36
CA LEU A 444 17.67 -12.23 -44.13
C LEU A 444 16.93 -11.35 -43.15
N THR A 445 15.60 -11.33 -43.25
CA THR A 445 14.78 -10.56 -42.32
C THR A 445 14.61 -11.30 -40.99
N ILE A 446 14.11 -12.55 -41.04
CA ILE A 446 13.75 -13.31 -39.87
C ILE A 446 14.93 -13.94 -39.15
N VAL A 447 15.68 -14.84 -39.80
CA VAL A 447 16.78 -15.55 -39.14
C VAL A 447 17.88 -14.58 -38.66
N GLY A 448 18.17 -13.58 -39.50
CA GLY A 448 19.17 -12.56 -39.22
C GLY A 448 18.86 -11.67 -38.02
N THR A 449 17.57 -11.41 -37.76
CA THR A 449 17.20 -10.54 -36.65
C THR A 449 17.23 -11.23 -35.30
N LEU A 450 17.14 -12.57 -35.27
CA LEU A 450 17.10 -13.31 -34.01
C LEU A 450 18.33 -13.14 -33.12
N PRO A 451 19.58 -13.30 -33.61
CA PRO A 451 20.74 -13.09 -32.74
C PRO A 451 20.82 -11.64 -32.31
N PHE A 452 20.54 -10.69 -33.24
CA PHE A 452 20.54 -9.27 -32.93
C PHE A 452 19.60 -8.96 -31.75
N THR A 453 18.36 -9.47 -31.82
CA THR A 453 17.31 -9.27 -30.83
C THR A 453 17.69 -9.93 -29.50
N TYR A 454 18.25 -11.14 -29.58
CA TYR A 454 18.67 -11.85 -28.39
C TYR A 454 19.76 -11.09 -27.66
N MET A 455 20.89 -10.80 -28.33
CA MET A 455 22.06 -10.13 -27.76
C MET A 455 21.68 -8.80 -27.17
N LEU A 456 20.92 -7.96 -27.91
CA LEU A 456 20.50 -6.65 -27.42
C LEU A 456 19.77 -6.76 -26.08
N GLU A 457 18.74 -7.66 -26.00
CA GLU A 457 18.02 -7.81 -24.75
C GLU A 457 18.90 -8.44 -23.69
N LYS A 458 19.76 -9.40 -24.04
CA LYS A 458 20.67 -10.08 -23.10
C LYS A 458 21.56 -9.05 -22.40
N TRP A 459 22.04 -8.07 -23.17
CA TRP A 459 22.86 -6.97 -22.67
C TRP A 459 22.04 -6.09 -21.72
N ARG A 460 20.84 -5.68 -22.16
CA ARG A 460 19.93 -4.83 -21.41
C ARG A 460 19.56 -5.47 -20.07
N TRP A 461 19.27 -6.78 -20.06
CA TRP A 461 18.88 -7.53 -18.87
C TRP A 461 20.03 -7.55 -17.89
N MET A 462 21.26 -7.80 -18.37
CA MET A 462 22.46 -7.84 -17.53
C MET A 462 22.89 -6.47 -17.04
N VAL A 463 22.58 -5.41 -17.80
CA VAL A 463 22.86 -4.03 -17.46
C VAL A 463 22.01 -3.66 -16.26
N PHE A 464 20.73 -4.05 -16.26
CA PHE A 464 19.85 -3.80 -15.12
C PHE A 464 20.24 -4.73 -13.98
N LYS A 465 20.52 -6.01 -14.29
CA LYS A 465 20.93 -7.03 -13.33
C LYS A 465 22.07 -6.57 -12.43
N GLY A 466 22.96 -5.77 -12.99
CA GLY A 466 24.15 -5.27 -12.31
C GLY A 466 25.37 -6.12 -12.59
N GLU A 467 25.35 -6.92 -13.68
CA GLU A 467 26.44 -7.79 -14.08
C GLU A 467 27.49 -7.10 -14.95
N ILE A 468 27.16 -5.95 -15.52
CA ILE A 468 28.08 -5.19 -16.35
C ILE A 468 28.19 -3.77 -15.79
N PRO A 469 29.34 -3.43 -15.21
CA PRO A 469 29.54 -2.06 -14.70
C PRO A 469 29.64 -1.03 -15.84
N LYS A 470 29.41 0.27 -15.53
CA LYS A 470 29.45 1.35 -16.52
C LYS A 470 30.79 1.39 -17.25
N ASP A 471 31.90 1.09 -16.56
CA ASP A 471 33.22 1.09 -17.21
C ASP A 471 33.45 -0.11 -18.15
N GLN A 472 32.44 -0.96 -18.33
CA GLN A 472 32.49 -2.14 -19.18
C GLN A 472 31.36 -2.17 -20.25
N TRP A 473 30.31 -1.34 -20.10
CA TRP A 473 29.14 -1.24 -20.98
C TRP A 473 29.42 -1.46 -22.47
N MET A 474 30.40 -0.75 -23.04
CA MET A 474 30.77 -0.83 -24.46
C MET A 474 31.74 -1.95 -24.78
N LYS A 475 32.63 -2.23 -23.82
CA LYS A 475 33.63 -3.28 -23.82
C LYS A 475 32.88 -4.62 -23.99
N LYS A 476 31.79 -4.82 -23.23
CA LYS A 476 30.96 -6.01 -23.25
C LYS A 476 30.02 -5.99 -24.45
N TRP A 477 29.38 -4.84 -24.80
CA TRP A 477 28.48 -4.72 -25.97
C TRP A 477 29.14 -5.26 -27.22
N TRP A 478 30.43 -4.99 -27.39
CA TRP A 478 31.13 -5.47 -28.56
C TRP A 478 31.77 -6.85 -28.36
N GLU A 479 31.92 -7.31 -27.11
CA GLU A 479 32.34 -8.68 -26.82
C GLU A 479 31.16 -9.59 -27.26
N MET A 480 29.93 -9.20 -26.89
CA MET A 480 28.69 -9.91 -27.19
C MET A 480 28.30 -9.84 -28.63
N LYS A 481 28.53 -8.70 -29.30
CA LYS A 481 28.20 -8.60 -30.73
C LYS A 481 29.10 -9.52 -31.53
N ARG A 482 30.38 -9.68 -31.11
CA ARG A 482 31.30 -10.56 -31.81
C ARG A 482 31.04 -12.02 -31.47
N GLU A 483 30.77 -12.33 -30.20
CA GLU A 483 30.55 -13.72 -29.81
C GLU A 483 29.18 -14.24 -30.25
N ILE A 484 28.11 -13.53 -29.88
CA ILE A 484 26.76 -13.97 -30.17
C ILE A 484 26.29 -13.69 -31.61
N VAL A 485 26.39 -12.44 -32.06
CA VAL A 485 25.88 -12.09 -33.38
C VAL A 485 26.91 -12.38 -34.52
N GLY A 486 28.19 -12.29 -34.24
CA GLY A 486 29.21 -12.53 -35.26
C GLY A 486 29.40 -11.31 -36.15
N VAL A 487 29.31 -10.15 -35.52
CA VAL A 487 29.45 -8.86 -36.14
C VAL A 487 30.54 -8.10 -35.38
N VAL A 488 31.40 -7.40 -36.12
CA VAL A 488 32.47 -6.66 -35.51
C VAL A 488 32.36 -5.15 -35.82
N GLU A 489 32.76 -4.31 -34.85
CA GLU A 489 32.74 -2.86 -35.02
C GLU A 489 33.91 -2.45 -35.92
N PRO A 490 33.70 -1.50 -36.83
CA PRO A 490 34.81 -1.07 -37.73
C PRO A 490 35.75 -0.01 -37.14
N VAL A 491 35.37 0.58 -35.99
CA VAL A 491 36.06 1.64 -35.28
C VAL A 491 36.02 1.26 -33.79
N PRO A 492 37.13 1.37 -33.06
CA PRO A 492 37.10 1.03 -31.62
C PRO A 492 36.27 1.99 -30.77
N HIS A 493 35.17 1.47 -30.16
CA HIS A 493 34.31 2.31 -29.33
C HIS A 493 34.58 2.15 -27.81
N ASP A 494 34.98 3.25 -27.16
CA ASP A 494 35.26 3.30 -25.72
C ASP A 494 33.98 3.64 -24.89
N GLU A 495 34.10 3.93 -23.57
CA GLU A 495 32.93 4.15 -22.73
C GLU A 495 32.29 5.52 -22.85
N THR A 496 32.79 6.38 -23.76
CA THR A 496 32.11 7.64 -24.04
C THR A 496 30.95 7.40 -25.04
N TYR A 497 31.00 6.32 -25.84
CA TYR A 497 29.96 5.91 -26.76
C TYR A 497 28.83 5.17 -26.03
N CYS A 498 27.66 5.05 -26.70
CA CYS A 498 26.47 4.32 -26.25
C CYS A 498 25.74 3.83 -27.51
N ASP A 499 26.33 2.82 -28.19
CA ASP A 499 25.80 2.19 -29.40
C ASP A 499 24.43 1.50 -29.20
N PRO A 500 24.14 0.86 -28.04
CA PRO A 500 22.78 0.29 -27.86
C PRO A 500 21.72 1.38 -27.94
N ALA A 501 21.93 2.51 -27.24
CA ALA A 501 20.94 3.59 -27.24
C ALA A 501 20.72 4.24 -28.58
N SER A 502 21.70 4.15 -29.51
CA SER A 502 21.52 4.74 -30.85
C SER A 502 20.41 4.05 -31.68
N LEU A 503 19.66 3.11 -31.08
CA LEU A 503 18.55 2.39 -31.67
C LEU A 503 17.25 2.84 -30.97
N PHE A 504 16.17 3.06 -31.74
CA PHE A 504 14.88 3.52 -31.25
C PHE A 504 14.45 2.96 -29.89
N HIS A 505 14.15 1.66 -29.80
CA HIS A 505 13.64 0.99 -28.61
C HIS A 505 14.48 1.14 -27.36
N VAL A 506 15.79 1.24 -27.51
CA VAL A 506 16.69 1.34 -26.37
C VAL A 506 16.61 2.73 -25.74
N SER A 507 16.64 3.77 -26.60
CA SER A 507 16.52 5.16 -26.14
C SER A 507 15.08 5.66 -26.01
N ASN A 508 14.09 4.80 -26.33
CA ASN A 508 12.68 5.16 -26.18
C ASN A 508 11.93 4.27 -25.17
N ASP A 509 12.69 3.46 -24.38
CA ASP A 509 12.19 2.62 -23.30
C ASP A 509 11.20 1.59 -23.78
N TYR A 510 11.62 0.66 -24.65
CA TYR A 510 10.74 -0.38 -25.16
C TYR A 510 11.35 -1.77 -25.06
N SER A 511 10.61 -2.74 -24.48
CA SER A 511 11.09 -4.14 -24.40
C SER A 511 11.31 -4.69 -25.81
N PHE A 512 12.43 -5.36 -26.03
CA PHE A 512 12.78 -5.84 -27.37
C PHE A 512 12.54 -7.34 -27.57
N ILE A 513 12.49 -8.10 -26.48
CA ILE A 513 12.29 -9.55 -26.53
C ILE A 513 11.01 -9.94 -27.26
N ARG A 514 10.00 -9.04 -27.33
CA ARG A 514 8.75 -9.30 -28.06
C ARG A 514 9.01 -9.79 -29.50
N TYR A 515 10.03 -9.22 -30.13
CA TYR A 515 10.40 -9.55 -31.49
C TYR A 515 11.00 -10.95 -31.61
N TYR A 516 11.64 -11.46 -30.56
CA TYR A 516 12.19 -12.80 -30.57
C TYR A 516 11.04 -13.79 -30.38
N THR A 517 10.28 -13.63 -29.28
CA THR A 517 9.16 -14.49 -28.92
C THR A 517 8.12 -14.58 -30.04
N ARG A 518 7.61 -13.44 -30.50
CA ARG A 518 6.63 -13.40 -31.58
C ARG A 518 7.13 -14.03 -32.89
N THR A 519 8.43 -14.01 -33.16
CA THR A 519 8.99 -14.63 -34.35
C THR A 519 8.85 -16.15 -34.26
N LEU A 520 9.13 -16.71 -33.07
CA LEU A 520 8.99 -18.14 -32.85
C LEU A 520 7.51 -18.51 -32.81
N TYR A 521 6.64 -17.67 -32.23
CA TYR A 521 5.21 -17.94 -32.16
C TYR A 521 4.60 -18.08 -33.55
N GLN A 522 4.84 -17.12 -34.48
CA GLN A 522 4.22 -17.10 -35.81
C GLN A 522 4.49 -18.36 -36.60
N PHE A 523 5.66 -18.94 -36.43
CA PHE A 523 5.96 -20.19 -37.14
C PHE A 523 5.26 -21.37 -36.50
N GLN A 524 5.06 -21.32 -35.16
CA GLN A 524 4.31 -22.35 -34.46
C GLN A 524 2.86 -22.32 -34.91
N PHE A 525 2.29 -21.09 -35.00
CA PHE A 525 0.92 -20.82 -35.38
C PHE A 525 0.70 -21.32 -36.79
N GLN A 526 1.60 -20.94 -37.72
CA GLN A 526 1.44 -21.37 -39.10
C GLN A 526 1.55 -22.86 -39.21
N GLU A 527 2.52 -23.46 -38.52
CA GLU A 527 2.69 -24.90 -38.51
C GLU A 527 1.45 -25.65 -38.02
N ALA A 528 0.78 -25.14 -36.99
CA ALA A 528 -0.41 -25.75 -36.45
C ALA A 528 -1.61 -25.57 -37.37
N LEU A 529 -1.81 -24.34 -37.88
CA LEU A 529 -2.94 -24.06 -38.76
C LEU A 529 -2.81 -24.73 -40.10
N CYS A 530 -1.58 -24.97 -40.57
CA CYS A 530 -1.36 -25.65 -41.84
C CYS A 530 -1.58 -27.14 -41.73
N GLN A 531 -1.36 -27.74 -40.53
CA GLN A 531 -1.72 -29.14 -40.33
C GLN A 531 -3.24 -29.23 -40.32
N ALA A 532 -3.94 -28.28 -39.66
CA ALA A 532 -5.39 -28.18 -39.62
C ALA A 532 -5.98 -27.96 -41.01
N ALA A 533 -5.25 -27.21 -41.86
CA ALA A 533 -5.64 -26.97 -43.26
C ALA A 533 -5.29 -28.14 -44.21
N LYS A 534 -4.76 -29.25 -43.63
CA LYS A 534 -4.38 -30.49 -44.29
C LYS A 534 -3.44 -30.25 -45.48
N HIS A 535 -2.57 -29.24 -45.35
CA HIS A 535 -1.61 -28.82 -46.34
C HIS A 535 -0.53 -29.87 -46.49
N GLU A 536 -0.19 -30.22 -47.74
CA GLU A 536 0.86 -31.20 -47.98
C GLU A 536 2.01 -30.52 -48.73
N GLY A 537 3.23 -30.76 -48.30
CA GLY A 537 4.40 -30.15 -48.93
C GLY A 537 5.13 -29.13 -48.09
N PRO A 538 6.03 -28.35 -48.72
CA PRO A 538 6.82 -27.34 -47.97
C PRO A 538 6.00 -26.28 -47.25
N LEU A 539 6.25 -26.12 -45.94
CA LEU A 539 5.53 -25.16 -45.09
C LEU A 539 5.52 -23.73 -45.64
N HIS A 540 6.54 -23.33 -46.38
CA HIS A 540 6.61 -21.99 -46.96
C HIS A 540 5.61 -21.77 -48.12
N LYS A 541 5.04 -22.85 -48.69
CA LYS A 541 4.05 -22.78 -49.78
C LYS A 541 2.57 -22.86 -49.30
N CYS A 542 2.38 -23.04 -47.97
CA CYS A 542 1.07 -23.18 -47.36
C CYS A 542 0.23 -21.95 -47.37
N ASP A 543 -1.04 -22.12 -47.77
CA ASP A 543 -2.06 -21.10 -47.79
C ASP A 543 -3.24 -21.72 -47.03
N ILE A 544 -3.64 -21.12 -45.91
CA ILE A 544 -4.70 -21.69 -45.07
C ILE A 544 -6.13 -21.32 -45.53
N SER A 545 -6.28 -20.75 -46.75
CA SER A 545 -7.60 -20.36 -47.25
C SER A 545 -8.54 -21.54 -47.40
N ASN A 546 -9.84 -21.28 -47.13
CA ASN A 546 -10.99 -22.18 -47.20
C ASN A 546 -11.05 -23.29 -46.15
N SER A 547 -10.09 -23.32 -45.23
CA SER A 547 -10.11 -24.29 -44.15
C SER A 547 -10.77 -23.65 -42.95
N THR A 548 -12.07 -23.86 -42.80
CA THR A 548 -12.79 -23.31 -41.63
C THR A 548 -12.40 -24.03 -40.31
N GLU A 549 -11.73 -25.19 -40.41
CA GLU A 549 -11.20 -25.95 -39.29
C GLU A 549 -9.98 -25.19 -38.76
N ALA A 550 -9.12 -24.67 -39.66
CA ALA A 550 -7.96 -23.87 -39.27
C ALA A 550 -8.43 -22.55 -38.67
N GLY A 551 -9.45 -21.95 -39.26
CA GLY A 551 -10.03 -20.71 -38.74
C GLY A 551 -10.62 -20.91 -37.36
N GLN A 552 -11.23 -22.08 -37.10
CA GLN A 552 -11.78 -22.40 -35.79
C GLN A 552 -10.66 -22.59 -34.79
N LYS A 553 -9.59 -23.29 -35.19
CA LYS A 553 -8.41 -23.56 -34.36
C LYS A 553 -7.81 -22.23 -33.88
N LEU A 554 -7.61 -21.29 -34.81
CA LEU A 554 -7.06 -19.96 -34.57
C LEU A 554 -8.02 -19.10 -33.74
N PHE A 555 -9.31 -19.10 -34.10
CA PHE A 555 -10.32 -18.34 -33.39
C PHE A 555 -10.37 -18.70 -31.91
N ASN A 556 -10.27 -20.01 -31.59
CA ASN A 556 -10.27 -20.49 -30.20
C ASN A 556 -9.32 -19.72 -29.29
N MET A 557 -8.19 -19.28 -29.83
CA MET A 557 -7.21 -18.50 -29.09
C MET A 557 -7.51 -17.01 -29.24
N LEU A 558 -7.89 -16.56 -30.44
CA LEU A 558 -8.19 -15.16 -30.68
C LEU A 558 -9.28 -14.62 -29.77
N ARG A 559 -10.35 -15.39 -29.56
CA ARG A 559 -11.47 -14.97 -28.72
C ARG A 559 -11.12 -14.88 -27.23
N LEU A 560 -9.95 -15.42 -26.83
CA LEU A 560 -9.54 -15.42 -25.44
C LEU A 560 -9.02 -14.10 -24.90
N GLY A 561 -8.25 -13.38 -25.72
CA GLY A 561 -7.66 -12.12 -25.29
C GLY A 561 -6.64 -12.38 -24.20
N LYS A 562 -6.59 -11.45 -23.23
CA LYS A 562 -5.69 -11.57 -22.09
C LYS A 562 -6.35 -12.24 -20.88
N SER A 563 -7.55 -12.85 -21.03
CA SER A 563 -8.29 -13.50 -19.92
C SER A 563 -7.64 -14.77 -19.34
N GLU A 564 -7.01 -15.54 -20.23
CA GLU A 564 -6.36 -16.80 -19.88
C GLU A 564 -4.87 -16.66 -20.12
N PRO A 565 -4.05 -17.50 -19.46
CA PRO A 565 -2.59 -17.42 -19.64
C PRO A 565 -2.16 -17.69 -21.07
N TRP A 566 -1.13 -16.99 -21.54
CA TRP A 566 -0.61 -17.18 -22.90
C TRP A 566 -0.18 -18.61 -23.17
N THR A 567 0.23 -19.35 -22.12
CA THR A 567 0.64 -20.74 -22.27
C THR A 567 -0.56 -21.57 -22.74
N LEU A 568 -1.71 -21.37 -22.10
CA LEU A 568 -2.98 -22.03 -22.43
C LEU A 568 -3.51 -21.54 -23.79
N ALA A 569 -3.32 -20.23 -24.12
CA ALA A 569 -3.74 -19.61 -25.39
C ALA A 569 -2.97 -20.25 -26.55
N LEU A 570 -1.69 -20.44 -26.35
CA LEU A 570 -0.83 -21.07 -27.31
C LEU A 570 -1.23 -22.54 -27.47
N GLU A 571 -1.41 -23.23 -26.35
CA GLU A 571 -1.81 -24.62 -26.34
C GLU A 571 -3.13 -24.86 -27.05
N ASN A 572 -4.04 -23.89 -27.01
CA ASN A 572 -5.32 -23.96 -27.72
C ASN A 572 -5.19 -24.03 -29.25
N VAL A 573 -4.02 -23.61 -29.75
CA VAL A 573 -3.69 -23.57 -31.17
C VAL A 573 -2.68 -24.63 -31.56
N VAL A 574 -1.51 -24.67 -30.93
CA VAL A 574 -0.42 -25.53 -31.35
C VAL A 574 -0.24 -26.81 -30.57
N GLY A 575 -0.99 -26.99 -29.50
CA GLY A 575 -0.91 -28.19 -28.65
C GLY A 575 0.29 -28.18 -27.73
N ALA A 576 0.85 -27.00 -27.46
CA ALA A 576 2.01 -26.88 -26.59
C ALA A 576 1.89 -25.67 -25.71
N LYS A 577 2.36 -25.78 -24.47
CA LYS A 577 2.33 -24.65 -23.54
C LYS A 577 3.55 -23.72 -23.69
N ASN A 578 4.60 -24.14 -24.41
CA ASN A 578 5.83 -23.37 -24.49
C ASN A 578 6.30 -23.03 -25.90
N MET A 579 7.20 -22.03 -26.01
CA MET A 579 7.84 -21.49 -27.22
C MET A 579 8.64 -22.55 -27.96
N ASN A 580 8.56 -22.59 -29.31
CA ASN A 580 9.26 -23.66 -30.04
C ASN A 580 9.92 -23.22 -31.37
N VAL A 581 11.21 -23.55 -31.49
CA VAL A 581 12.03 -23.25 -32.68
C VAL A 581 11.76 -24.18 -33.82
N ARG A 582 11.41 -25.45 -33.51
CA ARG A 582 11.15 -26.51 -34.48
C ARG A 582 10.35 -26.04 -35.72
N PRO A 583 9.19 -25.37 -35.58
CA PRO A 583 8.48 -24.89 -36.77
C PRO A 583 9.23 -23.81 -37.57
N LEU A 584 9.95 -22.90 -36.90
CA LEU A 584 10.72 -21.86 -37.61
C LEU A 584 11.80 -22.54 -38.44
N LEU A 585 12.52 -23.50 -37.84
CA LEU A 585 13.53 -24.27 -38.54
C LEU A 585 12.94 -25.10 -39.66
N ASN A 586 11.71 -25.57 -39.47
CA ASN A 586 10.97 -26.33 -40.46
C ASN A 586 10.61 -25.45 -41.66
N TYR A 587 10.26 -24.18 -41.43
CA TYR A 587 9.93 -23.24 -42.49
C TYR A 587 11.14 -23.04 -43.41
N PHE A 588 12.34 -22.92 -42.79
CA PHE A 588 13.60 -22.67 -43.45
C PHE A 588 14.47 -23.92 -43.67
N GLU A 589 13.89 -25.14 -43.56
CA GLU A 589 14.66 -26.38 -43.79
C GLU A 589 15.10 -26.57 -45.26
N PRO A 590 14.34 -26.14 -46.29
CA PRO A 590 14.82 -26.26 -47.67
C PRO A 590 15.97 -25.28 -47.97
N LEU A 591 15.91 -24.07 -47.38
CA LEU A 591 17.00 -23.12 -47.51
C LEU A 591 18.24 -23.67 -46.80
N PHE A 592 18.09 -24.19 -45.58
CA PHE A 592 19.17 -24.75 -44.78
C PHE A 592 19.95 -25.85 -45.53
N THR A 593 19.26 -26.78 -46.23
CA THR A 593 20.00 -27.80 -46.99
C THR A 593 20.80 -27.14 -48.12
N TRP A 594 20.22 -26.10 -48.76
CA TRP A 594 20.89 -25.39 -49.83
C TRP A 594 22.11 -24.66 -49.30
N LEU A 595 22.00 -24.04 -48.13
CA LEU A 595 23.08 -23.31 -47.46
C LEU A 595 24.22 -24.29 -47.13
N LYS A 596 23.87 -25.48 -46.56
CA LYS A 596 24.79 -26.56 -46.20
C LYS A 596 25.62 -27.04 -47.39
N ASP A 597 25.02 -27.02 -48.59
CA ASP A 597 25.66 -27.38 -49.85
C ASP A 597 26.61 -26.24 -50.33
N GLN A 598 26.11 -24.99 -50.35
CA GLN A 598 26.88 -23.85 -50.81
C GLN A 598 28.07 -23.50 -49.94
N ASN A 599 28.00 -23.85 -48.65
CA ASN A 599 29.10 -23.61 -47.72
C ASN A 599 30.05 -24.82 -47.61
N LYS A 600 30.00 -25.76 -48.59
CA LYS A 600 30.86 -26.93 -48.60
C LYS A 600 32.31 -26.55 -48.65
N ASN A 601 32.66 -25.50 -49.39
CA ASN A 601 34.04 -25.06 -49.53
C ASN A 601 34.37 -23.79 -48.72
N SER A 602 33.56 -23.48 -47.69
CA SER A 602 33.78 -22.29 -46.88
C SER A 602 33.92 -22.56 -45.40
N PHE A 603 34.51 -21.62 -44.67
CA PHE A 603 34.64 -21.74 -43.23
C PHE A 603 33.30 -21.29 -42.66
N VAL A 604 32.63 -22.15 -41.89
CA VAL A 604 31.34 -21.81 -41.30
C VAL A 604 31.58 -21.55 -39.83
N GLY A 605 31.29 -20.33 -39.41
CA GLY A 605 31.55 -19.85 -38.06
C GLY A 605 32.49 -18.66 -38.07
N TRP A 606 32.82 -18.10 -36.90
CA TRP A 606 33.68 -16.92 -36.86
C TRP A 606 34.70 -16.92 -35.74
N SER A 607 35.72 -16.07 -35.86
CA SER A 607 36.74 -15.91 -34.83
C SER A 607 36.62 -14.49 -34.30
N THR A 608 36.51 -14.34 -32.99
CA THR A 608 36.30 -13.05 -32.37
C THR A 608 37.50 -12.09 -32.39
N ASP A 609 38.73 -12.61 -32.50
CA ASP A 609 39.91 -11.76 -32.47
C ASP A 609 40.08 -10.84 -33.69
N TRP A 610 39.47 -11.16 -34.84
CA TRP A 610 39.61 -10.30 -36.01
C TRP A 610 38.79 -9.03 -35.93
N SER A 611 39.47 -7.88 -36.09
CA SER A 611 38.90 -6.53 -36.08
C SER A 611 39.26 -5.85 -37.43
N PRO A 612 38.34 -5.13 -38.11
CA PRO A 612 38.71 -4.49 -39.39
C PRO A 612 39.77 -3.40 -39.23
N TYR A 613 39.67 -2.65 -38.14
CA TYR A 613 40.61 -1.58 -37.79
C TYR A 613 41.95 -2.08 -37.24
N ALA A 614 42.01 -3.34 -36.78
CA ALA A 614 43.25 -3.88 -36.20
C ALA A 614 43.94 -4.92 -37.07
N ASP A 615 44.86 -4.46 -37.95
CA ASP A 615 45.63 -5.35 -38.82
C ASP A 615 47.10 -5.45 -38.34
N SER B 19 27.78 -12.05 9.27
CA SER B 19 27.87 -13.34 8.58
C SER B 19 26.60 -14.14 8.76
N THR B 20 26.13 -14.30 10.01
CA THR B 20 24.88 -15.02 10.26
C THR B 20 23.72 -14.03 10.25
N ILE B 21 22.49 -14.52 10.01
CA ILE B 21 21.32 -13.65 9.99
C ILE B 21 21.12 -12.98 11.35
N GLU B 22 21.16 -13.78 12.41
CA GLU B 22 21.00 -13.25 13.77
C GLU B 22 22.15 -12.33 14.21
N GLU B 23 23.28 -12.35 13.49
CA GLU B 23 24.38 -11.45 13.77
C GLU B 23 24.04 -10.12 13.10
N GLN B 24 23.59 -10.15 11.81
CA GLN B 24 23.18 -8.98 11.02
C GLN B 24 21.95 -8.24 11.62
N ALA B 25 21.03 -9.02 12.20
CA ALA B 25 19.82 -8.52 12.85
C ALA B 25 20.20 -7.69 14.07
N LYS B 26 21.17 -8.16 14.86
CA LYS B 26 21.70 -7.47 16.04
C LYS B 26 22.26 -6.11 15.60
N THR B 27 22.97 -6.08 14.47
CA THR B 27 23.57 -4.87 13.93
C THR B 27 22.51 -3.85 13.55
N PHE B 28 21.48 -4.29 12.78
CA PHE B 28 20.36 -3.49 12.30
C PHE B 28 19.63 -2.85 13.48
N LEU B 29 19.37 -3.64 14.52
CA LEU B 29 18.70 -3.16 15.71
C LEU B 29 19.46 -2.04 16.39
N ASP B 30 20.80 -1.98 16.25
CA ASP B 30 21.62 -0.92 16.84
C ASP B 30 21.27 0.39 16.21
N LYS B 31 21.33 0.43 14.86
CA LYS B 31 20.98 1.57 14.02
C LYS B 31 19.53 1.98 14.29
N PHE B 32 18.64 0.99 14.43
CA PHE B 32 17.24 1.24 14.69
C PHE B 32 17.04 1.89 16.05
N ASN B 33 17.65 1.34 17.10
CA ASN B 33 17.49 1.87 18.45
C ASN B 33 17.96 3.30 18.58
N HIS B 34 18.98 3.69 17.83
CA HIS B 34 19.49 5.04 17.89
C HIS B 34 18.53 6.00 17.20
N GLU B 35 18.02 5.61 16.04
CA GLU B 35 17.12 6.40 15.21
C GLU B 35 15.76 6.58 15.90
N ALA B 36 15.15 5.46 16.29
CA ALA B 36 13.85 5.41 16.94
C ALA B 36 13.86 6.25 18.21
N GLU B 37 14.91 6.11 19.05
CA GLU B 37 15.03 6.86 20.30
C GLU B 37 14.98 8.36 20.02
N ASP B 38 15.66 8.80 18.94
CA ASP B 38 15.70 10.20 18.49
C ASP B 38 14.34 10.73 18.02
N LEU B 39 13.78 10.14 16.95
CA LEU B 39 12.48 10.51 16.40
C LEU B 39 11.39 10.47 17.46
N PHE B 40 11.27 9.33 18.19
CA PHE B 40 10.29 9.17 19.24
C PHE B 40 10.38 10.30 20.26
N TYR B 41 11.61 10.78 20.54
CA TYR B 41 11.79 11.88 21.47
C TYR B 41 11.22 13.17 20.90
N GLN B 42 11.62 13.57 19.68
CA GLN B 42 11.17 14.80 18.99
C GLN B 42 9.65 14.83 18.84
N SER B 43 9.07 13.65 18.55
CA SER B 43 7.65 13.50 18.37
C SER B 43 6.97 13.65 19.71
N SER B 44 7.50 13.01 20.75
CA SER B 44 6.96 13.12 22.09
C SER B 44 7.03 14.54 22.63
N LEU B 45 8.07 15.27 22.26
CA LEU B 45 8.23 16.66 22.65
C LEU B 45 7.14 17.50 21.98
N ALA B 46 6.84 17.23 20.70
CA ALA B 46 5.76 17.92 19.99
C ALA B 46 4.41 17.66 20.69
N SER B 47 4.17 16.41 21.14
CA SER B 47 2.96 16.03 21.87
C SER B 47 2.88 16.70 23.22
N TRP B 48 4.02 16.88 23.88
CA TRP B 48 4.08 17.55 25.17
C TRP B 48 3.73 19.01 24.97
N ASN B 49 4.31 19.66 23.95
CA ASN B 49 4.05 21.06 23.70
C ASN B 49 2.61 21.36 23.38
N TYR B 50 1.91 20.44 22.70
CA TYR B 50 0.50 20.66 22.39
C TYR B 50 -0.37 20.41 23.63
N ASN B 51 -0.10 19.35 24.36
CA ASN B 51 -0.87 18.98 25.54
C ASN B 51 -0.71 19.95 26.70
N THR B 52 0.38 20.71 26.72
CA THR B 52 0.63 21.71 27.75
C THR B 52 0.26 23.12 27.26
N ASN B 53 0.24 23.35 25.94
CA ASN B 53 -0.05 24.66 25.35
C ASN B 53 -0.88 24.45 24.10
N ILE B 54 -2.21 24.37 24.27
CA ILE B 54 -3.13 24.05 23.17
C ILE B 54 -3.32 25.23 22.23
N THR B 55 -2.50 25.30 21.18
CA THR B 55 -2.61 26.34 20.15
C THR B 55 -2.56 25.69 18.77
N GLU B 56 -3.17 26.34 17.78
CA GLU B 56 -3.21 25.87 16.38
C GLU B 56 -1.82 25.55 15.79
N GLU B 57 -0.82 26.34 16.17
CA GLU B 57 0.56 26.14 15.73
C GLU B 57 1.09 24.82 16.30
N ASN B 58 0.84 24.57 17.60
CA ASN B 58 1.27 23.37 18.31
C ASN B 58 0.58 22.11 17.78
N VAL B 59 -0.68 22.24 17.31
CA VAL B 59 -1.39 21.10 16.73
C VAL B 59 -0.69 20.71 15.43
N GLN B 60 -0.39 21.73 14.60
CA GLN B 60 0.31 21.54 13.33
C GLN B 60 1.65 20.82 13.53
N ASN B 61 2.46 21.27 14.51
CA ASN B 61 3.75 20.65 14.77
C ASN B 61 3.65 19.25 15.37
N MET B 62 2.58 18.97 16.09
CA MET B 62 2.37 17.64 16.68
C MET B 62 2.11 16.60 15.57
N ASN B 63 1.30 17.00 14.57
CA ASN B 63 0.95 16.14 13.44
C ASN B 63 2.09 15.87 12.50
N ASN B 64 2.91 16.88 12.18
CA ASN B 64 4.06 16.68 11.31
C ASN B 64 5.05 15.66 11.87
N ALA B 65 5.18 15.64 13.21
CA ALA B 65 6.01 14.70 13.94
C ALA B 65 5.41 13.28 13.87
N GLY B 66 4.09 13.19 13.99
CA GLY B 66 3.39 11.92 13.87
C GLY B 66 3.54 11.32 12.48
N ASP B 67 3.55 12.18 11.46
CA ASP B 67 3.71 11.76 10.08
C ASP B 67 5.12 11.27 9.86
N LYS B 68 6.12 11.98 10.40
CA LYS B 68 7.53 11.58 10.28
C LYS B 68 7.74 10.22 10.97
N TRP B 69 7.24 10.06 12.19
CA TRP B 69 7.38 8.83 12.93
C TRP B 69 6.74 7.65 12.18
N SER B 70 5.56 7.87 11.58
CA SER B 70 4.88 6.80 10.86
C SER B 70 5.69 6.41 9.65
N ALA B 71 6.15 7.43 8.89
CA ALA B 71 6.95 7.23 7.70
C ALA B 71 8.23 6.45 8.02
N PHE B 72 8.85 6.78 9.15
CA PHE B 72 10.07 6.13 9.63
C PHE B 72 9.79 4.65 9.89
N LEU B 73 8.76 4.36 10.69
CA LEU B 73 8.43 2.98 11.03
C LEU B 73 8.00 2.16 9.84
N LYS B 74 7.42 2.82 8.82
CA LYS B 74 7.00 2.17 7.57
C LYS B 74 8.24 1.58 6.89
N GLU B 75 9.27 2.41 6.72
CA GLU B 75 10.55 2.08 6.12
C GLU B 75 11.25 1.00 6.93
N GLN B 76 11.30 1.19 8.26
CA GLN B 76 11.96 0.26 9.14
C GLN B 76 11.33 -1.11 9.20
N SER B 77 10.02 -1.19 8.97
CA SER B 77 9.32 -2.46 8.95
C SER B 77 9.72 -3.23 7.73
N THR B 78 9.74 -2.56 6.58
CA THR B 78 10.14 -3.16 5.29
C THR B 78 11.56 -3.74 5.37
N LEU B 79 12.45 -3.08 6.12
CA LEU B 79 13.83 -3.51 6.31
C LEU B 79 13.92 -4.65 7.31
N ALA B 80 13.15 -4.57 8.40
CA ALA B 80 13.11 -5.63 9.42
C ALA B 80 12.63 -6.94 8.79
N GLN B 81 11.62 -6.84 7.90
CA GLN B 81 11.02 -7.94 7.13
C GLN B 81 12.09 -8.82 6.49
N MET B 82 13.18 -8.16 6.02
CA MET B 82 14.32 -8.77 5.35
C MET B 82 15.22 -9.65 6.24
N TYR B 83 14.83 -9.86 7.50
CA TYR B 83 15.59 -10.71 8.40
C TYR B 83 14.67 -11.85 8.80
N PRO B 84 14.87 -13.04 8.21
CA PRO B 84 13.98 -14.18 8.54
C PRO B 84 14.03 -14.61 10.01
N LEU B 85 12.95 -14.36 10.77
CA LEU B 85 12.84 -14.71 12.20
C LEU B 85 13.28 -16.13 12.52
N GLN B 86 12.93 -17.07 11.65
CA GLN B 86 13.25 -18.49 11.76
C GLN B 86 14.76 -18.71 11.94
N GLU B 87 15.59 -17.87 11.30
CA GLU B 87 17.05 -17.96 11.40
C GLU B 87 17.64 -17.43 12.71
N ILE B 88 16.82 -16.73 13.52
CA ILE B 88 17.24 -16.12 14.78
C ILE B 88 17.04 -17.08 15.98
N GLN B 89 18.07 -17.23 16.82
CA GLN B 89 18.02 -18.07 18.00
C GLN B 89 17.79 -17.22 19.26
N ASN B 90 18.52 -16.11 19.41
CA ASN B 90 18.40 -15.22 20.56
C ASN B 90 16.98 -14.64 20.66
N LEU B 91 16.27 -14.93 21.77
CA LEU B 91 14.89 -14.56 22.03
C LEU B 91 14.63 -13.05 22.11
N THR B 92 15.44 -12.29 22.86
CA THR B 92 15.22 -10.83 22.96
C THR B 92 15.37 -10.14 21.61
N VAL B 93 16.29 -10.62 20.79
CA VAL B 93 16.51 -10.08 19.46
C VAL B 93 15.35 -10.49 18.54
N LYS B 94 14.94 -11.76 18.62
CA LYS B 94 13.85 -12.30 17.82
C LYS B 94 12.53 -11.59 18.14
N LEU B 95 12.29 -11.29 19.40
CA LEU B 95 11.08 -10.61 19.84
C LEU B 95 11.11 -9.13 19.44
N GLN B 96 12.29 -8.51 19.50
CA GLN B 96 12.46 -7.14 19.09
C GLN B 96 12.23 -7.02 17.58
N LEU B 97 12.73 -7.98 16.80
CA LEU B 97 12.55 -7.97 15.36
C LEU B 97 11.08 -8.17 15.02
N GLN B 98 10.41 -9.09 15.71
CA GLN B 98 9.00 -9.38 15.54
C GLN B 98 8.16 -8.12 15.74
N ALA B 99 8.43 -7.37 16.82
CA ALA B 99 7.75 -6.11 17.12
C ALA B 99 7.80 -5.13 15.94
N LEU B 100 8.98 -5.03 15.28
CA LEU B 100 9.30 -4.15 14.15
C LEU B 100 8.78 -4.69 12.80
N GLN B 101 8.65 -6.01 12.68
CA GLN B 101 8.15 -6.63 11.45
C GLN B 101 6.64 -6.54 11.27
N GLN B 102 5.89 -6.16 12.32
CA GLN B 102 4.45 -5.94 12.30
C GLN B 102 4.19 -4.80 11.30
N ASN B 103 3.28 -5.01 10.33
CA ASN B 103 3.01 -3.96 9.32
C ASN B 103 2.15 -2.82 9.88
N GLY B 104 1.00 -3.13 10.48
CA GLY B 104 0.14 -2.10 11.04
C GLY B 104 -0.54 -1.27 9.98
N SER B 105 -0.72 0.06 10.24
CA SER B 105 -1.38 0.98 9.29
C SER B 105 -0.84 0.88 7.86
N SER B 106 0.47 0.51 7.73
CA SER B 106 1.23 0.31 6.48
C SER B 106 0.71 -0.79 5.54
N VAL B 107 -0.13 -1.66 6.10
CA VAL B 107 -0.71 -2.77 5.36
C VAL B 107 -1.82 -2.30 4.38
N LEU B 108 -2.40 -1.11 4.63
CA LEU B 108 -3.41 -0.49 3.79
C LEU B 108 -2.74 0.45 2.78
N SER B 109 -3.50 0.86 1.76
CA SER B 109 -3.07 1.81 0.73
C SER B 109 -2.74 3.16 1.40
N GLU B 110 -1.95 4.03 0.73
CA GLU B 110 -1.63 5.35 1.30
C GLU B 110 -2.92 6.15 1.58
N ASP B 111 -3.83 6.21 0.60
CA ASP B 111 -5.10 6.93 0.71
C ASP B 111 -6.09 6.26 1.66
N LYS B 112 -6.01 4.92 1.82
CA LYS B 112 -6.86 4.18 2.76
C LYS B 112 -6.38 4.41 4.20
N SER B 113 -5.06 4.49 4.39
CA SER B 113 -4.45 4.80 5.68
C SER B 113 -4.69 6.28 6.03
N LYS B 114 -4.71 7.16 5.01
CA LYS B 114 -4.99 8.58 5.17
C LYS B 114 -6.46 8.77 5.59
N ARG B 115 -7.39 7.98 5.00
CA ARG B 115 -8.80 8.02 5.38
C ARG B 115 -8.95 7.54 6.80
N LEU B 116 -8.25 6.44 7.17
CA LEU B 116 -8.34 5.94 8.54
C LEU B 116 -7.90 6.98 9.55
N ASN B 117 -6.73 7.59 9.33
CA ASN B 117 -6.20 8.64 10.18
C ASN B 117 -7.16 9.83 10.23
N THR B 118 -7.87 10.14 9.13
CA THR B 118 -8.88 11.19 9.02
C THR B 118 -10.07 10.91 9.94
N ILE B 119 -10.69 9.69 9.83
CA ILE B 119 -11.83 9.31 10.64
C ILE B 119 -11.42 9.30 12.09
N LEU B 120 -10.27 8.68 12.40
CA LEU B 120 -9.73 8.64 13.76
C LEU B 120 -9.56 10.04 14.33
N ASN B 121 -9.09 10.98 13.51
CA ASN B 121 -8.91 12.36 13.95
C ASN B 121 -10.22 13.02 14.23
N THR B 122 -11.16 12.86 13.31
CA THR B 122 -12.47 13.46 13.38
C THR B 122 -13.22 13.01 14.61
N MET B 123 -13.42 11.70 14.87
CA MET B 123 -14.21 11.31 16.06
C MET B 123 -13.54 11.73 17.36
N SER B 124 -12.21 11.87 17.37
CA SER B 124 -11.46 12.38 18.51
C SER B 124 -11.91 13.84 18.73
N THR B 125 -11.79 14.69 17.68
CA THR B 125 -12.21 16.09 17.63
C THR B 125 -13.67 16.28 18.03
N ILE B 126 -14.59 15.46 17.52
CA ILE B 126 -16.00 15.55 17.88
C ILE B 126 -16.18 15.28 19.37
N TYR B 127 -15.40 14.35 19.93
CA TYR B 127 -15.52 14.04 21.36
C TYR B 127 -15.04 15.23 22.18
N SER B 128 -13.84 15.69 21.91
CA SER B 128 -13.24 16.79 22.67
C SER B 128 -13.82 18.18 22.41
N THR B 129 -14.57 18.38 21.32
CA THR B 129 -15.08 19.71 20.99
C THR B 129 -16.59 19.79 20.76
N GLY B 130 -17.28 18.68 20.87
CA GLY B 130 -18.73 18.64 20.69
C GLY B 130 -19.46 19.14 21.91
N LYS B 131 -20.20 20.23 21.73
CA LYS B 131 -20.97 20.87 22.80
C LYS B 131 -22.46 20.69 22.58
N VAL B 132 -23.25 20.75 23.67
CA VAL B 132 -24.70 20.61 23.56
C VAL B 132 -25.38 21.89 24.03
N CYS B 133 -26.05 22.59 23.11
CA CYS B 133 -26.73 23.85 23.43
C CYS B 133 -28.13 23.52 23.92
N ASN B 134 -28.53 24.06 25.09
CA ASN B 134 -29.85 23.70 25.64
C ASN B 134 -31.06 24.35 24.92
N PRO B 135 -32.23 23.67 24.97
CA PRO B 135 -33.43 24.24 24.35
C PRO B 135 -33.87 25.60 24.93
N ASP B 136 -33.18 26.08 25.98
CA ASP B 136 -33.47 27.39 26.57
C ASP B 136 -32.81 28.46 25.68
N ASN B 137 -31.49 28.32 25.42
CA ASN B 137 -30.76 29.26 24.59
C ASN B 137 -29.61 28.57 23.82
N PRO B 138 -29.66 28.60 22.47
CA PRO B 138 -28.59 27.95 21.67
C PRO B 138 -27.19 28.60 21.76
N GLN B 139 -27.07 29.83 22.27
CA GLN B 139 -25.75 30.45 22.50
C GLN B 139 -25.09 29.84 23.78
N GLU B 140 -25.92 29.29 24.71
CA GLU B 140 -25.57 28.66 25.98
C GLU B 140 -25.35 27.16 25.70
N CYS B 141 -24.10 26.75 25.43
CA CYS B 141 -23.82 25.33 25.16
C CYS B 141 -22.87 24.78 26.21
N LEU B 142 -23.01 23.50 26.52
CA LEU B 142 -22.14 22.83 27.49
C LEU B 142 -21.23 21.82 26.83
N LEU B 143 -19.93 21.89 27.13
CA LEU B 143 -18.99 20.90 26.62
C LEU B 143 -18.89 19.75 27.64
N LEU B 144 -18.54 18.51 27.20
CA LEU B 144 -18.45 17.39 28.14
C LEU B 144 -17.53 17.67 29.33
N GLU B 145 -16.37 18.28 29.05
CA GLU B 145 -15.45 18.68 30.10
C GLU B 145 -15.29 20.20 30.08
N PRO B 146 -15.67 20.90 31.17
CA PRO B 146 -16.17 20.37 32.44
C PRO B 146 -17.71 20.27 32.58
N GLY B 147 -18.41 21.11 31.81
CA GLY B 147 -19.86 21.30 31.81
C GLY B 147 -20.72 20.09 32.10
N LEU B 148 -20.76 19.17 31.16
CA LEU B 148 -21.60 17.98 31.29
C LEU B 148 -21.13 17.01 32.38
N ASN B 149 -19.82 16.79 32.46
CA ASN B 149 -19.22 15.93 33.46
C ASN B 149 -19.51 16.35 34.88
N GLU B 150 -19.63 17.66 35.11
CA GLU B 150 -19.93 18.23 36.41
C GLU B 150 -21.34 17.83 36.80
N ILE B 151 -22.29 17.99 35.87
CA ILE B 151 -23.69 17.62 36.11
C ILE B 151 -23.80 16.15 36.50
N MET B 152 -23.16 15.27 35.73
CA MET B 152 -23.23 13.84 35.97
C MET B 152 -22.57 13.39 37.24
N ALA B 153 -21.65 14.19 37.80
CA ALA B 153 -20.98 13.81 39.04
C ALA B 153 -21.48 14.54 40.26
N ASN B 154 -22.26 15.63 40.09
CA ASN B 154 -22.69 16.45 41.22
C ASN B 154 -24.18 16.68 41.33
N SER B 155 -24.89 16.65 40.18
CA SER B 155 -26.30 16.89 40.17
C SER B 155 -27.08 15.79 40.83
N LEU B 156 -28.00 16.22 41.69
CA LEU B 156 -28.95 15.34 42.33
C LEU B 156 -30.31 15.38 41.61
N ASP B 157 -30.56 16.40 40.73
CA ASP B 157 -31.81 16.53 40.01
C ASP B 157 -31.92 15.52 38.88
N TYR B 158 -32.87 14.57 39.06
CA TYR B 158 -33.18 13.46 38.15
C TYR B 158 -33.31 13.93 36.69
N ASN B 159 -34.07 15.04 36.47
CA ASN B 159 -34.28 15.58 35.15
C ASN B 159 -33.04 16.20 34.54
N GLU B 160 -32.24 16.90 35.36
CA GLU B 160 -31.00 17.53 34.88
C GLU B 160 -30.04 16.48 34.36
N ARG B 161 -29.88 15.40 35.15
CA ARG B 161 -29.01 14.27 34.81
C ARG B 161 -29.49 13.57 33.56
N LEU B 162 -30.80 13.43 33.40
CA LEU B 162 -31.37 12.79 32.23
C LEU B 162 -31.14 13.63 31.02
N TRP B 163 -31.33 14.97 31.13
CA TRP B 163 -31.09 15.90 30.02
C TRP B 163 -29.64 15.82 29.57
N ALA B 164 -28.70 15.78 30.52
CA ALA B 164 -27.28 15.74 30.19
C ALA B 164 -26.86 14.41 29.63
N TRP B 165 -27.44 13.31 30.10
CA TRP B 165 -27.12 11.97 29.62
C TRP B 165 -27.64 11.81 28.18
N GLU B 166 -28.91 12.19 27.95
CA GLU B 166 -29.57 12.02 26.68
C GLU B 166 -29.12 13.00 25.65
N SER B 167 -29.02 14.29 25.97
CA SER B 167 -28.58 15.28 24.98
C SER B 167 -27.09 15.09 24.55
N TRP B 168 -26.27 14.42 25.37
CA TRP B 168 -24.89 14.13 24.98
C TRP B 168 -24.89 13.00 23.91
N ARG B 169 -25.67 11.95 24.16
CA ARG B 169 -25.77 10.80 23.28
C ARG B 169 -26.52 11.11 22.00
N SER B 170 -27.49 12.04 22.05
CA SER B 170 -28.29 12.38 20.88
C SER B 170 -27.76 13.53 20.05
N GLU B 171 -26.58 14.05 20.37
CA GLU B 171 -26.03 15.18 19.61
C GLU B 171 -24.63 14.87 19.18
N VAL B 172 -23.77 14.46 20.13
CA VAL B 172 -22.39 14.14 19.82
C VAL B 172 -22.27 12.67 19.50
N GLY B 173 -22.95 11.82 20.27
CA GLY B 173 -22.95 10.39 20.00
C GLY B 173 -23.48 10.03 18.60
N LYS B 174 -24.56 10.75 18.16
CA LYS B 174 -25.19 10.54 16.88
C LYS B 174 -24.31 10.94 15.70
N GLN B 175 -23.39 11.89 15.89
CA GLN B 175 -22.43 12.31 14.86
C GLN B 175 -21.28 11.28 14.67
N LEU B 176 -20.97 10.53 15.73
CA LEU B 176 -19.94 9.54 15.69
C LEU B 176 -20.41 8.28 14.98
N ARG B 177 -21.71 7.95 15.08
CA ARG B 177 -22.29 6.73 14.50
C ARG B 177 -21.77 6.39 13.07
N PRO B 178 -21.82 7.29 12.05
CA PRO B 178 -21.33 6.90 10.71
C PRO B 178 -19.79 6.81 10.64
N LEU B 179 -19.09 7.58 11.48
CA LEU B 179 -17.64 7.49 11.53
C LEU B 179 -17.24 6.14 12.09
N TYR B 180 -17.93 5.67 13.12
CA TYR B 180 -17.61 4.41 13.75
C TYR B 180 -17.76 3.25 12.82
N GLU B 181 -18.80 3.27 11.99
CA GLU B 181 -19.03 2.21 11.01
C GLU B 181 -17.84 2.05 10.03
N GLU B 182 -17.30 3.19 9.54
CA GLU B 182 -16.15 3.21 8.64
C GLU B 182 -14.89 2.80 9.41
N TYR B 183 -14.75 3.24 10.66
CA TYR B 183 -13.62 2.90 11.52
C TYR B 183 -13.56 1.38 11.72
N VAL B 184 -14.71 0.73 11.97
CA VAL B 184 -14.76 -0.69 12.21
C VAL B 184 -14.31 -1.46 10.98
N VAL B 185 -14.84 -1.09 9.82
CA VAL B 185 -14.50 -1.75 8.56
C VAL B 185 -13.00 -1.56 8.17
N LEU B 186 -12.40 -0.40 8.49
CA LEU B 186 -11.00 -0.14 8.16
C LEU B 186 -10.06 -0.81 9.11
N LYS B 187 -10.42 -0.84 10.39
CA LYS B 187 -9.59 -1.51 11.39
C LYS B 187 -9.59 -3.02 11.12
N ASN B 188 -10.75 -3.58 10.79
CA ASN B 188 -10.85 -4.99 10.48
C ASN B 188 -9.99 -5.38 9.28
N GLU B 189 -9.94 -4.54 8.22
CA GLU B 189 -9.11 -4.79 7.02
C GLU B 189 -7.63 -4.76 7.35
N MET B 190 -7.24 -3.88 8.30
CA MET B 190 -5.87 -3.75 8.77
C MET B 190 -5.51 -5.05 9.49
N ALA B 191 -6.30 -5.43 10.50
CA ALA B 191 -6.13 -6.66 11.29
C ALA B 191 -6.01 -7.96 10.46
N ARG B 192 -6.70 -8.05 9.32
CA ARG B 192 -6.65 -9.23 8.49
C ARG B 192 -5.34 -9.36 7.77
N ALA B 193 -4.90 -8.31 7.04
CA ALA B 193 -3.61 -8.39 6.37
C ALA B 193 -2.43 -8.56 7.37
N ASN B 194 -2.70 -8.44 8.68
CA ASN B 194 -1.67 -8.67 9.69
C ASN B 194 -1.72 -10.10 10.28
N HIS B 195 -2.74 -10.89 9.87
CA HIS B 195 -3.06 -12.29 10.12
C HIS B 195 -3.85 -12.52 11.41
N TYR B 196 -4.68 -11.56 11.76
CA TYR B 196 -5.65 -11.69 12.83
C TYR B 196 -7.03 -11.83 12.15
N GLU B 197 -8.07 -12.29 12.89
CA GLU B 197 -9.39 -12.46 12.28
C GLU B 197 -10.14 -11.13 12.23
N ASP B 198 -10.09 -10.40 13.33
CA ASP B 198 -10.76 -9.11 13.48
C ASP B 198 -9.88 -8.16 14.30
N TYR B 199 -10.22 -6.86 14.35
CA TYR B 199 -9.49 -5.87 15.12
C TYR B 199 -9.52 -6.13 16.65
N GLY B 200 -10.50 -6.91 17.13
CA GLY B 200 -10.61 -7.31 18.52
C GLY B 200 -9.59 -8.38 18.81
N ASP B 201 -9.42 -9.33 17.88
CA ASP B 201 -8.39 -10.37 17.95
C ASP B 201 -6.99 -9.73 18.00
N TYR B 202 -6.81 -8.64 17.25
CA TYR B 202 -5.61 -7.84 17.20
C TYR B 202 -5.36 -7.24 18.59
N TRP B 203 -6.38 -6.65 19.22
CA TRP B 203 -6.27 -6.09 20.55
C TRP B 203 -5.90 -7.14 21.56
N ARG B 204 -6.49 -8.35 21.45
CA ARG B 204 -6.15 -9.47 22.31
C ARG B 204 -4.71 -10.00 22.13
N GLY B 205 -4.10 -9.67 21.00
CA GLY B 205 -2.72 -10.03 20.67
C GLY B 205 -1.72 -9.51 21.67
N ASP B 206 -2.07 -8.46 22.42
CA ASP B 206 -1.21 -7.90 23.45
C ASP B 206 -0.87 -8.97 24.51
N TYR B 207 -1.88 -9.74 24.94
CA TYR B 207 -1.74 -10.78 25.96
C TYR B 207 -1.09 -12.07 25.45
N GLU B 208 -1.10 -12.27 24.14
CA GLU B 208 -0.55 -13.45 23.48
C GLU B 208 0.93 -13.63 23.76
N VAL B 209 1.33 -14.86 24.11
CA VAL B 209 2.70 -15.27 24.37
C VAL B 209 2.97 -16.59 23.63
N ASN B 210 4.02 -16.63 22.80
CA ASN B 210 4.35 -17.84 22.04
C ASN B 210 5.83 -18.08 22.09
N GLY B 211 6.22 -19.34 22.01
CA GLY B 211 7.62 -19.73 22.04
C GLY B 211 8.03 -20.29 23.38
N VAL B 212 7.73 -19.56 24.46
CA VAL B 212 8.11 -19.99 25.80
C VAL B 212 7.19 -21.08 26.31
N ASP B 213 7.64 -22.36 26.28
CA ASP B 213 6.81 -23.46 26.77
C ASP B 213 6.54 -23.32 28.25
N GLY B 214 5.28 -23.51 28.63
CA GLY B 214 4.82 -23.37 30.01
C GLY B 214 4.28 -21.98 30.31
N TYR B 215 4.76 -20.98 29.57
CA TYR B 215 4.30 -19.61 29.74
C TYR B 215 3.52 -19.09 28.55
N ASP B 216 3.23 -19.93 27.54
CA ASP B 216 2.46 -19.58 26.35
C ASP B 216 1.08 -19.09 26.76
N TYR B 217 0.52 -18.17 25.97
CA TYR B 217 -0.82 -17.64 26.20
C TYR B 217 -1.47 -17.31 24.85
N SER B 218 -2.70 -17.77 24.60
CA SER B 218 -3.39 -17.50 23.32
C SER B 218 -4.38 -16.34 23.41
N ARG B 219 -4.57 -15.62 22.29
CA ARG B 219 -5.54 -14.52 22.25
C ARG B 219 -6.99 -15.01 22.59
N GLY B 220 -7.28 -16.27 22.31
CA GLY B 220 -8.58 -16.85 22.61
C GLY B 220 -8.77 -17.18 24.07
N GLN B 221 -7.68 -17.67 24.71
CA GLN B 221 -7.61 -18.01 26.14
C GLN B 221 -8.10 -16.82 27.00
N LEU B 222 -7.65 -15.59 26.64
CA LEU B 222 -8.05 -14.35 27.31
C LEU B 222 -9.58 -14.22 27.51
N ILE B 223 -10.39 -14.47 26.45
CA ILE B 223 -11.84 -14.37 26.58
C ILE B 223 -12.38 -15.43 27.58
N GLU B 224 -11.84 -16.65 27.52
CA GLU B 224 -12.23 -17.71 28.45
C GLU B 224 -11.90 -17.30 29.89
N ASP B 225 -10.69 -16.79 30.10
CA ASP B 225 -10.23 -16.36 31.40
C ASP B 225 -10.97 -15.16 31.97
N VAL B 226 -11.37 -14.22 31.14
CA VAL B 226 -12.13 -13.05 31.58
C VAL B 226 -13.56 -13.49 31.96
N GLU B 227 -14.14 -14.40 31.19
CA GLU B 227 -15.49 -14.91 31.43
C GLU B 227 -15.56 -15.81 32.65
N HIS B 228 -14.54 -16.63 32.91
CA HIS B 228 -14.55 -17.50 34.07
CA HIS B 228 -14.54 -17.50 34.08
C HIS B 228 -14.38 -16.67 35.34
N THR B 229 -13.41 -15.76 35.36
CA THR B 229 -13.20 -14.90 36.52
C THR B 229 -14.43 -14.02 36.77
N PHE B 230 -15.08 -13.53 35.70
CA PHE B 230 -16.28 -12.71 35.80
C PHE B 230 -17.44 -13.41 36.51
N GLU B 231 -17.67 -14.68 36.20
CA GLU B 231 -18.73 -15.44 36.87
C GLU B 231 -18.53 -15.54 38.39
N GLU B 232 -17.24 -15.44 38.84
CA GLU B 232 -16.88 -15.47 40.27
C GLU B 232 -17.14 -14.11 40.96
N ILE B 233 -17.11 -13.03 40.17
CA ILE B 233 -17.43 -11.67 40.59
C ILE B 233 -18.97 -11.49 40.68
N LYS B 234 -19.74 -12.19 39.83
CA LYS B 234 -21.20 -12.09 39.79
C LYS B 234 -21.88 -12.12 41.18
N PRO B 235 -21.52 -12.98 42.15
CA PRO B 235 -22.22 -12.94 43.45
C PRO B 235 -21.98 -11.64 44.22
N LEU B 236 -20.72 -11.18 44.28
CA LEU B 236 -20.40 -9.94 45.00
C LEU B 236 -21.05 -8.77 44.31
N TYR B 237 -20.95 -8.73 42.97
CA TYR B 237 -21.51 -7.63 42.21
C TYR B 237 -23.01 -7.56 42.35
N GLU B 238 -23.69 -8.72 42.30
CA GLU B 238 -25.14 -8.74 42.44
C GLU B 238 -25.58 -8.12 43.76
N HIS B 239 -24.75 -8.31 44.80
CA HIS B 239 -24.98 -7.79 46.12
C HIS B 239 -24.81 -6.29 46.18
N LEU B 240 -23.67 -5.79 45.67
CA LEU B 240 -23.44 -4.35 45.65
C LEU B 240 -24.51 -3.64 44.77
N HIS B 241 -24.89 -4.21 43.62
CA HIS B 241 -25.91 -3.62 42.75
C HIS B 241 -27.24 -3.50 43.53
N ALA B 242 -27.65 -4.58 44.19
CA ALA B 242 -28.91 -4.61 44.95
C ALA B 242 -28.89 -3.66 46.15
N TYR B 243 -27.72 -3.49 46.75
CA TYR B 243 -27.56 -2.59 47.87
C TYR B 243 -27.72 -1.14 47.36
N VAL B 244 -27.02 -0.82 46.27
CA VAL B 244 -27.03 0.50 45.67
C VAL B 244 -28.42 0.86 45.17
N ARG B 245 -29.11 -0.10 44.55
CA ARG B 245 -30.48 0.08 44.08
C ARG B 245 -31.42 0.41 45.24
N ALA B 246 -31.18 -0.18 46.42
CA ALA B 246 -31.96 0.11 47.61
C ALA B 246 -31.70 1.56 48.07
N LYS B 247 -30.43 1.98 48.16
CA LYS B 247 -30.11 3.37 48.54
C LYS B 247 -30.66 4.41 47.56
N LEU B 248 -30.49 4.18 46.25
CA LEU B 248 -31.01 5.05 45.20
C LEU B 248 -32.55 5.10 45.21
N MET B 249 -33.18 3.97 45.50
CA MET B 249 -34.64 3.86 45.57
C MET B 249 -35.21 4.72 46.68
N ASN B 250 -34.43 4.95 47.75
CA ASN B 250 -34.89 5.78 48.86
C ASN B 250 -34.86 7.23 48.37
N ALA B 251 -33.73 7.65 47.76
CA ALA B 251 -33.52 9.01 47.24
C ALA B 251 -34.52 9.41 46.13
N TYR B 252 -34.69 8.59 45.09
CA TYR B 252 -35.64 8.84 44.00
C TYR B 252 -36.60 7.70 44.12
N PRO B 253 -37.69 7.88 44.88
CA PRO B 253 -38.58 6.74 45.15
C PRO B 253 -39.45 6.33 43.97
N SER B 254 -39.98 7.33 43.29
CA SER B 254 -40.88 7.14 42.19
C SER B 254 -40.20 7.04 40.84
N TYR B 255 -38.95 6.55 40.80
CA TYR B 255 -38.20 6.41 39.56
C TYR B 255 -37.46 5.10 39.41
N ILE B 256 -37.23 4.39 40.54
CA ILE B 256 -36.49 3.14 40.54
C ILE B 256 -37.37 1.98 40.98
N SER B 257 -37.27 0.83 40.29
CA SER B 257 -38.02 -0.36 40.65
C SER B 257 -37.21 -1.27 41.56
N PRO B 258 -37.83 -1.78 42.63
CA PRO B 258 -37.09 -2.67 43.54
C PRO B 258 -36.58 -3.99 42.97
N ILE B 259 -37.09 -4.37 41.79
CA ILE B 259 -36.66 -5.59 41.13
C ILE B 259 -36.02 -5.37 39.75
N GLY B 260 -35.98 -4.12 39.27
CA GLY B 260 -35.43 -3.82 37.96
C GLY B 260 -33.98 -3.36 37.92
N CYS B 261 -33.54 -2.87 36.75
CA CYS B 261 -32.19 -2.35 36.50
C CYS B 261 -32.04 -0.93 37.09
N LEU B 262 -30.81 -0.42 37.14
CA LEU B 262 -30.55 0.93 37.60
C LEU B 262 -30.48 1.88 36.39
N PRO B 263 -31.25 2.98 36.37
CA PRO B 263 -31.20 3.87 35.19
C PRO B 263 -29.81 4.44 34.98
N ALA B 264 -29.34 4.33 33.74
CA ALA B 264 -28.03 4.76 33.31
C ALA B 264 -27.66 6.18 33.70
N HIS B 265 -28.63 7.12 33.70
CA HIS B 265 -28.36 8.52 34.05
C HIS B 265 -28.20 8.78 35.56
N LEU B 266 -28.41 7.77 36.39
CA LEU B 266 -28.34 7.90 37.84
C LEU B 266 -27.16 7.13 38.45
N LEU B 267 -26.02 7.11 37.76
CA LEU B 267 -24.89 6.28 38.24
C LEU B 267 -23.60 7.03 38.65
N GLY B 268 -23.66 8.35 38.85
CA GLY B 268 -22.51 9.10 39.32
C GLY B 268 -21.58 9.68 38.27
N ASP B 269 -21.62 9.14 37.04
CA ASP B 269 -20.82 9.71 35.96
C ASP B 269 -21.55 9.55 34.62
N MET B 270 -21.09 10.26 33.58
CA MET B 270 -21.71 10.28 32.26
C MET B 270 -22.09 8.90 31.68
N TRP B 271 -21.32 7.85 31.98
CA TRP B 271 -21.60 6.51 31.47
C TRP B 271 -21.76 5.45 32.55
N GLY B 272 -21.60 5.82 33.81
CA GLY B 272 -21.66 4.87 34.92
C GLY B 272 -20.47 3.91 34.92
N ARG B 273 -19.35 4.34 34.30
CA ARG B 273 -18.09 3.60 34.26
C ARG B 273 -17.53 3.39 35.67
N PHE B 274 -17.80 4.33 36.57
CA PHE B 274 -17.40 4.27 37.95
C PHE B 274 -18.60 4.71 38.81
N TRP B 275 -18.99 3.88 39.79
CA TRP B 275 -20.10 4.24 40.67
C TRP B 275 -19.64 5.10 41.89
N THR B 276 -18.36 5.52 41.93
CA THR B 276 -17.75 6.25 43.04
C THR B 276 -18.52 7.45 43.53
N ASN B 277 -19.09 8.24 42.61
CA ASN B 277 -19.84 9.44 43.01
C ASN B 277 -21.15 9.13 43.71
N LEU B 278 -21.64 7.89 43.61
CA LEU B 278 -22.86 7.48 44.32
C LEU B 278 -22.63 7.35 45.83
N TYR B 279 -21.37 7.37 46.33
CA TYR B 279 -21.00 7.26 47.75
C TYR B 279 -21.80 8.19 48.62
N SER B 280 -21.96 9.44 48.19
CA SER B 280 -22.76 10.46 48.86
C SER B 280 -24.17 9.92 49.26
N LEU B 281 -24.80 9.15 48.36
CA LEU B 281 -26.12 8.60 48.57
C LEU B 281 -26.14 7.15 49.00
N THR B 282 -24.99 6.48 49.16
CA THR B 282 -24.98 5.06 49.54
C THR B 282 -24.16 4.73 50.78
N VAL B 283 -23.47 5.72 51.36
CA VAL B 283 -22.62 5.54 52.54
C VAL B 283 -23.34 4.80 53.68
N PRO B 284 -22.78 3.66 54.14
CA PRO B 284 -23.42 2.91 55.22
C PRO B 284 -23.46 3.73 56.51
N PHE B 285 -22.31 4.26 56.98
CA PHE B 285 -22.28 4.99 58.25
C PHE B 285 -21.96 6.46 58.08
N GLY B 286 -23.02 7.25 57.92
CA GLY B 286 -22.94 8.69 57.66
C GLY B 286 -22.43 9.57 58.78
N GLN B 287 -22.64 9.14 60.03
CA GLN B 287 -22.18 9.93 61.17
C GLN B 287 -20.70 9.70 61.48
N LYS B 288 -20.15 8.52 61.11
CA LYS B 288 -18.73 8.23 61.33
C LYS B 288 -17.86 9.04 60.37
N PRO B 289 -16.85 9.74 60.93
CA PRO B 289 -16.02 10.65 60.12
C PRO B 289 -15.36 10.02 58.91
N ASN B 290 -15.46 10.73 57.78
CA ASN B 290 -14.89 10.31 56.51
C ASN B 290 -13.45 10.74 56.57
N ILE B 291 -12.57 9.81 56.21
CA ILE B 291 -11.13 9.98 56.17
C ILE B 291 -10.63 10.82 54.99
N ASP B 292 -11.43 11.79 54.53
CA ASP B 292 -11.06 12.68 53.44
C ASP B 292 -10.09 13.71 54.01
N VAL B 293 -8.80 13.42 53.86
CA VAL B 293 -7.77 14.28 54.38
C VAL B 293 -7.61 15.59 53.63
N THR B 294 -8.53 15.93 52.71
CA THR B 294 -8.46 17.18 51.96
C THR B 294 -8.27 18.41 52.85
N ASP B 295 -9.09 18.51 53.91
CA ASP B 295 -9.08 19.61 54.86
C ASP B 295 -7.78 19.65 55.62
N ALA B 296 -7.24 18.49 56.01
CA ALA B 296 -5.98 18.39 56.74
C ALA B 296 -4.82 18.92 55.92
N MET B 297 -4.83 18.67 54.59
CA MET B 297 -3.80 19.18 53.69
C MET B 297 -3.90 20.70 53.61
N VAL B 298 -5.12 21.24 53.52
CA VAL B 298 -5.34 22.68 53.46
C VAL B 298 -4.96 23.36 54.79
N ASP B 299 -5.20 22.69 55.91
CA ASP B 299 -4.84 23.20 57.23
C ASP B 299 -3.33 23.13 57.47
N GLN B 300 -2.65 22.14 56.88
CA GLN B 300 -1.18 22.04 56.99
C GLN B 300 -0.43 22.80 55.88
N ALA B 301 -1.17 23.62 55.06
CA ALA B 301 -0.65 24.45 53.96
C ALA B 301 0.06 23.62 52.90
N TRP B 302 -0.63 22.59 52.42
CA TRP B 302 -0.07 21.70 51.40
C TRP B 302 -0.31 22.28 50.01
N ASP B 303 0.65 22.07 49.12
CA ASP B 303 0.54 22.54 47.75
C ASP B 303 0.83 21.38 46.78
N ALA B 304 0.72 21.64 45.46
CA ALA B 304 0.99 20.61 44.45
C ALA B 304 2.38 20.01 44.59
N GLN B 305 3.35 20.79 45.02
CA GLN B 305 4.72 20.37 45.20
C GLN B 305 4.87 19.40 46.39
N ARG B 306 4.22 19.69 47.54
CA ARG B 306 4.27 18.83 48.73
C ARG B 306 3.63 17.48 48.47
N ILE B 307 2.59 17.45 47.63
CA ILE B 307 1.92 16.22 47.24
C ILE B 307 2.91 15.32 46.49
N PHE B 308 3.57 15.86 45.45
CA PHE B 308 4.53 15.08 44.68
C PHE B 308 5.78 14.73 45.45
N LYS B 309 6.16 15.56 46.43
CA LYS B 309 7.30 15.25 47.29
C LYS B 309 6.96 14.15 48.31
N GLU B 310 5.67 14.03 48.69
CA GLU B 310 5.20 12.99 49.59
C GLU B 310 5.08 11.65 48.89
N ALA B 311 4.71 11.67 47.61
CA ALA B 311 4.64 10.47 46.80
C ALA B 311 6.07 9.94 46.58
N GLU B 312 7.04 10.84 46.32
CA GLU B 312 8.45 10.50 46.13
C GLU B 312 9.00 9.77 47.37
N LYS B 313 8.64 10.27 48.56
CA LYS B 313 9.03 9.70 49.86
C LYS B 313 8.57 8.25 49.95
N PHE B 314 7.32 8.00 49.48
CA PHE B 314 6.70 6.68 49.45
C PHE B 314 7.58 5.73 48.60
N PHE B 315 7.87 6.07 47.35
CA PHE B 315 8.69 5.20 46.50
C PHE B 315 10.15 5.05 47.01
N VAL B 316 10.68 6.03 47.72
CA VAL B 316 12.02 5.91 48.28
C VAL B 316 12.00 4.86 49.38
N SER B 317 10.96 4.92 50.24
CA SER B 317 10.80 4.03 51.38
C SER B 317 10.72 2.54 51.03
N VAL B 318 10.34 2.20 49.79
CA VAL B 318 10.33 0.80 49.36
C VAL B 318 11.65 0.41 48.60
N GLY B 319 12.68 1.24 48.72
CA GLY B 319 13.98 1.03 48.12
C GLY B 319 14.18 1.52 46.69
N LEU B 320 13.21 2.31 46.15
CA LEU B 320 13.24 2.79 44.76
C LEU B 320 13.81 4.21 44.58
N PRO B 321 14.23 4.55 43.33
CA PRO B 321 14.88 5.83 43.09
C PRO B 321 14.05 7.08 43.29
N ASN B 322 14.75 8.16 43.64
CA ASN B 322 14.15 9.47 43.78
C ASN B 322 13.78 9.97 42.37
N MET B 323 12.76 10.84 42.27
CA MET B 323 12.37 11.44 41.00
C MET B 323 13.56 12.23 40.42
N THR B 324 13.77 12.11 39.11
CA THR B 324 14.91 12.76 38.48
C THR B 324 14.81 14.29 38.55
N GLN B 325 15.96 14.97 38.53
CA GLN B 325 15.99 16.43 38.58
C GLN B 325 15.22 17.05 37.40
N GLY B 326 15.24 16.39 36.24
CA GLY B 326 14.50 16.81 35.06
C GLY B 326 13.00 16.69 35.23
N PHE B 327 12.53 15.71 36.04
CA PHE B 327 11.10 15.55 36.34
C PHE B 327 10.59 16.82 37.05
N TRP B 328 11.39 17.37 37.96
CA TRP B 328 11.00 18.53 38.71
C TRP B 328 10.93 19.79 37.87
N GLU B 329 11.87 19.96 36.94
CA GLU B 329 11.90 21.16 36.12
C GLU B 329 11.00 21.08 34.89
N ASN B 330 10.85 19.89 34.30
CA ASN B 330 10.13 19.73 33.03
C ASN B 330 8.68 19.35 33.15
N SER B 331 8.27 18.76 34.28
CA SER B 331 6.86 18.39 34.45
C SER B 331 5.99 19.62 34.63
N MET B 332 4.73 19.49 34.29
CA MET B 332 3.74 20.50 34.57
C MET B 332 2.80 19.85 35.60
N LEU B 333 3.03 20.14 36.89
CA LEU B 333 2.25 19.57 37.97
C LEU B 333 1.19 20.51 38.53
N THR B 334 0.78 21.52 37.74
CA THR B 334 -0.20 22.52 38.13
C THR B 334 -0.77 23.12 36.86
N ASP B 335 -2.06 23.48 36.88
CA ASP B 335 -2.77 24.17 35.78
C ASP B 335 -2.00 25.47 35.45
N PRO B 336 -1.68 25.74 34.17
CA PRO B 336 -0.89 26.94 33.84
C PRO B 336 -1.67 28.27 33.84
N GLY B 337 -2.15 28.70 35.03
CA GLY B 337 -2.95 29.91 35.28
C GLY B 337 -4.07 30.26 34.30
N ASN B 338 -4.60 29.21 33.58
CA ASN B 338 -5.59 29.14 32.46
C ASN B 338 -5.21 30.00 31.23
N VAL B 339 -4.47 31.12 31.37
CA VAL B 339 -4.00 31.95 30.23
C VAL B 339 -3.82 31.12 28.87
N GLN B 340 -2.89 30.14 28.91
CA GLN B 340 -2.63 29.14 27.90
C GLN B 340 -3.36 27.86 28.34
N LYS B 341 -4.15 27.27 27.44
CA LYS B 341 -4.93 26.08 27.75
C LYS B 341 -4.11 24.81 27.74
N ALA B 342 -4.50 23.83 28.54
CA ALA B 342 -3.79 22.57 28.65
C ALA B 342 -4.73 21.41 28.94
N VAL B 343 -4.48 20.24 28.34
CA VAL B 343 -5.22 18.99 28.58
C VAL B 343 -4.99 18.62 30.06
N CYS B 344 -6.05 18.62 30.90
CA CYS B 344 -5.83 18.39 32.33
C CYS B 344 -6.04 16.95 32.79
N HIS B 345 -5.98 15.99 31.86
N HIS B 345 -6.00 15.98 31.85
CA HIS B 345 -6.07 14.56 32.17
CA HIS B 345 -6.10 14.55 32.17
C HIS B 345 -4.71 14.14 32.72
C HIS B 345 -4.71 14.13 32.71
N PRO B 346 -4.67 13.60 33.94
CA PRO B 346 -3.39 13.23 34.54
C PRO B 346 -2.64 12.18 33.74
N THR B 347 -1.43 12.52 33.26
CA THR B 347 -0.64 11.56 32.50
C THR B 347 0.81 11.47 33.01
N ALA B 348 1.45 10.31 32.73
CA ALA B 348 2.85 10.04 33.05
C ALA B 348 3.59 9.83 31.70
N TRP B 349 4.46 10.80 31.34
CA TRP B 349 5.20 10.80 30.10
C TRP B 349 6.60 10.24 30.25
N ASP B 350 7.05 9.52 29.23
CA ASP B 350 8.35 8.91 29.16
C ASP B 350 8.81 9.13 27.72
N LEU B 351 9.42 10.26 27.49
CA LEU B 351 9.85 10.67 26.15
C LEU B 351 11.10 9.94 25.63
N GLY B 352 11.78 9.21 26.50
CA GLY B 352 13.04 8.58 26.13
C GLY B 352 14.19 9.52 26.49
N LYS B 353 15.44 9.06 26.30
CA LYS B 353 16.64 9.83 26.64
C LYS B 353 16.63 10.31 28.10
N GLY B 354 16.07 9.50 29.00
CA GLY B 354 15.97 9.86 30.41
C GLY B 354 14.94 10.94 30.74
N ASP B 355 14.08 11.33 29.77
CA ASP B 355 13.06 12.34 30.01
C ASP B 355 11.78 11.77 30.54
N PHE B 356 11.46 12.08 31.81
CA PHE B 356 10.23 11.65 32.49
C PHE B 356 9.46 12.86 33.04
N ARG B 357 8.22 13.02 32.63
CA ARG B 357 7.40 14.13 33.09
C ARG B 357 6.01 13.64 33.53
N ILE B 358 5.30 14.45 34.31
CA ILE B 358 3.92 14.17 34.68
C ILE B 358 3.14 15.42 34.29
N LEU B 359 2.01 15.24 33.58
CA LEU B 359 1.13 16.35 33.25
C LEU B 359 -0.12 16.19 34.13
N MET B 360 -0.28 17.08 35.10
CA MET B 360 -1.36 17.03 36.06
C MET B 360 -1.76 18.44 36.56
N CYS B 361 -3.03 18.86 36.39
CA CYS B 361 -3.46 20.19 36.84
C CYS B 361 -3.90 20.17 38.31
N THR B 362 -3.02 19.66 39.17
CA THR B 362 -3.18 19.40 40.61
C THR B 362 -3.83 20.48 41.48
N LYS B 363 -4.79 20.03 42.32
CA LYS B 363 -5.51 20.77 43.37
C LYS B 363 -5.20 20.10 44.73
N VAL B 364 -5.37 20.83 45.83
CA VAL B 364 -5.06 20.28 47.15
C VAL B 364 -6.24 19.47 47.69
N THR B 365 -6.40 18.27 47.13
CA THR B 365 -7.45 17.32 47.49
C THR B 365 -6.82 15.94 47.75
N MET B 366 -7.56 15.06 48.45
CA MET B 366 -7.09 13.70 48.72
C MET B 366 -7.10 12.85 47.44
N ASP B 367 -8.04 13.12 46.53
CA ASP B 367 -8.22 12.45 45.25
C ASP B 367 -7.03 12.74 44.33
N ASP B 368 -6.55 13.98 44.33
CA ASP B 368 -5.39 14.38 43.55
C ASP B 368 -4.11 13.80 44.18
N PHE B 369 -4.06 13.74 45.53
CA PHE B 369 -2.95 13.18 46.31
C PHE B 369 -2.77 11.71 45.97
N LEU B 370 -3.89 10.98 45.86
CA LEU B 370 -3.86 9.57 45.50
C LEU B 370 -3.51 9.38 44.03
N THR B 371 -3.92 10.32 43.15
CA THR B 371 -3.57 10.32 41.72
C THR B 371 -2.09 10.58 41.52
N ALA B 372 -1.47 11.35 42.43
CA ALA B 372 -0.03 11.59 42.36
C ALA B 372 0.72 10.27 42.51
N HIS B 373 0.26 9.39 43.43
CA HIS B 373 0.87 8.08 43.62
C HIS B 373 0.71 7.21 42.39
N HIS B 374 -0.50 7.15 41.81
CA HIS B 374 -0.74 6.37 40.61
C HIS B 374 0.19 6.77 39.45
N GLU B 375 0.15 8.05 39.03
CA GLU B 375 0.97 8.52 37.92
C GLU B 375 2.47 8.43 38.22
N MET B 376 2.87 8.69 39.47
CA MET B 376 4.28 8.54 39.83
C MET B 376 4.73 7.05 39.81
N GLY B 377 3.80 6.14 40.02
CA GLY B 377 4.06 4.72 39.92
C GLY B 377 4.34 4.35 38.49
N HIS B 378 3.64 5.00 37.55
CA HIS B 378 3.87 4.78 36.13
C HIS B 378 5.28 5.23 35.77
N ILE B 379 5.71 6.41 36.26
CA ILE B 379 7.06 6.95 36.05
C ILE B 379 8.14 6.03 36.66
N GLN B 380 7.81 5.37 37.79
CA GLN B 380 8.67 4.41 38.43
C GLN B 380 8.81 3.17 37.57
N TYR B 381 7.73 2.73 36.95
CA TYR B 381 7.77 1.58 36.06
C TYR B 381 8.61 1.98 34.81
N ASP B 382 8.36 3.18 34.26
CA ASP B 382 9.07 3.74 33.12
C ASP B 382 10.60 3.77 33.35
N MET B 383 11.02 4.25 34.51
CA MET B 383 12.43 4.34 34.89
C MET B 383 13.08 2.96 35.02
N ALA B 384 12.35 2.00 35.58
CA ALA B 384 12.82 0.63 35.80
C ALA B 384 13.10 -0.10 34.47
N TYR B 385 12.17 -0.03 33.49
CA TYR B 385 12.43 -0.69 32.21
C TYR B 385 13.18 0.21 31.21
N ALA B 386 13.47 1.47 31.56
CA ALA B 386 14.21 2.39 30.67
C ALA B 386 15.61 1.87 30.29
N ALA B 387 16.14 0.90 31.07
CA ALA B 387 17.40 0.23 30.84
C ALA B 387 17.33 -0.75 29.65
N GLN B 388 16.12 -1.21 29.26
CA GLN B 388 15.88 -2.16 28.18
C GLN B 388 16.12 -1.56 26.79
N PRO B 389 16.26 -2.37 25.71
CA PRO B 389 16.35 -1.75 24.36
C PRO B 389 15.03 -1.04 24.02
N PHE B 390 15.10 0.02 23.22
CA PHE B 390 13.95 0.84 22.84
C PHE B 390 12.57 0.11 22.71
N LEU B 391 12.49 -0.86 21.77
CA LEU B 391 11.25 -1.54 21.45
C LEU B 391 10.66 -2.39 22.56
N LEU B 392 11.44 -2.73 23.60
CA LEU B 392 10.90 -3.52 24.71
C LEU B 392 10.53 -2.68 25.95
N ARG B 393 10.59 -1.34 25.87
CA ARG B 393 10.31 -0.49 27.01
C ARG B 393 8.85 -0.22 27.18
N ASN B 394 8.11 -1.25 27.58
CA ASN B 394 6.66 -1.18 27.84
C ASN B 394 6.28 -2.20 28.91
N GLY B 395 5.11 -2.05 29.54
CA GLY B 395 4.64 -3.00 30.54
C GLY B 395 4.59 -4.41 29.99
N ALA B 396 4.71 -5.43 30.88
CA ALA B 396 4.69 -6.84 30.45
C ALA B 396 3.51 -7.15 29.56
N ASN B 397 2.38 -6.53 29.89
CA ASN B 397 1.17 -6.43 29.14
C ASN B 397 0.48 -5.08 29.47
N GLU B 398 -0.57 -4.73 28.71
CA GLU B 398 -1.23 -3.45 28.89
C GLU B 398 -1.81 -3.27 30.32
N GLY B 399 -2.13 -4.37 30.98
CA GLY B 399 -2.67 -4.32 32.33
C GLY B 399 -1.63 -4.09 33.39
N PHE B 400 -0.45 -4.65 33.18
CA PHE B 400 0.63 -4.52 34.13
C PHE B 400 0.92 -3.06 34.47
N HIS B 401 0.96 -2.18 33.45
CA HIS B 401 1.22 -0.77 33.73
C HIS B 401 0.14 -0.16 34.60
N GLU B 402 -1.15 -0.40 34.28
CA GLU B 402 -2.22 0.23 35.06
C GLU B 402 -2.40 -0.35 36.45
N ALA B 403 -2.08 -1.65 36.63
CA ALA B 403 -2.15 -2.29 37.94
C ALA B 403 -1.05 -1.76 38.87
N VAL B 404 0.13 -1.47 38.30
CA VAL B 404 1.27 -0.96 39.06
C VAL B 404 0.93 0.38 39.71
N GLY B 405 0.44 1.33 38.92
CA GLY B 405 0.05 2.64 39.43
C GLY B 405 -1.04 2.56 40.49
N GLU B 406 -1.99 1.65 40.27
CA GLU B 406 -3.11 1.48 41.18
C GLU B 406 -2.73 0.92 42.55
N ILE B 407 -1.82 -0.07 42.64
CA ILE B 407 -1.43 -0.60 43.97
C ILE B 407 -0.77 0.45 44.87
N MET B 408 -0.30 1.54 44.28
CA MET B 408 0.32 2.61 45.05
C MET B 408 -0.79 3.38 45.70
N SER B 409 -1.81 3.80 44.90
CA SER B 409 -2.92 4.54 45.48
C SER B 409 -3.69 3.71 46.51
N LEU B 410 -3.61 2.37 46.43
CA LEU B 410 -4.22 1.48 47.42
C LEU B 410 -3.52 1.69 48.75
N SER B 411 -2.19 1.51 48.80
CA SER B 411 -1.41 1.69 50.02
C SER B 411 -1.50 3.11 50.58
N ALA B 412 -1.56 4.12 49.69
CA ALA B 412 -1.62 5.52 50.11
C ALA B 412 -2.97 5.89 50.78
N ALA B 413 -4.05 5.24 50.37
CA ALA B 413 -5.37 5.52 50.91
C ALA B 413 -5.66 4.87 52.27
N THR B 414 -4.81 3.93 52.72
CA THR B 414 -5.02 3.27 54.01
C THR B 414 -4.89 4.29 55.14
N PRO B 415 -5.78 4.20 56.14
CA PRO B 415 -5.72 5.14 57.27
C PRO B 415 -4.41 5.01 58.03
N LYS B 416 -3.81 3.80 58.05
CA LYS B 416 -2.51 3.50 58.66
C LYS B 416 -1.45 4.41 58.03
N HIS B 417 -1.44 4.47 56.69
CA HIS B 417 -0.51 5.30 55.93
C HIS B 417 -0.74 6.78 56.25
N LEU B 418 -2.00 7.22 56.14
CA LEU B 418 -2.39 8.61 56.40
C LEU B 418 -1.95 9.08 57.77
N LYS B 419 -2.11 8.22 58.80
CA LYS B 419 -1.68 8.55 60.16
C LYS B 419 -0.19 8.80 60.18
N SER B 420 0.59 7.87 59.56
CA SER B 420 2.05 7.93 59.46
C SER B 420 2.56 9.18 58.77
N ILE B 421 1.87 9.66 57.74
CA ILE B 421 2.28 10.86 57.02
C ILE B 421 1.75 12.16 57.68
N GLY B 422 1.02 12.04 58.79
CA GLY B 422 0.47 13.18 59.53
C GLY B 422 -0.85 13.74 59.04
N LEU B 423 -1.54 13.01 58.15
CA LEU B 423 -2.83 13.48 57.63
C LEU B 423 -4.07 13.00 58.43
N LEU B 424 -3.89 11.97 59.26
CA LEU B 424 -4.95 11.48 60.12
C LEU B 424 -4.47 11.44 61.57
N SER B 425 -5.23 12.03 62.49
CA SER B 425 -4.86 12.05 63.90
C SER B 425 -4.64 10.65 64.45
N PRO B 426 -3.56 10.44 65.22
CA PRO B 426 -3.34 9.11 65.82
C PRO B 426 -4.45 8.68 66.79
N ASP B 427 -5.37 9.59 67.11
CA ASP B 427 -6.52 9.28 67.96
C ASP B 427 -7.78 9.02 67.13
N PHE B 428 -7.59 8.40 65.94
CA PHE B 428 -8.64 8.00 65.01
C PHE B 428 -9.11 6.56 65.35
N GLN B 429 -10.42 6.38 65.52
CA GLN B 429 -10.97 5.04 65.78
C GLN B 429 -11.21 4.35 64.47
N GLU B 430 -10.45 3.29 64.19
CA GLU B 430 -10.62 2.55 62.95
C GLU B 430 -11.54 1.34 63.13
N ASP B 431 -12.70 1.57 63.74
CA ASP B 431 -13.70 0.54 63.96
C ASP B 431 -14.24 -0.07 62.65
N ASN B 432 -15.05 -1.14 62.74
CA ASN B 432 -15.59 -1.81 61.56
C ASN B 432 -16.47 -0.90 60.71
N GLU B 433 -17.08 0.14 61.31
CA GLU B 433 -17.92 1.06 60.56
C GLU B 433 -17.10 1.90 59.59
N THR B 434 -15.91 2.34 60.03
CA THR B 434 -15.03 3.08 59.14
C THR B 434 -14.55 2.15 58.04
N GLU B 435 -14.14 0.92 58.41
CA GLU B 435 -13.70 -0.09 57.45
C GLU B 435 -14.75 -0.36 56.36
N ILE B 436 -16.06 -0.32 56.72
CA ILE B 436 -17.18 -0.55 55.79
C ILE B 436 -17.41 0.66 54.92
N ASN B 437 -17.26 1.87 55.47
CA ASN B 437 -17.37 3.10 54.68
C ASN B 437 -16.25 3.12 53.61
N PHE B 438 -15.05 2.77 54.03
CA PHE B 438 -13.91 2.72 53.13
C PHE B 438 -14.11 1.68 52.04
N LEU B 439 -14.45 0.45 52.42
CA LEU B 439 -14.61 -0.67 51.49
C LEU B 439 -15.75 -0.51 50.52
N LEU B 440 -16.80 0.21 50.92
CA LEU B 440 -17.90 0.47 50.01
C LEU B 440 -17.45 1.48 48.98
N LYS B 441 -16.76 2.56 49.42
CA LYS B 441 -16.24 3.56 48.47
C LYS B 441 -15.28 2.91 47.46
N GLN B 442 -14.52 1.90 47.92
CA GLN B 442 -13.62 1.16 47.08
C GLN B 442 -14.43 0.30 46.12
N ALA B 443 -15.43 -0.43 46.62
CA ALA B 443 -16.27 -1.29 45.82
C ALA B 443 -16.97 -0.54 44.71
N LEU B 444 -17.40 0.68 45.00
CA LEU B 444 -18.08 1.54 44.04
C LEU B 444 -17.20 1.85 42.83
N THR B 445 -15.91 2.05 43.07
CA THR B 445 -14.97 2.29 41.99
C THR B 445 -14.57 0.98 41.31
N ILE B 446 -14.06 0.00 42.08
CA ILE B 446 -13.50 -1.23 41.56
C ILE B 446 -14.54 -2.27 41.15
N VAL B 447 -15.38 -2.75 42.08
CA VAL B 447 -16.36 -3.79 41.76
C VAL B 447 -17.37 -3.34 40.71
N GLY B 448 -17.80 -2.08 40.83
CA GLY B 448 -18.75 -1.48 39.91
C GLY B 448 -18.28 -1.34 38.49
N THR B 449 -16.98 -1.12 38.29
CA THR B 449 -16.45 -0.93 36.95
C THR B 449 -16.24 -2.23 36.20
N LEU B 450 -16.12 -3.37 36.90
CA LEU B 450 -15.85 -4.66 36.25
C LEU B 450 -16.90 -5.11 35.25
N PRO B 451 -18.22 -5.12 35.58
CA PRO B 451 -19.21 -5.51 34.58
C PRO B 451 -19.26 -4.50 33.43
N PHE B 452 -19.16 -3.20 33.75
CA PHE B 452 -19.13 -2.14 32.74
C PHE B 452 -18.01 -2.39 31.70
N THR B 453 -16.80 -2.67 32.20
CA THR B 453 -15.60 -2.91 31.41
C THR B 453 -15.72 -4.19 30.61
N TYR B 454 -16.26 -5.24 31.23
CA TYR B 454 -16.46 -6.50 30.56
C TYR B 454 -17.41 -6.36 29.39
N MET B 455 -18.64 -5.88 29.64
CA MET B 455 -19.70 -5.72 28.64
C MET B 455 -19.22 -4.85 27.49
N LEU B 456 -18.53 -3.75 27.81
CA LEU B 456 -18.03 -2.81 26.79
C LEU B 456 -17.13 -3.48 25.81
N GLU B 457 -16.15 -4.22 26.31
CA GLU B 457 -15.25 -4.90 25.43
C GLU B 457 -15.91 -6.08 24.75
N LYS B 458 -16.82 -6.82 25.45
CA LYS B 458 -17.56 -7.95 24.91
C LYS B 458 -18.31 -7.54 23.65
N TRP B 459 -18.91 -6.34 23.68
CA TRP B 459 -19.64 -5.76 22.57
C TRP B 459 -18.68 -5.43 21.42
N ARG B 460 -17.59 -4.73 21.73
CA ARG B 460 -16.57 -4.30 20.78
C ARG B 460 -15.96 -5.49 20.06
N TRP B 461 -15.65 -6.59 20.79
CA TRP B 461 -15.08 -7.80 20.24
C TRP B 461 -16.02 -8.45 19.25
N MET B 462 -17.32 -8.53 19.61
CA MET B 462 -18.35 -9.12 18.77
C MET B 462 -18.71 -8.26 17.57
N VAL B 463 -18.53 -6.93 17.69
CA VAL B 463 -18.77 -5.97 16.63
C VAL B 463 -17.73 -6.18 15.54
N PHE B 464 -16.46 -6.36 15.93
CA PHE B 464 -15.40 -6.64 14.97
C PHE B 464 -15.58 -8.05 14.42
N LYS B 465 -15.85 -9.02 15.32
CA LYS B 465 -16.14 -10.42 15.01
C LYS B 465 -17.31 -10.55 13.98
N GLY B 466 -18.15 -9.52 13.87
CA GLY B 466 -19.28 -9.51 12.94
C GLY B 466 -20.58 -10.12 13.46
N GLU B 467 -20.54 -10.65 14.69
CA GLU B 467 -21.69 -11.28 15.34
C GLU B 467 -22.89 -10.34 15.55
N ILE B 468 -22.67 -9.04 15.46
CA ILE B 468 -23.72 -8.05 15.62
C ILE B 468 -23.75 -7.15 14.39
N PRO B 469 -24.80 -7.28 13.57
CA PRO B 469 -24.90 -6.41 12.38
C PRO B 469 -25.19 -4.95 12.76
N LYS B 470 -24.92 -4.00 11.83
CA LYS B 470 -25.13 -2.57 12.07
C LYS B 470 -26.57 -2.28 12.48
N ASP B 471 -27.55 -2.99 11.91
CA ASP B 471 -28.95 -2.78 12.25
C ASP B 471 -29.36 -3.31 13.66
N GLN B 472 -28.38 -3.84 14.40
CA GLN B 472 -28.56 -4.40 15.74
C GLN B 472 -27.63 -3.77 16.79
N TRP B 473 -26.58 -3.03 16.36
CA TRP B 473 -25.57 -2.37 17.22
C TRP B 473 -26.09 -1.82 18.56
N MET B 474 -27.17 -1.02 18.51
CA MET B 474 -27.78 -0.41 19.69
C MET B 474 -28.78 -1.31 20.42
N LYS B 475 -29.37 -2.27 19.70
CA LYS B 475 -30.28 -3.22 20.31
C LYS B 475 -29.48 -4.15 21.21
N LYS B 476 -28.36 -4.68 20.68
CA LYS B 476 -27.48 -5.56 21.40
C LYS B 476 -26.73 -4.83 22.51
N TRP B 477 -26.46 -3.51 22.33
CA TRP B 477 -25.78 -2.71 23.35
C TRP B 477 -26.64 -2.60 24.60
N TRP B 478 -27.96 -2.43 24.43
CA TRP B 478 -28.86 -2.28 25.56
C TRP B 478 -29.43 -3.62 26.05
N GLU B 479 -29.35 -4.68 25.26
CA GLU B 479 -29.70 -6.02 25.71
C GLU B 479 -28.58 -6.43 26.72
N MET B 480 -27.31 -6.18 26.34
CA MET B 480 -26.13 -6.49 27.13
C MET B 480 -26.00 -5.63 28.37
N LYS B 481 -26.35 -4.33 28.29
CA LYS B 481 -26.26 -3.47 29.47
C LYS B 481 -27.28 -3.92 30.52
N ARG B 482 -28.47 -4.39 30.08
CA ARG B 482 -29.47 -4.86 31.02
C ARG B 482 -29.14 -6.23 31.55
N GLU B 483 -28.66 -7.15 30.69
CA GLU B 483 -28.36 -8.50 31.14
C GLU B 483 -27.09 -8.60 31.96
N ILE B 484 -25.98 -8.06 31.42
CA ILE B 484 -24.68 -8.16 32.07
C ILE B 484 -24.47 -7.13 33.18
N VAL B 485 -24.66 -5.85 32.89
CA VAL B 485 -24.40 -4.81 33.88
C VAL B 485 -25.57 -4.57 34.85
N GLY B 486 -26.80 -4.76 34.40
CA GLY B 486 -27.96 -4.53 35.25
C GLY B 486 -28.31 -3.06 35.32
N VAL B 487 -28.15 -2.39 34.18
CA VAL B 487 -28.41 -0.98 33.99
C VAL B 487 -29.37 -0.86 32.82
N VAL B 488 -30.34 0.04 32.94
CA VAL B 488 -31.32 0.23 31.88
C VAL B 488 -31.26 1.67 31.34
N GLU B 489 -31.50 1.82 30.02
CA GLU B 489 -31.54 3.13 29.39
C GLU B 489 -32.85 3.83 29.75
N PRO B 490 -32.81 5.13 30.03
CA PRO B 490 -34.05 5.85 30.39
C PRO B 490 -34.90 6.33 29.18
N VAL B 491 -34.32 6.26 27.97
CA VAL B 491 -34.89 6.70 26.71
C VAL B 491 -34.59 5.61 25.68
N PRO B 492 -35.58 5.22 24.86
CA PRO B 492 -35.30 4.19 23.83
C PRO B 492 -34.35 4.66 22.71
N HIS B 493 -33.16 4.02 22.62
CA HIS B 493 -32.20 4.41 21.59
C HIS B 493 -32.19 3.46 20.38
N ASP B 494 -32.45 4.02 19.18
CA ASP B 494 -32.46 3.29 17.91
C ASP B 494 -31.07 3.26 17.23
N GLU B 495 -30.97 2.82 15.94
CA GLU B 495 -29.65 2.70 15.27
C GLU B 495 -29.06 3.99 14.74
N THR B 496 -29.71 5.13 14.98
CA THR B 496 -29.11 6.42 14.65
C THR B 496 -28.14 6.84 15.77
N TYR B 497 -28.33 6.32 17.02
CA TYR B 497 -27.45 6.55 18.15
C TYR B 497 -26.20 5.66 18.08
N CYS B 498 -25.17 6.03 18.86
CA CYS B 498 -23.92 5.29 19.04
C CYS B 498 -23.41 5.59 20.48
N ASP B 499 -24.10 5.03 21.49
CA ASP B 499 -23.80 5.19 22.92
C ASP B 499 -22.42 4.65 23.31
N PRO B 500 -21.91 3.54 22.73
CA PRO B 500 -20.55 3.11 23.08
C PRO B 500 -19.50 4.18 22.72
N ALA B 501 -19.61 4.76 21.50
CA ALA B 501 -18.66 5.78 21.07
C ALA B 501 -18.70 7.06 21.88
N SER B 502 -19.82 7.35 22.58
CA SER B 502 -19.88 8.56 23.41
C SER B 502 -18.94 8.53 24.62
N LEU B 503 -18.07 7.50 24.73
CA LEU B 503 -17.07 7.32 25.76
C LEU B 503 -15.69 7.47 25.12
N PHE B 504 -14.76 8.16 25.82
CA PHE B 504 -13.41 8.45 25.37
C PHE B 504 -12.74 7.30 24.58
N HIS B 505 -12.40 6.18 25.23
CA HIS B 505 -11.70 5.04 24.66
C HIS B 505 -12.30 4.44 23.42
N VAL B 506 -13.61 4.47 23.31
CA VAL B 506 -14.30 3.86 22.16
C VAL B 506 -14.12 4.72 20.91
N SER B 507 -14.32 6.04 21.07
CA SER B 507 -14.14 6.99 19.98
C SER B 507 -12.69 7.50 19.81
N ASN B 508 -11.77 7.04 20.68
CA ASN B 508 -10.36 7.43 20.58
C ASN B 508 -9.43 6.22 20.31
N ASP B 509 -10.02 5.04 19.98
CA ASP B 509 -9.34 3.82 19.61
C ASP B 509 -8.44 3.30 20.69
N TYR B 510 -9.00 2.93 21.83
CA TYR B 510 -8.21 2.39 22.94
C TYR B 510 -8.78 1.08 23.48
N SER B 511 -7.96 0.02 23.59
CA SER B 511 -8.43 -1.24 24.19
C SER B 511 -8.90 -1.00 25.63
N PHE B 512 -10.03 -1.57 26.01
CA PHE B 512 -10.61 -1.33 27.32
C PHE B 512 -10.39 -2.47 28.31
N ILE B 513 -10.15 -3.68 27.81
CA ILE B 513 -9.95 -4.85 28.64
C ILE B 513 -8.80 -4.68 29.63
N ARG B 514 -7.84 -3.76 29.37
CA ARG B 514 -6.72 -3.46 30.27
C ARG B 514 -7.23 -3.14 31.69
N TYR B 515 -8.37 -2.45 31.77
CA TYR B 515 -8.97 -2.07 33.05
C TYR B 515 -9.56 -3.25 33.80
N TYR B 516 -9.99 -4.31 33.10
CA TYR B 516 -10.50 -5.51 33.74
C TYR B 516 -9.31 -6.32 34.26
N THR B 517 -8.36 -6.64 33.35
CA THR B 517 -7.17 -7.44 33.66
C THR B 517 -6.37 -6.78 34.77
N ARG B 518 -6.14 -5.47 34.67
CA ARG B 518 -5.39 -4.72 35.67
C ARG B 518 -5.99 -4.82 37.03
N THR B 519 -7.31 -4.76 37.07
CA THR B 519 -8.08 -4.81 38.30
C THR B 519 -7.85 -6.11 39.02
N LEU B 520 -7.83 -7.22 38.29
CA LEU B 520 -7.54 -8.51 38.91
C LEU B 520 -6.08 -8.63 39.28
N TYR B 521 -5.18 -8.15 38.42
CA TYR B 521 -3.74 -8.15 38.68
C TYR B 521 -3.36 -7.41 39.95
N GLN B 522 -3.88 -6.20 40.13
CA GLN B 522 -3.54 -5.32 41.24
C GLN B 522 -3.83 -5.95 42.58
N PHE B 523 -4.90 -6.74 42.68
CA PHE B 523 -5.19 -7.41 43.94
C PHE B 523 -4.25 -8.58 44.16
N GLN B 524 -3.80 -9.23 43.08
CA GLN B 524 -2.82 -10.30 43.17
C GLN B 524 -1.49 -9.71 43.66
N PHE B 525 -1.08 -8.57 43.06
CA PHE B 525 0.16 -7.85 43.33
C PHE B 525 0.16 -7.41 44.77
N GLN B 526 -0.93 -6.78 45.21
CA GLN B 526 -1.02 -6.31 46.59
C GLN B 526 -0.96 -7.47 47.54
N GLU B 527 -1.69 -8.56 47.26
CA GLU B 527 -1.69 -9.77 48.09
C GLU B 527 -0.26 -10.32 48.26
N ALA B 528 0.52 -10.33 47.17
CA ALA B 528 1.90 -10.84 47.19
C ALA B 528 2.88 -9.87 47.92
N LEU B 529 2.80 -8.57 47.60
CA LEU B 529 3.68 -7.58 48.21
C LEU B 529 3.38 -7.36 49.67
N CYS B 530 2.13 -7.59 50.11
CA CYS B 530 1.78 -7.45 51.50
C CYS B 530 2.26 -8.62 52.32
N GLN B 531 2.37 -9.82 51.70
CA GLN B 531 2.98 -10.96 52.40
C GLN B 531 4.48 -10.67 52.56
N ALA B 532 5.13 -10.11 51.52
CA ALA B 532 6.54 -9.69 51.54
C ALA B 532 6.78 -8.58 52.57
N ALA B 533 5.79 -7.69 52.74
CA ALA B 533 5.82 -6.61 53.73
C ALA B 533 5.49 -7.09 55.17
N LYS B 534 5.29 -8.42 55.33
CA LYS B 534 5.00 -9.11 56.57
C LYS B 534 3.82 -8.47 57.32
N HIS B 535 2.84 -7.98 56.54
CA HIS B 535 1.63 -7.32 57.04
C HIS B 535 0.75 -8.34 57.71
N GLU B 536 0.24 -7.99 58.89
CA GLU B 536 -0.67 -8.88 59.61
C GLU B 536 -2.04 -8.25 59.69
N GLY B 537 -3.08 -9.03 59.40
CA GLY B 537 -4.44 -8.52 59.46
C GLY B 537 -5.13 -8.39 58.11
N PRO B 538 -6.27 -7.66 58.11
CA PRO B 538 -7.04 -7.49 56.86
C PRO B 538 -6.28 -6.83 55.71
N LEU B 539 -6.28 -7.50 54.53
CA LEU B 539 -5.61 -7.06 53.30
C LEU B 539 -5.93 -5.62 52.95
N HIS B 540 -7.16 -5.14 53.26
CA HIS B 540 -7.53 -3.77 52.96
C HIS B 540 -6.86 -2.70 53.82
N LYS B 541 -6.24 -3.09 54.92
CA LYS B 541 -5.53 -2.15 55.80
C LYS B 541 -4.01 -2.08 55.51
N CYS B 542 -3.52 -2.93 54.60
CA CYS B 542 -2.12 -3.02 54.24
C CYS B 542 -1.54 -1.81 53.54
N ASP B 543 -0.39 -1.36 54.04
CA ASP B 543 0.39 -0.28 53.48
C ASP B 543 1.79 -0.86 53.36
N ILE B 544 2.32 -0.95 52.12
CA ILE B 544 3.62 -1.59 51.91
C ILE B 544 4.83 -0.67 52.17
N SER B 545 4.63 0.48 52.82
CA SER B 545 5.72 1.39 53.13
C SER B 545 6.82 0.74 53.96
N ASN B 546 8.05 1.28 53.89
CA ASN B 546 9.21 0.83 54.65
C ASN B 546 9.72 -0.60 54.33
N SER B 547 8.98 -1.40 53.55
CA SER B 547 9.41 -2.76 53.22
C SER B 547 10.21 -2.77 51.94
N THR B 548 11.53 -2.64 52.04
CA THR B 548 12.38 -2.69 50.85
C THR B 548 12.43 -4.11 50.22
N GLU B 549 11.96 -5.13 50.94
CA GLU B 549 11.85 -6.51 50.46
C GLU B 549 10.66 -6.56 49.48
N ALA B 550 9.53 -5.89 49.81
CA ALA B 550 8.37 -5.79 48.92
C ALA B 550 8.75 -4.96 47.68
N GLY B 551 9.50 -3.88 47.88
CA GLY B 551 9.98 -3.06 46.79
C GLY B 551 10.89 -3.82 45.85
N GLN B 552 11.71 -4.72 46.40
CA GLN B 552 12.61 -5.55 45.61
C GLN B 552 11.79 -6.57 44.82
N LYS B 553 10.76 -7.18 45.47
CA LYS B 553 9.87 -8.17 44.86
C LYS B 553 9.18 -7.56 43.62
N LEU B 554 8.64 -6.35 43.79
CA LEU B 554 7.95 -5.59 42.74
C LEU B 554 8.93 -5.12 41.67
N PHE B 555 10.09 -4.57 42.07
CA PHE B 555 11.10 -4.09 41.14
C PHE B 555 11.55 -5.18 40.20
N ASN B 556 11.75 -6.41 40.70
CA ASN B 556 12.14 -7.57 39.89
C ASN B 556 11.34 -7.73 38.61
N MET B 557 10.04 -7.38 38.68
CA MET B 557 9.13 -7.45 37.54
C MET B 557 9.17 -6.12 36.79
N LEU B 558 9.19 -4.98 37.50
CA LEU B 558 9.20 -3.67 36.88
C LEU B 558 10.40 -3.46 35.92
N ARG B 559 11.58 -3.89 36.34
CA ARG B 559 12.79 -3.75 35.52
C ARG B 559 12.79 -4.62 34.26
N LEU B 560 11.85 -5.57 34.15
CA LEU B 560 11.79 -6.48 33.02
C LEU B 560 11.23 -5.90 31.72
N GLY B 561 10.22 -5.05 31.84
CA GLY B 561 9.57 -4.49 30.66
C GLY B 561 8.85 -5.59 29.89
N LYS B 562 8.74 -5.47 28.56
CA LYS B 562 8.13 -6.55 27.79
C LYS B 562 9.23 -7.46 27.20
N SER B 563 10.27 -7.74 27.99
CA SER B 563 11.36 -8.63 27.55
C SER B 563 11.06 -10.11 27.88
N GLU B 564 10.31 -10.35 28.97
CA GLU B 564 9.87 -11.69 29.37
C GLU B 564 8.33 -11.74 29.27
N PRO B 565 7.74 -12.94 29.07
CA PRO B 565 6.27 -13.03 28.99
C PRO B 565 5.58 -12.56 30.26
N TRP B 566 4.43 -11.90 30.13
CA TRP B 566 3.69 -11.42 31.30
C TRP B 566 3.32 -12.51 32.26
N THR B 567 3.16 -13.74 31.78
CA THR B 567 2.81 -14.87 32.63
C THR B 567 3.96 -15.12 33.62
N LEU B 568 5.20 -15.11 33.10
CA LEU B 568 6.43 -15.30 33.88
C LEU B 568 6.71 -14.09 34.76
N ALA B 569 6.45 -12.88 34.25
CA ALA B 569 6.65 -11.65 35.01
C ALA B 569 5.75 -11.64 36.23
N LEU B 570 4.46 -12.00 36.02
CA LEU B 570 3.46 -12.10 37.07
C LEU B 570 3.93 -13.16 38.10
N GLU B 571 4.26 -14.39 37.61
CA GLU B 571 4.71 -15.57 38.36
C GLU B 571 5.88 -15.27 39.30
N ASN B 572 6.70 -14.28 38.95
CA ASN B 572 7.79 -13.89 39.81
C ASN B 572 7.25 -13.13 41.01
N VAL B 573 6.43 -12.10 40.78
CA VAL B 573 5.83 -11.33 41.86
C VAL B 573 4.87 -12.19 42.73
N VAL B 574 3.84 -12.81 42.13
CA VAL B 574 2.78 -13.48 42.86
C VAL B 574 2.84 -15.02 42.92
N GLY B 575 3.75 -15.64 42.18
CA GLY B 575 3.86 -17.09 42.18
C GLY B 575 2.80 -17.80 41.33
N ALA B 576 2.19 -17.08 40.39
CA ALA B 576 1.15 -17.66 39.52
C ALA B 576 1.29 -17.16 38.09
N LYS B 577 1.04 -18.03 37.10
CA LYS B 577 1.14 -17.62 35.69
C LYS B 577 -0.15 -16.97 35.14
N ASN B 578 -1.28 -17.12 35.84
CA ASN B 578 -2.55 -16.59 35.32
C ASN B 578 -3.25 -15.61 36.24
N MET B 579 -4.13 -14.76 35.69
CA MET B 579 -4.88 -13.83 36.52
C MET B 579 -5.81 -14.55 37.48
N ASN B 580 -6.12 -13.92 38.60
CA ASN B 580 -6.90 -14.56 39.64
C ASN B 580 -7.84 -13.61 40.42
N VAL B 581 -9.12 -14.03 40.54
CA VAL B 581 -10.15 -13.28 41.27
C VAL B 581 -10.00 -13.39 42.76
N ARG B 582 -9.49 -14.54 43.25
CA ARG B 582 -9.31 -14.87 44.67
C ARG B 582 -8.81 -13.68 45.52
N PRO B 583 -7.66 -13.03 45.19
CA PRO B 583 -7.24 -11.87 45.99
C PRO B 583 -8.21 -10.69 45.94
N LEU B 584 -8.87 -10.41 44.80
CA LEU B 584 -9.84 -9.30 44.73
C LEU B 584 -11.01 -9.59 45.65
N LEU B 585 -11.54 -10.81 45.61
CA LEU B 585 -12.62 -11.24 46.48
C LEU B 585 -12.17 -11.23 47.93
N ASN B 586 -10.91 -11.54 48.20
CA ASN B 586 -10.32 -11.53 49.52
C ASN B 586 -10.26 -10.10 50.07
N TYR B 587 -9.94 -9.11 49.22
CA TYR B 587 -9.87 -7.70 49.62
C TYR B 587 -11.24 -7.23 50.08
N PHE B 588 -12.30 -7.63 49.34
CA PHE B 588 -13.69 -7.25 49.58
C PHE B 588 -14.54 -8.29 50.31
N GLU B 589 -13.92 -9.28 50.97
CA GLU B 589 -14.69 -10.29 51.71
C GLU B 589 -15.42 -9.72 52.96
N PRO B 590 -14.85 -8.73 53.70
CA PRO B 590 -15.58 -8.18 54.85
C PRO B 590 -16.79 -7.36 54.42
N LEU B 591 -16.65 -6.62 53.30
CA LEU B 591 -17.76 -5.86 52.74
C LEU B 591 -18.86 -6.83 52.27
N PHE B 592 -18.47 -7.89 51.56
CA PHE B 592 -19.39 -8.89 51.04
C PHE B 592 -20.28 -9.52 52.12
N THR B 593 -19.71 -9.87 53.30
CA THR B 593 -20.55 -10.42 54.37
C THR B 593 -21.53 -9.35 54.87
N TRP B 594 -21.10 -8.09 54.93
CA TRP B 594 -21.98 -7.01 55.37
C TRP B 594 -23.09 -6.79 54.37
N LEU B 595 -22.77 -6.83 53.06
CA LEU B 595 -23.74 -6.67 51.98
C LEU B 595 -24.78 -7.76 52.05
N LYS B 596 -24.36 -9.03 52.22
CA LYS B 596 -25.28 -10.15 52.31
C LYS B 596 -26.27 -9.92 53.41
N ASP B 597 -25.79 -9.47 54.59
CA ASP B 597 -26.63 -9.18 55.77
C ASP B 597 -27.66 -8.06 55.47
N GLN B 598 -27.22 -6.95 54.86
CA GLN B 598 -28.07 -5.81 54.55
C GLN B 598 -29.09 -6.10 53.48
N ASN B 599 -28.80 -7.05 52.58
CA ASN B 599 -29.75 -7.44 51.54
C ASN B 599 -30.64 -8.64 51.96
N LYS B 600 -30.72 -8.93 53.27
CA LYS B 600 -31.51 -10.05 53.75
C LYS B 600 -32.99 -9.85 53.47
N ASN B 601 -33.47 -8.60 53.50
CA ASN B 601 -34.87 -8.31 53.21
C ASN B 601 -35.09 -7.63 51.83
N SER B 602 -34.15 -7.83 50.91
CA SER B 602 -34.26 -7.23 49.59
C SER B 602 -34.16 -8.25 48.46
N PHE B 603 -34.61 -7.86 47.26
CA PHE B 603 -34.51 -8.71 46.10
C PHE B 603 -33.11 -8.51 45.57
N VAL B 604 -32.31 -9.57 45.46
CA VAL B 604 -30.95 -9.46 44.96
C VAL B 604 -30.94 -10.02 43.55
N GLY B 605 -30.58 -9.17 42.60
CA GLY B 605 -30.62 -9.49 41.17
C GLY B 605 -31.58 -8.56 40.44
N TRP B 606 -31.72 -8.73 39.12
CA TRP B 606 -32.59 -7.84 38.35
C TRP B 606 -33.39 -8.52 37.29
N SER B 607 -34.44 -7.84 36.80
CA SER B 607 -35.29 -8.35 35.73
C SER B 607 -35.11 -7.42 34.55
N THR B 608 -34.79 -7.98 33.39
CA THR B 608 -34.46 -7.18 32.20
C THR B 608 -35.66 -6.49 31.55
N ASP B 609 -36.88 -7.00 31.76
CA ASP B 609 -38.04 -6.43 31.10
C ASP B 609 -38.44 -5.02 31.61
N TRP B 610 -38.01 -4.62 32.83
CA TRP B 610 -38.36 -3.29 33.33
C TRP B 610 -37.56 -2.19 32.69
N SER B 611 -38.24 -1.20 32.14
CA SER B 611 -37.58 -0.02 31.59
C SER B 611 -38.25 1.21 32.24
N PRO B 612 -37.52 2.30 32.46
CA PRO B 612 -38.11 3.47 33.12
C PRO B 612 -39.15 4.16 32.23
N TYR B 613 -38.86 4.25 30.94
CA TYR B 613 -39.75 4.88 29.96
C TYR B 613 -40.99 4.04 29.60
N ALA B 614 -41.03 2.76 30.02
CA ALA B 614 -42.12 1.79 29.75
C ALA B 614 -43.53 2.36 29.79
N ASP B 615 -44.43 1.77 29.00
CA ASP B 615 -45.82 2.20 28.99
C ASP B 615 -46.49 1.77 30.31
N THR C 63 -65.45 5.73 -32.42
CA THR C 63 -64.93 4.58 -33.17
C THR C 63 -63.52 4.90 -33.72
N ASN C 64 -62.72 5.73 -32.98
CA ASN C 64 -61.42 6.12 -33.50
C ASN C 64 -60.28 5.20 -33.13
N LEU C 65 -59.25 5.20 -33.99
CA LEU C 65 -58.08 4.33 -33.85
C LEU C 65 -57.16 4.72 -32.70
N CYS C 66 -56.52 3.73 -32.09
CA CYS C 66 -55.63 3.97 -30.94
C CYS C 66 -54.41 4.81 -31.31
N PRO C 67 -53.95 5.67 -30.40
CA PRO C 67 -52.76 6.51 -30.69
C PRO C 67 -51.40 5.81 -30.59
N PHE C 68 -51.19 4.82 -31.46
CA PHE C 68 -49.93 4.07 -31.49
C PHE C 68 -48.79 4.90 -32.06
N GLY C 69 -49.11 5.76 -33.02
CA GLY C 69 -48.12 6.66 -33.60
C GLY C 69 -47.57 7.63 -32.57
N GLU C 70 -48.37 7.99 -31.56
CA GLU C 70 -47.93 8.87 -30.48
C GLU C 70 -46.83 8.22 -29.65
N VAL C 71 -46.92 6.90 -29.45
CA VAL C 71 -45.93 6.13 -28.71
C VAL C 71 -44.67 5.86 -29.54
N PHE C 72 -44.83 5.23 -30.71
CA PHE C 72 -43.79 4.76 -31.61
C PHE C 72 -43.05 5.85 -32.34
N ASN C 73 -43.74 6.94 -32.65
CA ASN C 73 -43.16 8.07 -33.35
C ASN C 73 -42.85 9.26 -32.45
N ALA C 74 -42.65 9.03 -31.14
CA ALA C 74 -42.29 10.07 -30.19
C ALA C 74 -40.93 10.64 -30.57
N THR C 75 -40.77 11.97 -30.50
CA THR C 75 -39.51 12.61 -30.89
C THR C 75 -38.36 12.15 -30.00
N ARG C 76 -38.63 12.10 -28.70
CA ARG C 76 -37.66 11.64 -27.72
C ARG C 76 -38.24 10.49 -26.90
N PHE C 77 -37.46 9.44 -26.65
CA PHE C 77 -37.94 8.31 -25.85
C PHE C 77 -37.42 8.40 -24.40
N ALA C 78 -37.96 7.58 -23.51
CA ALA C 78 -37.54 7.57 -22.11
C ALA C 78 -36.23 6.83 -21.92
N SER C 79 -35.52 7.06 -20.81
CA SER C 79 -34.33 6.28 -20.48
C SER C 79 -34.86 4.97 -19.85
N VAL C 80 -34.19 3.84 -20.08
CA VAL C 80 -34.66 2.54 -19.61
C VAL C 80 -34.92 2.41 -18.10
N TYR C 81 -34.12 3.05 -17.25
CA TYR C 81 -34.31 2.95 -15.80
C TYR C 81 -35.62 3.63 -15.38
N ALA C 82 -35.92 4.78 -16.00
CA ALA C 82 -37.12 5.55 -15.76
C ALA C 82 -38.05 5.43 -16.98
N TRP C 83 -38.20 4.19 -17.49
CA TRP C 83 -39.02 3.79 -18.63
C TRP C 83 -40.41 4.38 -18.56
N ASN C 84 -40.97 4.70 -19.72
CA ASN C 84 -42.28 5.34 -19.80
C ASN C 84 -43.41 4.38 -20.07
N ARG C 85 -44.59 4.60 -19.44
CA ARG C 85 -45.77 3.75 -19.69
C ARG C 85 -46.95 4.60 -20.18
N LYS C 86 -47.59 4.18 -21.27
CA LYS C 86 -48.75 4.89 -21.78
C LYS C 86 -49.90 3.93 -21.77
N ARG C 87 -51.07 4.40 -21.33
CA ARG C 87 -52.26 3.60 -21.33
C ARG C 87 -53.14 3.96 -22.53
N ILE C 88 -53.38 2.97 -23.38
CA ILE C 88 -54.23 3.06 -24.57
C ILE C 88 -55.66 2.62 -24.15
N SER C 89 -56.67 3.46 -24.42
CA SER C 89 -58.03 3.15 -23.99
C SER C 89 -59.11 3.76 -24.87
N ASN C 90 -60.32 3.17 -24.85
CA ASN C 90 -61.49 3.60 -25.62
C ASN C 90 -61.17 3.83 -27.10
N CYS C 91 -60.70 2.79 -27.79
CA CYS C 91 -60.30 2.91 -29.19
C CYS C 91 -60.17 1.55 -29.87
N VAL C 92 -60.18 1.58 -31.19
CA VAL C 92 -60.02 0.37 -31.98
C VAL C 92 -58.57 0.25 -32.41
N ALA C 93 -57.91 -0.79 -31.91
CA ALA C 93 -56.50 -1.06 -32.15
C ALA C 93 -56.30 -2.00 -33.33
N ASP C 94 -55.54 -1.55 -34.36
CA ASP C 94 -55.25 -2.39 -35.51
C ASP C 94 -53.83 -2.88 -35.35
N TYR C 95 -53.66 -4.14 -34.98
CA TYR C 95 -52.35 -4.70 -34.74
C TYR C 95 -51.59 -5.12 -36.00
N SER C 96 -52.32 -5.43 -37.07
CA SER C 96 -51.67 -5.79 -38.35
C SER C 96 -50.89 -4.59 -38.89
N VAL C 97 -51.33 -3.36 -38.62
CA VAL C 97 -50.62 -2.13 -39.01
C VAL C 97 -49.23 -2.14 -38.36
N LEU C 98 -49.17 -2.48 -37.08
CA LEU C 98 -47.93 -2.58 -36.34
C LEU C 98 -47.06 -3.74 -36.83
N TYR C 99 -47.61 -4.99 -36.93
CA TYR C 99 -46.78 -6.11 -37.35
C TYR C 99 -46.34 -6.02 -38.82
N ASN C 100 -47.29 -5.96 -39.76
CA ASN C 100 -46.95 -5.88 -41.18
C ASN C 100 -46.34 -4.52 -41.46
N SER C 101 -45.01 -4.43 -41.42
CA SER C 101 -44.27 -3.19 -41.60
C SER C 101 -42.80 -3.47 -42.01
N ALA C 102 -42.20 -4.54 -41.44
CA ALA C 102 -40.80 -4.96 -41.69
C ALA C 102 -39.74 -3.96 -41.12
N SER C 103 -40.20 -2.75 -40.72
CA SER C 103 -39.41 -1.64 -40.20
C SER C 103 -38.63 -2.00 -38.95
N PHE C 104 -39.27 -2.64 -37.98
CA PHE C 104 -38.68 -3.02 -36.70
C PHE C 104 -37.65 -4.15 -36.79
N SER C 105 -36.55 -4.00 -36.06
CA SER C 105 -35.53 -5.06 -35.99
C SER C 105 -36.01 -6.26 -35.13
N THR C 106 -37.07 -6.08 -34.33
CA THR C 106 -37.67 -7.13 -33.52
C THR C 106 -39.16 -6.84 -33.31
N PHE C 107 -39.95 -7.92 -33.29
CA PHE C 107 -41.38 -7.93 -33.03
C PHE C 107 -41.70 -9.32 -32.52
N LYS C 108 -41.76 -9.49 -31.20
CA LYS C 108 -42.03 -10.79 -30.64
C LYS C 108 -43.18 -10.73 -29.70
N CYS C 109 -44.17 -11.62 -29.87
CA CYS C 109 -45.32 -11.67 -28.96
C CYS C 109 -45.28 -12.92 -28.10
N TYR C 110 -45.60 -12.79 -26.82
CA TYR C 110 -45.58 -13.87 -25.85
C TYR C 110 -46.94 -14.00 -25.19
N GLY C 111 -47.30 -15.22 -24.78
CA GLY C 111 -48.55 -15.49 -24.10
C GLY C 111 -49.80 -15.33 -24.95
N VAL C 112 -49.64 -14.89 -26.23
CA VAL C 112 -50.74 -14.65 -27.18
C VAL C 112 -50.18 -14.51 -28.62
N SER C 113 -50.87 -15.10 -29.62
CA SER C 113 -50.48 -15.03 -31.03
C SER C 113 -50.77 -13.62 -31.58
N PRO C 114 -49.92 -13.06 -32.45
CA PRO C 114 -50.19 -11.70 -32.97
C PRO C 114 -51.33 -11.66 -34.00
N THR C 115 -51.59 -12.78 -34.67
CA THR C 115 -52.66 -12.90 -35.66
C THR C 115 -54.05 -12.86 -34.98
N LYS C 116 -54.15 -13.40 -33.76
CA LYS C 116 -55.41 -13.42 -33.04
C LYS C 116 -55.65 -12.16 -32.18
N LEU C 117 -54.76 -11.16 -32.24
CA LEU C 117 -54.91 -9.94 -31.47
C LEU C 117 -56.05 -9.07 -31.95
N ASN C 118 -56.26 -9.00 -33.28
CA ASN C 118 -57.35 -8.22 -33.84
C ASN C 118 -58.71 -8.77 -33.43
N ASP C 119 -58.79 -10.10 -33.24
CA ASP C 119 -60.02 -10.80 -32.85
C ASP C 119 -60.12 -10.93 -31.31
N LEU C 120 -59.95 -9.81 -30.58
CA LEU C 120 -60.00 -9.80 -29.12
C LEU C 120 -60.19 -8.40 -28.53
N CYS C 121 -60.86 -8.32 -27.37
CA CYS C 121 -61.09 -7.04 -26.70
C CYS C 121 -60.47 -7.09 -25.33
N PHE C 122 -59.83 -6.00 -24.93
CA PHE C 122 -59.23 -5.88 -23.59
C PHE C 122 -59.80 -4.69 -22.88
N THR C 123 -59.65 -4.65 -21.54
CA THR C 123 -60.16 -3.48 -20.80
C THR C 123 -59.19 -2.29 -20.97
N ASN C 124 -57.88 -2.55 -21.18
CA ASN C 124 -56.83 -1.54 -21.39
C ASN C 124 -55.59 -2.16 -22.01
N VAL C 125 -54.76 -1.31 -22.65
CA VAL C 125 -53.49 -1.70 -23.24
C VAL C 125 -52.40 -0.76 -22.71
N TYR C 126 -51.19 -1.28 -22.46
CA TYR C 126 -50.11 -0.44 -21.99
C TYR C 126 -48.89 -0.55 -22.85
N ALA C 127 -48.42 0.57 -23.39
CA ALA C 127 -47.20 0.59 -24.17
C ALA C 127 -46.06 1.19 -23.34
N ASP C 128 -45.06 0.35 -23.03
CA ASP C 128 -43.88 0.78 -22.27
C ASP C 128 -42.72 1.05 -23.23
N SER C 129 -42.31 2.35 -23.36
CA SER C 129 -41.24 2.76 -24.28
C SER C 129 -39.96 3.17 -23.54
N PHE C 130 -38.77 2.99 -24.20
CA PHE C 130 -37.44 3.33 -23.67
C PHE C 130 -36.30 3.07 -24.69
N VAL C 131 -35.09 3.53 -24.36
CA VAL C 131 -33.92 3.33 -25.19
C VAL C 131 -32.81 2.53 -24.46
N ILE C 132 -32.26 1.49 -25.13
CA ILE C 132 -31.16 0.62 -24.66
C ILE C 132 -30.19 0.36 -25.84
N ARG C 133 -29.04 -0.33 -25.61
CA ARG C 133 -28.08 -0.72 -26.65
C ARG C 133 -28.60 -1.91 -27.42
N GLY C 134 -28.05 -2.17 -28.60
CA GLY C 134 -28.40 -3.34 -29.39
C GLY C 134 -28.23 -4.65 -28.67
N ASP C 135 -27.08 -4.82 -27.98
CA ASP C 135 -26.74 -6.03 -27.21
C ASP C 135 -27.80 -6.38 -26.15
N GLU C 136 -28.33 -5.35 -25.50
CA GLU C 136 -29.29 -5.54 -24.45
C GLU C 136 -30.69 -5.88 -24.93
N VAL C 137 -30.99 -5.76 -26.24
CA VAL C 137 -32.35 -6.07 -26.73
C VAL C 137 -32.80 -7.52 -26.38
N ARG C 138 -31.86 -8.48 -26.37
CA ARG C 138 -32.17 -9.85 -25.98
C ARG C 138 -32.60 -9.99 -24.50
N GLN C 139 -32.36 -8.97 -23.68
CA GLN C 139 -32.75 -8.98 -22.29
C GLN C 139 -34.23 -8.62 -22.11
N ILE C 140 -34.85 -7.91 -23.07
CA ILE C 140 -36.27 -7.55 -22.96
C ILE C 140 -37.15 -8.74 -23.40
N ALA C 141 -37.01 -9.80 -22.67
CA ALA C 141 -37.70 -11.04 -22.91
C ALA C 141 -37.82 -11.76 -21.57
N PRO C 142 -38.86 -12.58 -21.41
CA PRO C 142 -39.04 -13.28 -20.14
C PRO C 142 -37.93 -14.30 -19.83
N GLY C 143 -37.49 -14.31 -18.60
CA GLY C 143 -36.49 -15.26 -18.11
C GLY C 143 -35.07 -14.90 -18.48
N GLN C 144 -34.83 -13.64 -18.93
CA GLN C 144 -33.51 -13.15 -19.31
C GLN C 144 -32.83 -12.43 -18.16
N THR C 145 -31.48 -12.37 -18.19
CA THR C 145 -30.71 -11.73 -17.13
C THR C 145 -29.66 -10.73 -17.71
N GLY C 146 -29.13 -9.89 -16.84
CA GLY C 146 -28.20 -8.83 -17.19
C GLY C 146 -28.62 -7.51 -16.57
N LYS C 147 -27.75 -6.49 -16.64
CA LYS C 147 -28.03 -5.17 -16.04
C LYS C 147 -29.41 -4.60 -16.31
N ILE C 148 -29.95 -4.82 -17.50
CA ILE C 148 -31.23 -4.27 -17.89
C ILE C 148 -32.39 -5.07 -17.31
N ALA C 149 -32.39 -6.38 -17.54
CA ALA C 149 -33.43 -7.26 -17.02
C ALA C 149 -33.41 -7.22 -15.48
N ASP C 150 -32.19 -7.23 -14.90
CA ASP C 150 -31.98 -7.24 -13.45
C ASP C 150 -32.29 -5.93 -12.74
N TYR C 151 -31.85 -4.80 -13.27
CA TYR C 151 -32.00 -3.51 -12.61
C TYR C 151 -32.91 -2.46 -13.27
N ASN C 152 -33.19 -2.57 -14.58
CA ASN C 152 -33.87 -1.51 -15.34
C ASN C 152 -35.32 -1.84 -15.77
N TYR C 153 -35.54 -2.82 -16.66
CA TYR C 153 -36.89 -3.21 -17.06
C TYR C 153 -37.01 -4.73 -17.00
N LYS C 154 -37.87 -5.23 -16.09
CA LYS C 154 -38.05 -6.67 -15.94
C LYS C 154 -39.39 -7.15 -16.48
N LEU C 155 -39.36 -8.06 -17.44
CA LEU C 155 -40.56 -8.71 -17.93
C LEU C 155 -40.77 -9.95 -17.06
N PRO C 156 -42.02 -10.26 -16.69
CA PRO C 156 -42.27 -11.47 -15.90
C PRO C 156 -41.79 -12.72 -16.63
N ASP C 157 -41.24 -13.72 -15.92
CA ASP C 157 -40.78 -14.96 -16.55
C ASP C 157 -41.85 -15.61 -17.45
N ASP C 158 -43.14 -15.38 -17.13
CA ASP C 158 -44.23 -15.83 -17.98
C ASP C 158 -44.96 -14.57 -18.43
N PHE C 159 -44.70 -14.12 -19.67
CA PHE C 159 -45.28 -12.88 -20.18
C PHE C 159 -46.49 -13.10 -21.11
N THR C 160 -47.35 -12.05 -21.25
CA THR C 160 -48.50 -11.94 -22.17
C THR C 160 -48.54 -10.53 -22.80
N GLY C 161 -47.81 -10.39 -23.90
CA GLY C 161 -47.70 -9.14 -24.63
C GLY C 161 -46.66 -9.19 -25.72
N CYS C 162 -46.25 -8.01 -26.25
CA CYS C 162 -45.28 -7.97 -27.34
C CYS C 162 -44.12 -7.02 -27.11
N VAL C 163 -42.94 -7.36 -27.63
CA VAL C 163 -41.79 -6.51 -27.56
C VAL C 163 -41.46 -6.13 -28.98
N ILE C 164 -41.52 -4.83 -29.28
CA ILE C 164 -41.27 -4.26 -30.61
C ILE C 164 -40.04 -3.35 -30.51
N ALA C 165 -38.92 -3.67 -31.21
CA ALA C 165 -37.71 -2.85 -31.09
C ALA C 165 -37.06 -2.52 -32.41
N TRP C 166 -36.54 -1.31 -32.57
CA TRP C 166 -35.94 -0.90 -33.83
C TRP C 166 -34.70 0.00 -33.64
N ASN C 167 -33.75 -0.07 -34.58
CA ASN C 167 -32.54 0.74 -34.49
C ASN C 167 -32.83 2.22 -34.66
N SER C 168 -32.43 3.03 -33.68
CA SER C 168 -32.63 4.47 -33.75
C SER C 168 -31.30 5.22 -33.71
N ASN C 169 -30.28 4.69 -34.42
CA ASN C 169 -28.97 5.35 -34.53
C ASN C 169 -29.13 6.74 -35.19
N ASP C 170 -30.08 6.84 -36.14
CA ASP C 170 -30.39 8.08 -36.82
C ASP C 170 -31.07 9.11 -35.94
N LEU C 171 -31.80 8.68 -34.92
CA LEU C 171 -32.53 9.60 -34.05
C LEU C 171 -31.86 9.89 -32.74
N ASP C 172 -31.11 8.94 -32.19
CA ASP C 172 -30.59 9.06 -30.83
C ASP C 172 -29.07 9.03 -30.62
N SER C 173 -28.20 9.14 -31.64
CA SER C 173 -26.75 9.14 -31.35
C SER C 173 -26.01 10.30 -32.03
N LYS C 174 -25.68 11.33 -31.27
CA LYS C 174 -25.01 12.50 -31.81
C LYS C 174 -23.50 12.39 -31.81
N VAL C 175 -22.85 13.13 -32.73
CA VAL C 175 -21.39 13.20 -32.80
C VAL C 175 -20.87 13.84 -31.52
N GLY C 176 -19.96 13.14 -30.85
CA GLY C 176 -19.47 13.55 -29.56
C GLY C 176 -20.17 12.82 -28.43
N GLY C 177 -21.21 12.08 -28.74
CA GLY C 177 -21.93 11.30 -27.76
C GLY C 177 -23.16 11.99 -27.22
N ASN C 178 -24.28 11.24 -27.21
CA ASN C 178 -25.58 11.66 -26.68
C ASN C 178 -25.63 11.10 -25.25
N TYR C 179 -25.59 11.99 -24.25
CA TYR C 179 -25.60 11.56 -22.86
C TYR C 179 -26.97 11.68 -22.16
N ASN C 180 -28.05 12.01 -22.91
CA ASN C 180 -29.44 12.12 -22.46
C ASN C 180 -30.09 10.76 -22.09
N TYR C 181 -29.45 9.66 -22.46
CA TYR C 181 -29.96 8.33 -22.20
C TYR C 181 -29.11 7.61 -21.16
N LEU C 182 -29.73 7.28 -20.01
CA LEU C 182 -29.02 6.60 -18.91
C LEU C 182 -29.59 5.21 -18.61
N TYR C 183 -28.83 4.44 -17.85
CA TYR C 183 -29.22 3.13 -17.39
C TYR C 183 -28.61 2.88 -16.00
N ARG C 184 -29.28 2.09 -15.17
CA ARG C 184 -28.82 1.73 -13.83
C ARG C 184 -27.85 0.57 -13.90
N LEU C 185 -26.67 0.78 -13.36
CA LEU C 185 -25.61 -0.19 -13.35
C LEU C 185 -25.60 -1.01 -12.06
N PHE C 186 -26.06 -0.43 -10.94
CA PHE C 186 -26.04 -1.13 -9.66
C PHE C 186 -27.36 -1.00 -8.97
N ARG C 187 -27.75 -2.03 -8.27
CA ARG C 187 -28.96 -2.05 -7.46
C ARG C 187 -28.73 -3.11 -6.41
N LYS C 188 -29.28 -2.91 -5.21
CA LYS C 188 -29.10 -3.88 -4.16
C LYS C 188 -30.05 -5.09 -4.26
N SER C 189 -30.97 -5.11 -5.23
CA SER C 189 -31.93 -6.21 -5.37
C SER C 189 -32.41 -6.31 -6.80
N ASN C 190 -32.72 -7.53 -7.23
CA ASN C 190 -33.21 -7.72 -8.58
C ASN C 190 -34.61 -7.14 -8.70
N LEU C 191 -34.98 -6.74 -9.91
CA LEU C 191 -36.29 -6.15 -10.13
C LEU C 191 -37.38 -7.19 -10.19
N LYS C 192 -38.57 -6.80 -9.78
CA LYS C 192 -39.76 -7.60 -9.89
C LYS C 192 -40.42 -7.20 -11.24
N PRO C 193 -41.20 -8.09 -11.88
CA PRO C 193 -41.82 -7.72 -13.16
C PRO C 193 -42.56 -6.39 -13.14
N PHE C 194 -42.20 -5.46 -14.06
CA PHE C 194 -42.82 -4.14 -14.18
C PHE C 194 -42.51 -3.17 -13.03
N GLU C 195 -41.57 -3.52 -12.15
CA GLU C 195 -41.20 -2.62 -11.08
C GLU C 195 -40.30 -1.58 -11.69
N ARG C 196 -40.58 -0.31 -11.42
CA ARG C 196 -39.75 0.79 -11.91
C ARG C 196 -38.96 1.37 -10.72
N ASP C 197 -37.67 1.71 -10.97
CA ASP C 197 -36.85 2.36 -9.95
C ASP C 197 -36.22 3.61 -10.53
N ILE C 198 -36.52 4.76 -9.92
CA ILE C 198 -35.98 6.04 -10.37
C ILE C 198 -35.07 6.74 -9.32
N SER C 199 -34.79 6.07 -8.19
CA SER C 199 -33.94 6.62 -7.12
C SER C 199 -32.46 6.86 -7.50
N THR C 200 -31.96 8.06 -7.23
CA THR C 200 -30.57 8.38 -7.50
C THR C 200 -29.66 8.30 -6.25
N GLU C 201 -30.10 7.48 -5.29
CA GLU C 201 -29.42 7.20 -4.04
C GLU C 201 -28.05 6.55 -4.36
N ILE C 202 -26.98 6.92 -3.64
CA ILE C 202 -25.64 6.34 -3.90
C ILE C 202 -25.60 4.84 -3.58
N TYR C 203 -25.02 4.03 -4.48
CA TYR C 203 -24.87 2.60 -4.25
C TYR C 203 -23.79 2.35 -3.19
N GLN C 204 -24.20 1.81 -2.03
CA GLN C 204 -23.26 1.53 -0.95
C GLN C 204 -22.70 0.12 -1.08
N ALA C 205 -21.69 -0.04 -1.95
CA ALA C 205 -21.08 -1.33 -2.19
C ALA C 205 -20.41 -1.92 -0.97
N GLY C 206 -19.82 -1.06 -0.13
CA GLY C 206 -19.12 -1.49 1.08
C GLY C 206 -19.87 -1.22 2.36
N SER C 207 -19.32 -1.67 3.50
CA SER C 207 -19.97 -1.46 4.79
C SER C 207 -19.95 0.02 5.24
N LYS C 208 -18.94 0.77 4.77
CA LYS C 208 -18.73 2.20 5.01
C LYS C 208 -19.90 3.07 4.51
N PRO C 209 -20.43 3.93 5.40
CA PRO C 209 -21.53 4.82 4.98
C PRO C 209 -21.05 5.77 3.90
N CYS C 210 -21.86 5.96 2.87
CA CYS C 210 -21.49 6.79 1.74
C CYS C 210 -21.56 8.28 2.03
N ASN C 211 -22.61 8.73 2.73
CA ASN C 211 -22.82 10.13 3.10
C ASN C 211 -23.15 11.02 1.90
N GLY C 212 -23.93 10.46 0.97
CA GLY C 212 -24.37 11.14 -0.25
C GLY C 212 -23.28 11.55 -1.21
N VAL C 213 -22.07 11.01 -1.04
CA VAL C 213 -20.96 11.37 -1.92
C VAL C 213 -20.35 10.17 -2.63
N GLU C 214 -19.95 10.37 -3.88
CA GLU C 214 -19.31 9.34 -4.69
C GLU C 214 -17.87 9.15 -4.17
N GLY C 215 -17.42 7.91 -4.15
CA GLY C 215 -16.10 7.59 -3.64
C GLY C 215 -15.76 6.13 -3.77
N PHE C 216 -14.96 5.62 -2.84
CA PHE C 216 -14.53 4.23 -2.80
C PHE C 216 -15.68 3.45 -2.19
N ASN C 217 -16.14 2.39 -2.89
CA ASN C 217 -17.29 1.58 -2.45
C ASN C 217 -18.62 2.34 -2.42
N CYS C 218 -18.67 3.52 -3.07
CA CYS C 218 -19.80 4.42 -3.20
C CYS C 218 -19.85 4.78 -4.67
N HIS C 219 -20.93 4.38 -5.34
CA HIS C 219 -21.01 4.57 -6.78
C HIS C 219 -22.32 5.19 -7.18
N PHE C 220 -22.33 6.05 -8.18
CA PHE C 220 -23.59 6.60 -8.69
C PHE C 220 -24.23 5.47 -9.49
N PRO C 221 -25.45 5.08 -9.13
CA PRO C 221 -26.07 3.94 -9.81
C PRO C 221 -26.39 4.17 -11.28
N LEU C 222 -26.47 5.43 -11.75
CA LEU C 222 -26.83 5.70 -13.14
C LEU C 222 -25.66 6.12 -14.04
N LYS C 223 -25.40 5.33 -15.07
CA LYS C 223 -24.33 5.61 -16.03
C LYS C 223 -24.92 5.81 -17.42
N PRO C 224 -24.39 6.76 -18.22
CA PRO C 224 -24.99 7.02 -19.55
C PRO C 224 -24.49 6.24 -20.75
N TYR C 225 -25.37 6.01 -21.70
CA TYR C 225 -24.99 5.47 -23.00
C TYR C 225 -24.40 6.68 -23.74
N GLY C 226 -23.13 6.60 -24.07
CA GLY C 226 -22.49 7.69 -24.79
C GLY C 226 -22.91 7.77 -26.25
N PHE C 227 -24.02 7.10 -26.65
CA PHE C 227 -24.52 6.96 -28.01
C PHE C 227 -23.91 7.89 -29.07
N GLN C 228 -22.97 7.35 -29.89
CA GLN C 228 -22.25 7.99 -31.01
C GLN C 228 -22.61 7.28 -32.30
N PRO C 229 -22.74 8.03 -33.41
CA PRO C 229 -23.13 7.41 -34.68
C PRO C 229 -22.15 6.39 -35.25
N THR C 230 -20.89 6.48 -34.84
CA THR C 230 -19.85 5.57 -35.29
C THR C 230 -19.77 4.28 -34.47
N TYR C 231 -20.55 4.16 -33.38
CA TYR C 231 -20.60 2.95 -32.55
C TYR C 231 -21.05 1.72 -33.39
N GLY C 232 -20.62 0.52 -33.02
CA GLY C 232 -21.09 -0.71 -33.66
C GLY C 232 -22.53 -1.01 -33.27
N VAL C 233 -23.28 -1.76 -34.10
CA VAL C 233 -24.72 -2.05 -33.92
C VAL C 233 -25.11 -2.49 -32.51
N GLY C 234 -24.24 -3.25 -31.83
CA GLY C 234 -24.54 -3.74 -30.48
C GLY C 234 -24.41 -2.72 -29.36
N TYR C 235 -23.74 -1.63 -29.65
CA TYR C 235 -23.61 -0.52 -28.73
C TYR C 235 -24.45 0.69 -29.17
N GLN C 236 -25.29 0.55 -30.23
CA GLN C 236 -26.14 1.59 -30.80
C GLN C 236 -27.51 1.66 -30.13
N PRO C 237 -28.18 2.82 -30.19
CA PRO C 237 -29.52 2.91 -29.61
C PRO C 237 -30.58 2.12 -30.37
N TYR C 238 -31.43 1.48 -29.58
CA TYR C 238 -32.58 0.74 -30.06
C TYR C 238 -33.75 1.22 -29.23
N ARG C 239 -34.80 1.70 -29.90
CA ARG C 239 -36.01 2.13 -29.20
C ARG C 239 -36.90 0.90 -29.03
N VAL C 240 -37.31 0.62 -27.79
CA VAL C 240 -38.13 -0.54 -27.45
C VAL C 240 -39.55 -0.14 -26.98
N VAL C 241 -40.59 -0.79 -27.50
CA VAL C 241 -41.96 -0.58 -27.05
C VAL C 241 -42.51 -1.93 -26.63
N VAL C 242 -43.03 -2.01 -25.41
CA VAL C 242 -43.55 -3.25 -24.88
C VAL C 242 -45.08 -3.18 -24.69
N LEU C 243 -45.82 -3.98 -25.46
CA LEU C 243 -47.26 -4.02 -25.33
C LEU C 243 -47.73 -4.99 -24.25
N SER C 244 -48.43 -4.45 -23.24
CA SER C 244 -49.03 -5.19 -22.15
C SER C 244 -50.53 -5.14 -22.41
N PHE C 245 -51.23 -6.24 -22.14
CA PHE C 245 -52.68 -6.39 -22.30
C PHE C 245 -53.28 -6.59 -20.92
N GLU C 246 -54.37 -5.91 -20.61
CA GLU C 246 -54.98 -5.98 -19.27
C GLU C 246 -56.44 -6.33 -19.39
N LEU C 247 -56.91 -7.28 -18.56
CA LEU C 247 -58.32 -7.73 -18.57
C LEU C 247 -58.81 -7.84 -17.16
N LEU C 248 -59.70 -6.94 -16.77
CA LEU C 248 -60.26 -6.88 -15.44
C LEU C 248 -61.81 -7.04 -15.46
N HIS C 249 -62.44 -7.11 -14.29
CA HIS C 249 -63.87 -7.14 -14.20
C HIS C 249 -64.33 -5.68 -14.34
N ALA C 250 -64.26 -5.16 -15.56
CA ALA C 250 -64.58 -3.77 -15.94
C ALA C 250 -64.80 -3.69 -17.46
N PRO C 251 -65.44 -2.63 -18.00
CA PRO C 251 -65.71 -2.60 -19.46
C PRO C 251 -64.49 -2.60 -20.33
N ALA C 252 -64.57 -3.37 -21.43
CA ALA C 252 -63.49 -3.49 -22.42
C ALA C 252 -63.38 -2.24 -23.33
N THR C 253 -62.43 -1.36 -23.02
CA THR C 253 -62.28 -0.12 -23.79
C THR C 253 -61.55 -0.31 -25.15
N VAL C 254 -60.57 -1.24 -25.27
CA VAL C 254 -59.84 -1.39 -26.54
C VAL C 254 -60.27 -2.64 -27.33
N CYS C 255 -60.45 -2.51 -28.68
CA CYS C 255 -60.87 -3.63 -29.51
C CYS C 255 -60.16 -3.70 -30.90
N GLY C 256 -60.79 -4.33 -31.91
CA GLY C 256 -60.26 -4.45 -33.26
C GLY C 256 -61.35 -4.48 -34.32
N THR D 63 59.14 29.90 32.05
CA THR D 63 58.45 29.67 33.32
C THR D 63 56.93 29.90 33.21
N ASN D 64 56.35 29.69 32.04
CA ASN D 64 54.93 29.94 31.79
C ASN D 64 54.01 28.80 32.21
N LEU D 65 52.76 29.12 32.58
CA LEU D 65 51.77 28.13 32.98
C LEU D 65 51.24 27.31 31.79
N CYS D 66 50.90 26.04 32.04
CA CYS D 66 50.41 25.17 30.98
C CYS D 66 49.10 25.63 30.42
N PRO D 67 48.86 25.45 29.11
CA PRO D 67 47.61 25.95 28.53
C PRO D 67 46.38 25.07 28.80
N PHE D 68 46.01 24.92 30.08
CA PHE D 68 44.84 24.15 30.49
C PHE D 68 43.57 24.87 30.13
N GLY D 69 43.57 26.21 30.19
CA GLY D 69 42.44 27.03 29.79
C GLY D 69 42.09 26.82 28.33
N GLU D 70 43.08 26.58 27.48
CA GLU D 70 42.86 26.34 26.06
C GLU D 70 42.08 25.04 25.82
N VAL D 71 42.36 24.02 26.64
CA VAL D 71 41.73 22.71 26.54
C VAL D 71 40.38 22.74 27.18
N PHE D 72 40.28 23.08 28.48
CA PHE D 72 39.04 23.07 29.28
C PHE D 72 38.02 24.14 28.90
N ASN D 73 38.49 25.31 28.50
CA ASN D 73 37.64 26.43 28.14
C ASN D 73 37.45 26.61 26.65
N ALA D 74 37.60 25.52 25.88
CA ALA D 74 37.38 25.56 24.46
C ALA D 74 35.88 25.79 24.22
N THR D 75 35.53 26.68 23.27
CA THR D 75 34.13 26.99 22.97
C THR D 75 33.38 25.76 22.50
N ARG D 76 34.02 24.98 21.63
CA ARG D 76 33.47 23.74 21.11
C ARG D 76 34.46 22.60 21.40
N PHE D 77 33.96 21.44 21.84
CA PHE D 77 34.85 20.29 22.10
C PHE D 77 34.87 19.35 20.90
N ALA D 78 35.79 18.38 20.89
CA ALA D 78 35.87 17.41 19.81
C ALA D 78 34.77 16.33 19.97
N SER D 79 34.43 15.64 18.88
CA SER D 79 33.52 14.52 18.97
C SER D 79 34.39 13.33 19.44
N VAL D 80 33.85 12.42 20.26
CA VAL D 80 34.61 11.32 20.84
C VAL D 80 35.34 10.41 19.83
N TYR D 81 34.75 10.14 18.65
CA TYR D 81 35.39 9.27 17.65
C TYR D 81 36.68 9.92 17.10
N ALA D 82 36.61 11.25 16.87
CA ALA D 82 37.72 12.04 16.37
C ALA D 82 38.23 12.95 17.49
N TRP D 83 38.39 12.35 18.71
CA TRP D 83 38.85 12.97 19.94
C TRP D 83 40.08 13.80 19.74
N ASN D 84 40.21 14.89 20.47
CA ASN D 84 41.33 15.80 20.31
C ASN D 84 42.43 15.59 21.33
N ARG D 85 43.72 15.72 20.90
CA ARG D 85 44.84 15.57 21.82
C ARG D 85 45.71 16.80 21.80
N LYS D 86 46.11 17.29 22.98
CA LYS D 86 47.05 18.40 23.08
C LYS D 86 48.24 17.91 23.90
N ARG D 87 49.47 18.00 23.37
CA ARG D 87 50.62 17.61 24.19
C ARG D 87 50.98 18.82 25.01
N ILE D 88 51.05 18.63 26.30
CA ILE D 88 51.38 19.67 27.26
C ILE D 88 52.89 19.52 27.51
N SER D 89 53.69 20.60 27.29
CA SER D 89 55.14 20.52 27.53
C SER D 89 55.77 21.87 27.77
N ASN D 90 56.96 21.89 28.40
CA ASN D 90 57.74 23.08 28.77
C ASN D 90 56.87 24.10 29.50
N CYS D 91 56.31 23.71 30.64
CA CYS D 91 55.43 24.58 31.40
C CYS D 91 55.17 24.11 32.83
N VAL D 92 54.76 25.05 33.67
CA VAL D 92 54.43 24.74 35.05
C VAL D 92 52.93 24.55 35.19
N ALA D 93 52.56 23.34 35.54
CA ALA D 93 51.18 22.91 35.68
C ALA D 93 50.70 22.95 37.13
N ASP D 94 49.62 23.70 37.41
CA ASP D 94 49.07 23.75 38.76
C ASP D 94 47.84 22.88 38.77
N TYR D 95 47.95 21.69 39.36
CA TYR D 95 46.85 20.73 39.39
C TYR D 95 45.80 21.03 40.45
N SER D 96 46.18 21.71 41.54
CA SER D 96 45.22 22.06 42.58
C SER D 96 44.15 23.02 42.03
N VAL D 97 44.51 23.86 41.04
CA VAL D 97 43.56 24.76 40.38
C VAL D 97 42.46 23.92 39.72
N LEU D 98 42.86 22.85 39.02
CA LEU D 98 41.95 21.94 38.38
C LEU D 98 41.14 21.12 39.39
N TYR D 99 41.78 20.47 40.39
CA TYR D 99 41.03 19.66 41.35
C TYR D 99 40.13 20.47 42.26
N ASN D 100 40.71 21.41 43.05
CA ASN D 100 39.92 22.25 43.96
C ASN D 100 39.08 23.21 43.14
N SER D 101 37.84 22.82 42.87
CA SER D 101 36.92 23.61 42.06
C SER D 101 35.46 23.20 42.35
N ALA D 102 35.23 21.87 42.58
CA ALA D 102 33.90 21.28 42.84
C ALA D 102 32.91 21.36 41.64
N SER D 103 33.29 22.14 40.60
CA SER D 103 32.53 22.37 39.37
C SER D 103 32.30 21.07 38.58
N PHE D 104 33.38 20.33 38.32
CA PHE D 104 33.36 19.09 37.56
C PHE D 104 32.56 18.01 38.29
N SER D 105 32.05 17.06 37.55
CA SER D 105 31.24 15.95 38.08
C SER D 105 32.07 14.67 38.34
N THR D 106 33.29 14.59 37.75
CA THR D 106 34.22 13.50 37.96
C THR D 106 35.64 14.01 37.85
N PHE D 107 36.53 13.45 38.69
CA PHE D 107 37.95 13.76 38.72
C PHE D 107 38.56 12.54 39.35
N LYS D 108 38.65 11.45 38.57
CA LYS D 108 39.18 10.18 39.05
C LYS D 108 40.59 9.93 38.53
N CYS D 109 41.52 9.69 39.47
CA CYS D 109 42.92 9.49 39.14
C CYS D 109 43.39 8.07 39.33
N TYR D 110 43.96 7.51 38.26
CA TYR D 110 44.45 6.14 38.26
C TYR D 110 45.98 6.08 38.10
N GLY D 111 46.61 5.17 38.84
CA GLY D 111 48.05 4.96 38.79
C GLY D 111 48.91 6.06 39.36
N VAL D 112 48.29 7.10 39.95
CA VAL D 112 48.96 8.25 40.57
C VAL D 112 47.95 9.06 41.42
N SER D 113 48.34 9.48 42.63
CA SER D 113 47.49 10.27 43.51
C SER D 113 47.41 11.72 43.00
N PRO D 114 46.25 12.39 43.11
CA PRO D 114 46.16 13.78 42.62
C PRO D 114 46.86 14.81 43.50
N THR D 115 47.03 14.48 44.80
CA THR D 115 47.72 15.33 45.77
C THR D 115 49.23 15.39 45.48
N LYS D 116 49.79 14.28 44.99
CA LYS D 116 51.21 14.21 44.69
C LYS D 116 51.58 14.67 43.28
N LEU D 117 50.61 15.18 42.49
CA LEU D 117 50.85 15.64 41.12
C LEU D 117 51.70 16.90 41.07
N ASN D 118 51.42 17.86 41.99
CA ASN D 118 52.18 19.11 42.05
C ASN D 118 53.62 18.85 42.42
N ASP D 119 53.89 17.80 43.23
CA ASP D 119 55.22 17.45 43.70
C ASP D 119 55.89 16.45 42.78
N LEU D 120 55.90 16.73 41.46
CA LEU D 120 56.51 15.84 40.47
C LEU D 120 56.71 16.51 39.13
N CYS D 121 57.75 16.10 38.40
CA CYS D 121 58.01 16.65 37.08
C CYS D 121 57.89 15.56 36.05
N PHE D 122 57.01 15.71 35.05
CA PHE D 122 56.78 14.66 34.05
C PHE D 122 57.44 14.94 32.68
N THR D 123 57.78 13.89 31.91
CA THR D 123 58.45 14.05 30.62
C THR D 123 57.49 14.38 29.46
N ASN D 124 56.31 13.74 29.42
CA ASN D 124 55.28 14.04 28.44
C ASN D 124 53.91 13.82 29.01
N VAL D 125 53.09 14.88 28.94
CA VAL D 125 51.72 14.99 29.43
C VAL D 125 50.79 15.33 28.25
N TYR D 126 49.64 14.66 28.14
CA TYR D 126 48.73 14.89 27.02
C TYR D 126 47.32 15.08 27.52
N ALA D 127 46.63 16.12 27.06
CA ALA D 127 45.23 16.33 27.42
C ALA D 127 44.33 15.92 26.24
N ASP D 128 43.56 14.83 26.41
CA ASP D 128 42.63 14.36 25.38
C ASP D 128 41.22 14.83 25.73
N SER D 129 40.63 15.73 24.91
CA SER D 129 39.29 16.26 25.15
C SER D 129 38.26 15.75 24.14
N PHE D 130 36.96 15.67 24.54
CA PHE D 130 35.84 15.18 23.73
C PHE D 130 34.50 15.26 24.49
N VAL D 131 33.38 15.03 23.78
CA VAL D 131 32.05 15.04 24.35
C VAL D 131 31.36 13.69 24.16
N ILE D 132 30.79 13.16 25.26
CA ILE D 132 30.03 11.91 25.34
C ILE D 132 28.78 12.15 26.24
N ARG D 133 27.86 11.17 26.32
CA ARG D 133 26.69 11.21 27.21
C ARG D 133 27.12 10.93 28.65
N GLY D 134 26.27 11.28 29.61
CA GLY D 134 26.53 10.98 31.01
C GLY D 134 26.77 9.52 31.31
N ASP D 135 25.93 8.63 30.74
CA ASP D 135 26.01 7.18 30.92
C ASP D 135 27.36 6.60 30.51
N GLU D 136 27.91 7.13 29.42
CA GLU D 136 29.16 6.64 28.91
C GLU D 136 30.38 7.08 29.70
N VAL D 137 30.26 8.05 30.63
CA VAL D 137 31.42 8.50 31.42
C VAL D 137 32.07 7.31 32.19
N ARG D 138 31.21 6.32 32.59
CA ARG D 138 31.59 5.09 33.29
C ARG D 138 32.50 4.16 32.45
N GLN D 139 32.65 4.44 31.14
CA GLN D 139 33.52 3.72 30.20
C GLN D 139 34.89 4.35 30.09
N ILE D 140 35.10 5.57 30.63
CA ILE D 140 36.41 6.23 30.57
C ILE D 140 37.18 5.93 31.87
N ALA D 141 37.55 4.68 31.96
CA ALA D 141 38.24 4.05 33.06
C ALA D 141 39.00 2.83 32.51
N PRO D 142 40.18 2.53 33.06
CA PRO D 142 40.98 1.40 32.55
C PRO D 142 40.32 0.01 32.62
N GLY D 143 40.29 -0.69 31.48
CA GLY D 143 39.70 -2.03 31.35
C GLY D 143 38.20 -2.13 31.07
N GLN D 144 37.52 -1.02 30.77
CA GLN D 144 36.06 -1.06 30.53
C GLN D 144 35.69 -1.46 29.09
N THR D 145 34.37 -1.66 28.83
CA THR D 145 33.79 -2.02 27.52
C THR D 145 32.49 -1.24 27.20
N GLY D 146 32.08 -1.28 25.93
CA GLY D 146 30.92 -0.56 25.41
C GLY D 146 31.26 0.17 24.13
N LYS D 147 30.26 0.72 23.39
CA LYS D 147 30.49 1.45 22.13
C LYS D 147 31.61 2.47 22.19
N ILE D 148 31.79 3.16 23.32
CA ILE D 148 32.82 4.18 23.44
C ILE D 148 34.20 3.56 23.68
N ALA D 149 34.32 2.70 24.69
CA ALA D 149 35.59 2.04 25.00
C ALA D 149 36.01 1.05 23.90
N ASP D 150 35.05 0.53 23.13
CA ASP D 150 35.31 -0.43 22.08
C ASP D 150 35.60 0.24 20.74
N TYR D 151 34.81 1.29 20.36
CA TYR D 151 34.95 1.94 19.03
C TYR D 151 35.18 3.44 19.00
N ASN D 152 35.44 4.10 20.14
CA ASN D 152 35.68 5.55 20.15
C ASN D 152 36.96 5.98 20.89
N TYR D 153 37.05 5.81 22.22
CA TYR D 153 38.24 6.16 22.98
C TYR D 153 38.60 5.01 23.95
N LYS D 154 39.85 4.49 23.88
CA LYS D 154 40.24 3.38 24.76
C LYS D 154 41.43 3.68 25.65
N LEU D 155 41.27 3.47 26.99
CA LEU D 155 42.34 3.62 27.98
C LEU D 155 43.05 2.31 28.18
N PRO D 156 44.40 2.29 28.20
CA PRO D 156 45.11 1.03 28.46
C PRO D 156 44.73 0.49 29.83
N ASP D 157 44.62 -0.84 29.97
CA ASP D 157 44.20 -1.45 31.23
C ASP D 157 45.00 -0.93 32.44
N ASP D 158 46.27 -0.57 32.21
CA ASP D 158 47.13 0.03 33.22
C ASP D 158 47.51 1.38 32.68
N PHE D 159 46.86 2.41 33.18
CA PHE D 159 47.08 3.77 32.71
C PHE D 159 47.42 4.68 33.87
N THR D 160 48.32 5.61 33.65
CA THR D 160 48.71 6.57 34.65
C THR D 160 48.26 7.95 34.21
N GLY D 161 47.23 8.45 34.86
CA GLY D 161 46.68 9.75 34.52
C GLY D 161 45.38 10.05 35.23
N CYS D 162 44.72 11.14 34.84
CA CYS D 162 43.46 11.52 35.45
C CYS D 162 42.34 11.73 34.46
N VAL D 163 41.13 11.38 34.88
CA VAL D 163 39.96 11.58 34.06
C VAL D 163 39.08 12.60 34.74
N ILE D 164 38.94 13.74 34.11
CA ILE D 164 38.16 14.86 34.58
C ILE D 164 36.98 15.02 33.64
N ALA D 165 35.76 15.03 34.18
CA ALA D 165 34.58 15.20 33.34
C ALA D 165 33.53 16.07 34.00
N TRP D 166 32.86 16.90 33.23
CA TRP D 166 31.86 17.80 33.79
C TRP D 166 30.64 17.96 32.87
N ASN D 167 29.45 18.19 33.46
CA ASN D 167 28.24 18.35 32.70
C ASN D 167 28.26 19.63 31.89
N SER D 168 28.07 19.51 30.57
CA SER D 168 28.05 20.68 29.72
C SER D 168 26.71 20.81 29.02
N ASN D 169 25.61 20.53 29.74
CA ASN D 169 24.24 20.69 29.21
C ASN D 169 24.01 22.19 28.83
N ASP D 170 24.62 23.11 29.61
CA ASP D 170 24.54 24.54 29.36
C ASP D 170 25.30 24.97 28.10
N LEU D 171 26.36 24.25 27.71
CA LEU D 171 27.17 24.65 26.55
C LEU D 171 26.88 23.86 25.30
N ASP D 172 26.47 22.60 25.43
CA ASP D 172 26.36 21.72 24.27
C ASP D 172 24.97 21.16 23.93
N SER D 173 23.89 21.69 24.52
CA SER D 173 22.56 21.16 24.22
C SER D 173 21.67 22.26 23.73
N LYS D 174 21.17 22.15 22.48
CA LYS D 174 20.23 23.16 22.00
C LYS D 174 18.83 22.60 21.86
N VAL D 175 17.82 23.47 21.98
CA VAL D 175 16.42 23.12 21.78
C VAL D 175 16.25 22.68 20.32
N GLY D 176 15.70 21.49 20.15
CA GLY D 176 15.58 20.89 18.82
C GLY D 176 16.67 19.86 18.59
N GLY D 177 17.70 19.84 19.45
CA GLY D 177 18.77 18.88 19.35
C GLY D 177 19.99 19.44 18.67
N ASN D 178 21.15 19.25 19.30
CA ASN D 178 22.46 19.65 18.82
C ASN D 178 23.05 18.42 18.11
N TYR D 179 23.18 18.45 16.78
CA TYR D 179 23.69 17.29 16.05
C TYR D 179 25.18 17.37 15.64
N ASN D 180 25.87 18.37 16.15
CA ASN D 180 27.27 18.65 15.91
C ASN D 180 28.21 17.59 16.48
N TYR D 181 27.82 16.85 17.52
CA TYR D 181 28.66 15.80 18.11
C TYR D 181 28.21 14.42 17.71
N LEU D 182 29.18 13.60 17.31
CA LEU D 182 28.97 12.23 16.81
C LEU D 182 29.78 11.17 17.59
N TYR D 183 29.33 9.89 17.46
CA TYR D 183 30.03 8.72 17.97
C TYR D 183 29.93 7.54 17.00
N ARG D 184 30.95 6.70 16.98
CA ARG D 184 31.00 5.53 16.11
C ARG D 184 30.24 4.42 16.73
N LEU D 185 29.27 3.91 16.01
CA LEU D 185 28.38 2.85 16.45
C LEU D 185 28.85 1.47 15.98
N PHE D 186 29.54 1.39 14.84
CA PHE D 186 29.98 0.11 14.31
C PHE D 186 31.44 0.17 13.93
N ARG D 187 32.16 -0.93 14.19
CA ARG D 187 33.57 -1.08 13.86
C ARG D 187 33.88 -2.55 13.90
N LYS D 188 34.35 -3.10 12.77
CA LYS D 188 34.63 -4.53 12.63
C LYS D 188 35.66 -5.09 13.62
N SER D 189 36.32 -4.22 14.40
CA SER D 189 37.30 -4.63 15.40
C SER D 189 37.37 -3.65 16.56
N ASN D 190 37.92 -4.09 17.66
CA ASN D 190 38.00 -3.27 18.84
C ASN D 190 39.19 -2.33 18.80
N LEU D 191 39.10 -1.21 19.53
CA LEU D 191 40.21 -0.27 19.55
C LEU D 191 41.32 -0.70 20.48
N LYS D 192 42.54 -0.29 20.13
CA LYS D 192 43.70 -0.48 20.96
C LYS D 192 43.85 0.80 21.79
N PRO D 193 44.45 0.75 23.00
CA PRO D 193 44.60 2.00 23.82
C PRO D 193 45.15 3.18 23.04
N PHE D 194 44.44 4.30 23.03
CA PHE D 194 44.83 5.54 22.34
C PHE D 194 44.81 5.50 20.80
N GLU D 195 44.24 4.44 20.22
CA GLU D 195 44.08 4.37 18.78
C GLU D 195 42.89 5.25 18.41
N ARG D 196 43.03 6.08 17.40
CA ARG D 196 41.98 6.97 16.97
C ARG D 196 41.54 6.57 15.56
N ASP D 197 40.23 6.55 15.32
CA ASP D 197 39.69 6.20 14.01
C ASP D 197 38.74 7.30 13.56
N ILE D 198 39.05 7.91 12.40
CA ILE D 198 38.21 8.97 11.85
C ILE D 198 37.56 8.60 10.49
N SER D 199 37.74 7.35 10.02
CA SER D 199 37.22 6.90 8.74
C SER D 199 35.71 6.87 8.64
N THR D 200 35.16 7.46 7.57
CA THR D 200 33.71 7.44 7.36
C THR D 200 33.28 6.36 6.33
N GLU D 201 34.11 5.32 6.21
CA GLU D 201 33.93 4.15 5.36
C GLU D 201 32.67 3.44 5.82
N ILE D 202 31.83 2.98 4.88
CA ILE D 202 30.57 2.31 5.23
C ILE D 202 30.80 0.96 5.93
N TYR D 203 30.05 0.70 7.01
CA TYR D 203 30.12 -0.57 7.71
C TYR D 203 29.45 -1.68 6.88
N GLN D 204 30.25 -2.66 6.44
CA GLN D 204 29.71 -3.76 5.63
C GLN D 204 29.25 -4.91 6.52
N ALA D 205 28.04 -4.79 7.07
CA ALA D 205 27.49 -5.81 7.95
C ALA D 205 27.27 -7.15 7.26
N GLY D 206 26.89 -7.12 5.99
CA GLY D 206 26.64 -8.32 5.21
C GLY D 206 27.69 -8.66 4.17
N SER D 207 27.44 -9.71 3.40
CA SER D 207 28.34 -10.20 2.36
C SER D 207 28.51 -9.29 1.14
N LYS D 208 27.40 -8.80 0.59
CA LYS D 208 27.38 -7.94 -0.59
C LYS D 208 28.21 -6.65 -0.36
N PRO D 209 29.09 -6.31 -1.34
CA PRO D 209 29.90 -5.08 -1.24
C PRO D 209 29.01 -3.85 -1.13
N CYS D 210 29.38 -2.90 -0.29
CA CYS D 210 28.57 -1.73 -0.06
C CYS D 210 28.62 -0.70 -1.17
N ASN D 211 29.82 -0.47 -1.75
CA ASN D 211 30.04 0.46 -2.85
C ASN D 211 29.89 1.92 -2.45
N GLY D 212 30.35 2.24 -1.23
CA GLY D 212 30.31 3.58 -0.70
C GLY D 212 28.93 4.17 -0.45
N VAL D 213 27.88 3.33 -0.50
CA VAL D 213 26.51 3.83 -0.30
C VAL D 213 25.79 3.13 0.83
N GLU D 214 24.97 3.91 1.56
CA GLU D 214 24.17 3.39 2.67
C GLU D 214 23.02 2.52 2.08
N GLY D 215 22.69 1.44 2.77
CA GLY D 215 21.65 0.54 2.33
C GLY D 215 21.37 -0.55 3.33
N PHE D 216 20.91 -1.71 2.82
CA PHE D 216 20.63 -2.86 3.65
C PHE D 216 21.96 -3.56 3.92
N ASN D 217 22.29 -3.80 5.20
CA ASN D 217 23.56 -4.40 5.62
C ASN D 217 24.78 -3.50 5.33
N CYS D 218 24.53 -2.21 5.07
CA CYS D 218 25.50 -1.16 4.80
C CYS D 218 25.06 0.00 5.67
N HIS D 219 25.89 0.36 6.65
CA HIS D 219 25.49 1.38 7.63
C HIS D 219 26.53 2.44 7.78
N PHE D 220 26.12 3.68 7.98
CA PHE D 220 27.06 4.76 8.26
C PHE D 220 27.54 4.55 9.69
N PRO D 221 28.86 4.39 9.88
CA PRO D 221 29.37 4.09 11.21
C PRO D 221 29.17 5.20 12.23
N LEU D 222 28.94 6.46 11.81
CA LEU D 222 28.81 7.56 12.74
C LEU D 222 27.38 8.06 12.96
N LYS D 223 26.89 7.96 14.19
CA LYS D 223 25.56 8.44 14.54
C LYS D 223 25.65 9.59 15.58
N PRO D 224 24.80 10.62 15.47
CA PRO D 224 24.90 11.77 16.38
C PRO D 224 24.18 11.74 17.71
N TYR D 225 24.80 12.38 18.70
CA TYR D 225 24.12 12.63 19.98
C TYR D 225 23.30 13.90 19.64
N GLY D 226 21.99 13.86 19.84
CA GLY D 226 21.15 14.99 19.49
C GLY D 226 20.84 15.88 20.66
N PHE D 227 21.83 16.05 21.54
CA PHE D 227 21.75 16.79 22.80
C PHE D 227 20.65 17.89 22.91
N GLN D 228 19.62 17.58 23.69
CA GLN D 228 18.53 18.48 24.01
C GLN D 228 18.60 18.84 25.49
N PRO D 229 18.29 20.09 25.84
CA PRO D 229 18.38 20.51 27.25
C PRO D 229 17.45 19.78 28.21
N THR D 230 16.35 19.22 27.69
CA THR D 230 15.39 18.49 28.49
C THR D 230 15.72 17.02 28.68
N TYR D 231 16.82 16.52 28.06
CA TYR D 231 17.29 15.14 28.22
C TYR D 231 17.64 14.86 29.71
N GLY D 232 17.54 13.61 30.13
CA GLY D 232 17.98 13.21 31.47
C GLY D 232 19.50 13.19 31.56
N VAL D 233 20.05 13.34 32.78
CA VAL D 233 21.49 13.47 33.02
C VAL D 233 22.36 12.44 32.31
N GLY D 234 21.88 11.22 32.17
CA GLY D 234 22.63 10.15 31.51
C GLY D 234 22.71 10.22 30.00
N TYR D 235 21.83 11.00 29.41
CA TYR D 235 21.82 11.24 27.98
C TYR D 235 22.29 12.65 27.64
N GLN D 236 22.75 13.45 28.65
CA GLN D 236 23.23 14.82 28.52
C GLN D 236 24.73 14.87 28.16
N PRO D 237 25.18 15.98 27.54
CA PRO D 237 26.61 16.10 27.23
C PRO D 237 27.49 16.29 28.46
N TYR D 238 28.61 15.60 28.42
CA TYR D 238 29.64 15.68 29.44
C TYR D 238 30.95 15.88 28.70
N ARG D 239 31.67 16.95 29.02
CA ARG D 239 32.94 17.22 28.40
C ARG D 239 34.00 16.48 29.21
N VAL D 240 34.80 15.63 28.54
CA VAL D 240 35.82 14.81 29.19
C VAL D 240 37.22 15.20 28.78
N VAL D 241 38.14 15.18 29.76
CA VAL D 241 39.54 15.46 29.54
C VAL D 241 40.37 14.38 30.17
N VAL D 242 41.18 13.73 29.38
CA VAL D 242 42.04 12.67 29.86
C VAL D 242 43.51 13.10 29.84
N LEU D 243 44.01 13.62 30.98
CA LEU D 243 45.44 13.96 31.08
C LEU D 243 46.18 12.65 31.26
N SER D 244 47.36 12.52 30.68
CA SER D 244 48.17 11.29 30.83
C SER D 244 49.58 11.70 31.26
N PHE D 245 50.15 10.99 32.21
CA PHE D 245 51.46 11.38 32.72
C PHE D 245 52.52 10.34 32.38
N GLU D 246 53.77 10.80 32.24
CA GLU D 246 54.85 9.91 31.85
C GLU D 246 56.16 10.29 32.46
N LEU D 247 57.05 9.32 32.60
CA LEU D 247 58.39 9.53 33.09
C LEU D 247 59.32 8.58 32.37
N LEU D 248 60.12 9.15 31.47
CA LEU D 248 61.07 8.41 30.64
C LEU D 248 62.49 8.99 30.85
N HIS D 249 63.48 8.35 30.23
CA HIS D 249 64.84 8.84 30.25
C HIS D 249 64.91 9.96 29.18
N ALA D 250 64.34 11.11 29.52
CA ALA D 250 64.23 12.32 28.71
C ALA D 250 63.97 13.53 29.64
N PRO D 251 64.17 14.79 29.21
CA PRO D 251 63.88 15.94 30.12
C PRO D 251 62.43 16.03 30.60
N ALA D 252 62.22 16.26 31.91
CA ALA D 252 60.86 16.37 32.45
C ALA D 252 60.41 17.83 32.47
N THR D 253 60.00 18.33 31.28
CA THR D 253 59.65 19.71 31.00
C THR D 253 58.34 20.20 31.67
N VAL D 254 57.46 19.30 32.13
CA VAL D 254 56.21 19.72 32.79
C VAL D 254 56.39 19.63 34.31
N CYS D 255 56.12 20.71 35.08
CA CYS D 255 56.34 20.66 36.53
C CYS D 255 55.18 21.29 37.37
N GLY D 256 55.37 21.67 38.64
CA GLY D 256 54.30 22.26 39.45
C GLY D 256 54.75 23.38 40.39
#